data_3BGB
# 
_entry.id   3BGB 
# 
_audit_conform.dict_name       mmcif_pdbx.dic 
_audit_conform.dict_version    5.380 
_audit_conform.dict_location   http://mmcif.pdb.org/dictionaries/ascii/mmcif_pdbx.dic 
# 
loop_
_database_2.database_id 
_database_2.database_code 
_database_2.pdbx_database_accession 
_database_2.pdbx_DOI 
PDB   3BGB         pdb_00003bgb 10.2210/pdb3bgb/pdb 
RCSB  RCSB045484   ?            ?                   
WWPDB D_1000045484 ?            ?                   
# 
_pdbx_database_related.db_name        PDB 
_pdbx_database_related.db_id          3BGC 
_pdbx_database_related.details        . 
_pdbx_database_related.content_type   unspecified 
# 
_pdbx_database_status.status_code                     REL 
_pdbx_database_status.entry_id                        3BGB 
_pdbx_database_status.recvd_initial_deposition_date   2007-11-26 
_pdbx_database_status.deposit_site                    RCSB 
_pdbx_database_status.process_site                    PDBJ 
_pdbx_database_status.status_code_sf                  REL 
_pdbx_database_status.status_code_mr                  ? 
_pdbx_database_status.SG_entry                        ? 
_pdbx_database_status.pdb_format_compatible           Y 
_pdbx_database_status.status_code_cs                  ? 
_pdbx_database_status.status_code_nmr_data            ? 
_pdbx_database_status.methods_development_category    ? 
# 
loop_
_audit_author.name 
_audit_author.pdbx_ordinal 
'Boettcher, J.'   1 
'Blum, A.'        2 
'Sammet, B.'      3 
'Heine, A.'       4 
'Diederich, W.E.' 5 
'Klebe, G.'       6 
# 
_citation.id                        primary 
_citation.title                     'Achiral oligoamines as versatile tool for the development of aspartic protease inhibitors' 
_citation.journal_abbrev            Bioorg.Med.Chem. 
_citation.journal_volume            16 
_citation.page_first                8574 
_citation.page_last                 8586 
_citation.year                      2008 
_citation.journal_id_ASTM           BMECEP 
_citation.country                   UK 
_citation.journal_id_ISSN           0968-0896 
_citation.journal_id_CSD            1200 
_citation.book_publisher            ? 
_citation.pdbx_database_id_PubMed   18760609 
_citation.pdbx_database_id_DOI      10.1016/j.bmc.2008.08.012 
# 
loop_
_citation_author.citation_id 
_citation_author.name 
_citation_author.ordinal 
_citation_author.identifier_ORCID 
primary 'Blum, A.'        1 ? 
primary 'Sammet, B.'      2 ? 
primary 'Luksch, T.'      3 ? 
primary 'Heine, A.'       4 ? 
primary 'Klebe, G.'       5 ? 
primary 'Diederich, W.E.' 6 ? 
# 
_cell.entry_id           3BGB 
_cell.length_a           57.962 
_cell.length_b           85.877 
_cell.length_c           46.498 
_cell.angle_alpha        90.00 
_cell.angle_beta         90.00 
_cell.angle_gamma        90.00 
_cell.Z_PDB              8 
_cell.pdbx_unique_axis   ? 
_cell.length_a_esd       ? 
_cell.length_b_esd       ? 
_cell.length_c_esd       ? 
_cell.angle_alpha_esd    ? 
_cell.angle_beta_esd     ? 
_cell.angle_gamma_esd    ? 
# 
_symmetry.entry_id                         3BGB 
_symmetry.space_group_name_H-M             'P 21 21 2' 
_symmetry.pdbx_full_space_group_name_H-M   ? 
_symmetry.cell_setting                     ? 
_symmetry.Int_Tables_number                18 
_symmetry.space_group_name_Hall            ? 
# 
loop_
_entity.id 
_entity.type 
_entity.src_method 
_entity.pdbx_description 
_entity.formula_weight 
_entity.pdbx_number_of_molecules 
_entity.pdbx_ec 
_entity.pdbx_mutation 
_entity.pdbx_fragment 
_entity.details 
1 polymer     man Protease                                                                         10803.756 2   3.4.23.16 ? 
'UNP residues 501-599' ? 
2 non-polymer syn "N,N'-(iminodiethane-2,1-diyl)bis[4-amino-N-(2-methylpropyl)benzenesulfonamide]" 525.728   1   ?         ? ? ? 
3 non-polymer syn 'CHLORIDE ION'                                                                   35.453    2   ?         ? ? ? 
4 water       nat water                                                                            18.015    125 ?         ? ? ? 
# 
_entity_poly.entity_id                      1 
_entity_poly.type                           'polypeptide(L)' 
_entity_poly.nstd_linkage                   no 
_entity_poly.nstd_monomer                   no 
_entity_poly.pdbx_seq_one_letter_code       
;PQITLWQRPLVTIKIGGQLKEALLDTGADDTVLEEMSLPGRWKPKMIGGIGGFIKVRQYDQILIEICGHKAIGTVLVGPT
PVNIIGRNLLTQIGCTLNF
;
_entity_poly.pdbx_seq_one_letter_code_can   
;PQITLWQRPLVTIKIGGQLKEALLDTGADDTVLEEMSLPGRWKPKMIGGIGGFIKVRQYDQILIEICGHKAIGTVLVGPT
PVNIIGRNLLTQIGCTLNF
;
_entity_poly.pdbx_strand_id                 A,B 
_entity_poly.pdbx_target_identifier         ? 
# 
loop_
_entity_poly_seq.entity_id 
_entity_poly_seq.num 
_entity_poly_seq.mon_id 
_entity_poly_seq.hetero 
1 1  PRO n 
1 2  GLN n 
1 3  ILE n 
1 4  THR n 
1 5  LEU n 
1 6  TRP n 
1 7  GLN n 
1 8  ARG n 
1 9  PRO n 
1 10 LEU n 
1 11 VAL n 
1 12 THR n 
1 13 ILE n 
1 14 LYS n 
1 15 ILE n 
1 16 GLY n 
1 17 GLY n 
1 18 GLN n 
1 19 LEU n 
1 20 LYS n 
1 21 GLU n 
1 22 ALA n 
1 23 LEU n 
1 24 LEU n 
1 25 ASP n 
1 26 THR n 
1 27 GLY n 
1 28 ALA n 
1 29 ASP n 
1 30 ASP n 
1 31 THR n 
1 32 VAL n 
1 33 LEU n 
1 34 GLU n 
1 35 GLU n 
1 36 MET n 
1 37 SER n 
1 38 LEU n 
1 39 PRO n 
1 40 GLY n 
1 41 ARG n 
1 42 TRP n 
1 43 LYS n 
1 44 PRO n 
1 45 LYS n 
1 46 MET n 
1 47 ILE n 
1 48 GLY n 
1 49 GLY n 
1 50 ILE n 
1 51 GLY n 
1 52 GLY n 
1 53 PHE n 
1 54 ILE n 
1 55 LYS n 
1 56 VAL n 
1 57 ARG n 
1 58 GLN n 
1 59 TYR n 
1 60 ASP n 
1 61 GLN n 
1 62 ILE n 
1 63 LEU n 
1 64 ILE n 
1 65 GLU n 
1 66 ILE n 
1 67 CYS n 
1 68 GLY n 
1 69 HIS n 
1 70 LYS n 
1 71 ALA n 
1 72 ILE n 
1 73 GLY n 
1 74 THR n 
1 75 VAL n 
1 76 LEU n 
1 77 VAL n 
1 78 GLY n 
1 79 PRO n 
1 80 THR n 
1 81 PRO n 
1 82 VAL n 
1 83 ASN n 
1 84 ILE n 
1 85 ILE n 
1 86 GLY n 
1 87 ARG n 
1 88 ASN n 
1 89 LEU n 
1 90 LEU n 
1 91 THR n 
1 92 GLN n 
1 93 ILE n 
1 94 GLY n 
1 95 CYS n 
1 96 THR n 
1 97 LEU n 
1 98 ASN n 
1 99 PHE n 
# 
_entity_src_gen.entity_id                          1 
_entity_src_gen.pdbx_src_id                        1 
_entity_src_gen.pdbx_alt_source_flag               sample 
_entity_src_gen.pdbx_seq_type                      ? 
_entity_src_gen.pdbx_beg_seq_num                   ? 
_entity_src_gen.pdbx_end_seq_num                   ? 
_entity_src_gen.gene_src_common_name               Viruses 
_entity_src_gen.gene_src_genus                     ? 
_entity_src_gen.pdbx_gene_src_gene                 gag-pol 
_entity_src_gen.gene_src_species                   ? 
_entity_src_gen.gene_src_strain                    ? 
_entity_src_gen.gene_src_tissue                    ? 
_entity_src_gen.gene_src_tissue_fraction           ? 
_entity_src_gen.gene_src_details                   ? 
_entity_src_gen.pdbx_gene_src_fragment             ? 
_entity_src_gen.pdbx_gene_src_scientific_name      'Human immunodeficiency virus type 1' 
_entity_src_gen.pdbx_gene_src_ncbi_taxonomy_id     ? 
_entity_src_gen.pdbx_gene_src_variant              ? 
_entity_src_gen.pdbx_gene_src_cell_line            ? 
_entity_src_gen.pdbx_gene_src_atcc                 ? 
_entity_src_gen.pdbx_gene_src_organ                ? 
_entity_src_gen.pdbx_gene_src_organelle            ? 
_entity_src_gen.pdbx_gene_src_cell                 ? 
_entity_src_gen.pdbx_gene_src_cellular_location    ? 
_entity_src_gen.host_org_common_name               ? 
_entity_src_gen.pdbx_host_org_scientific_name      'Escherichia coli' 
_entity_src_gen.pdbx_host_org_ncbi_taxonomy_id     562 
_entity_src_gen.host_org_genus                     ? 
_entity_src_gen.pdbx_host_org_gene                 ? 
_entity_src_gen.pdbx_host_org_organ                ? 
_entity_src_gen.host_org_species                   ? 
_entity_src_gen.pdbx_host_org_tissue               ? 
_entity_src_gen.pdbx_host_org_tissue_fraction      ? 
_entity_src_gen.pdbx_host_org_strain               'BL21(d3)pLysS' 
_entity_src_gen.pdbx_host_org_variant              ? 
_entity_src_gen.pdbx_host_org_cell_line            ? 
_entity_src_gen.pdbx_host_org_atcc                 ? 
_entity_src_gen.pdbx_host_org_culture_collection   ? 
_entity_src_gen.pdbx_host_org_cell                 ? 
_entity_src_gen.pdbx_host_org_organelle            ? 
_entity_src_gen.pdbx_host_org_cellular_location    ? 
_entity_src_gen.pdbx_host_org_vector_type          plasmid 
_entity_src_gen.pdbx_host_org_vector               ? 
_entity_src_gen.host_org_details                   ? 
_entity_src_gen.expression_system_id               ? 
_entity_src_gen.plasmid_name                       peT11a 
_entity_src_gen.plasmid_details                    ? 
_entity_src_gen.pdbx_description                   ? 
# 
_struct_ref.id                         1 
_struct_ref.db_name                    UNP 
_struct_ref.db_code                    POL_HV1BR 
_struct_ref.pdbx_db_accession          P03367 
_struct_ref.entity_id                  1 
_struct_ref.pdbx_seq_one_letter_code   
;PQITLWQRPLVTIKIGGQLKEALLDTGADDTVLEEMSLPGRWKPKMIGGIGGFIKVRQYDQILIEICGHKAIGTVLVGPT
PVNIIGRNLLTQIGCTLNF
;
_struct_ref.pdbx_align_begin           501 
_struct_ref.pdbx_db_isoform            ? 
# 
loop_
_struct_ref_seq.align_id 
_struct_ref_seq.ref_id 
_struct_ref_seq.pdbx_PDB_id_code 
_struct_ref_seq.pdbx_strand_id 
_struct_ref_seq.seq_align_beg 
_struct_ref_seq.pdbx_seq_align_beg_ins_code 
_struct_ref_seq.seq_align_end 
_struct_ref_seq.pdbx_seq_align_end_ins_code 
_struct_ref_seq.pdbx_db_accession 
_struct_ref_seq.db_align_beg 
_struct_ref_seq.pdbx_db_align_beg_ins_code 
_struct_ref_seq.db_align_end 
_struct_ref_seq.pdbx_db_align_end_ins_code 
_struct_ref_seq.pdbx_auth_seq_align_beg 
_struct_ref_seq.pdbx_auth_seq_align_end 
1 1 3BGB A 1 ? 99 ? P03367 501 ? 599 ? 1 99 
2 1 3BGB B 1 ? 99 ? P03367 501 ? 599 ? 1 99 
# 
loop_
_chem_comp.id 
_chem_comp.type 
_chem_comp.mon_nstd_flag 
_chem_comp.name 
_chem_comp.pdbx_synonyms 
_chem_comp.formula 
_chem_comp.formula_weight 
ALA 'L-peptide linking' y ALANINE                                                                          ? 'C3 H7 N O2'       
89.093  
ARG 'L-peptide linking' y ARGININE                                                                         ? 'C6 H15 N4 O2 1'   
175.209 
ASN 'L-peptide linking' y ASPARAGINE                                                                       ? 'C4 H8 N2 O3'      
132.118 
ASP 'L-peptide linking' y 'ASPARTIC ACID'                                                                  ? 'C4 H7 N O4'       
133.103 
CL  non-polymer         . 'CHLORIDE ION'                                                                   ? 'Cl -1'            
35.453  
CYS 'L-peptide linking' y CYSTEINE                                                                         ? 'C3 H7 N O2 S'     
121.158 
GLN 'L-peptide linking' y GLUTAMINE                                                                        ? 'C5 H10 N2 O3'     
146.144 
GLU 'L-peptide linking' y 'GLUTAMIC ACID'                                                                  ? 'C5 H9 N O4'       
147.129 
GLY 'peptide linking'   y GLYCINE                                                                          ? 'C2 H5 N O2'       
75.067  
HIS 'L-peptide linking' y HISTIDINE                                                                        ? 'C6 H10 N3 O2 1'   
156.162 
HOH non-polymer         . WATER                                                                            ? 'H2 O'             
18.015  
ILE 'L-peptide linking' y ISOLEUCINE                                                                       ? 'C6 H13 N O2'      
131.173 
LEU 'L-peptide linking' y LEUCINE                                                                          ? 'C6 H13 N O2'      
131.173 
LJG non-polymer         . "N,N'-(iminodiethane-2,1-diyl)bis[4-amino-N-(2-methylpropyl)benzenesulfonamide]" ? 'C24 H39 N5 O4 S2' 
525.728 
LYS 'L-peptide linking' y LYSINE                                                                           ? 'C6 H15 N2 O2 1'   
147.195 
MET 'L-peptide linking' y METHIONINE                                                                       ? 'C5 H11 N O2 S'    
149.211 
PHE 'L-peptide linking' y PHENYLALANINE                                                                    ? 'C9 H11 N O2'      
165.189 
PRO 'L-peptide linking' y PROLINE                                                                          ? 'C5 H9 N O2'       
115.130 
SER 'L-peptide linking' y SERINE                                                                           ? 'C3 H7 N O3'       
105.093 
THR 'L-peptide linking' y THREONINE                                                                        ? 'C4 H9 N O3'       
119.119 
TRP 'L-peptide linking' y TRYPTOPHAN                                                                       ? 'C11 H12 N2 O2'    
204.225 
TYR 'L-peptide linking' y TYROSINE                                                                         ? 'C9 H11 N O3'      
181.189 
VAL 'L-peptide linking' y VALINE                                                                           ? 'C5 H11 N O2'      
117.146 
# 
_exptl.entry_id          3BGB 
_exptl.method            'X-RAY DIFFRACTION' 
_exptl.crystals_number   1 
# 
_exptl_crystal.id                    1 
_exptl_crystal.density_meas          ? 
_exptl_crystal.density_Matthews      2.68 
_exptl_crystal.density_percent_sol   54.07 
_exptl_crystal.description           ? 
_exptl_crystal.F_000                 ? 
_exptl_crystal.preparation           ? 
# 
_exptl_crystal_grow.crystal_id      1 
_exptl_crystal_grow.method          'VAPOR DIFFUSION' 
_exptl_crystal_grow.temp            293 
_exptl_crystal_grow.temp_details    ? 
_exptl_crystal_grow.pH              6.5 
_exptl_crystal_grow.pdbx_details    '3.0M NaCl, 0.1M Bist-Tris, pH6.5, VAPOR DIFFUSION, temperature 293K' 
_exptl_crystal_grow.pdbx_pH_range   . 
# 
_diffrn.id                     1 
_diffrn.ambient_temp           113 
_diffrn.ambient_temp_details   ? 
_diffrn.crystal_id             1 
# 
_diffrn_detector.diffrn_id              1 
_diffrn_detector.detector               'IMAGE PLATE' 
_diffrn_detector.type                   'RIGAKU RAXIS IV' 
_diffrn_detector.pdbx_collection_date   2006-12-20 
_diffrn_detector.details                ? 
# 
_diffrn_radiation.diffrn_id                        1 
_diffrn_radiation.wavelength_id                    1 
_diffrn_radiation.pdbx_monochromatic_or_laue_m_l   M 
_diffrn_radiation.monochromator                    ? 
_diffrn_radiation.pdbx_diffrn_protocol             'SINGLE WAVELENGTH' 
_diffrn_radiation.pdbx_scattering_type             x-ray 
# 
_diffrn_radiation_wavelength.id           1 
_diffrn_radiation_wavelength.wavelength   1.5418 
_diffrn_radiation_wavelength.wt           1.0 
# 
_diffrn_source.diffrn_id                   1 
_diffrn_source.source                      'ROTATING ANODE' 
_diffrn_source.type                        'RIGAKU RUH3R' 
_diffrn_source.pdbx_synchrotron_site       ? 
_diffrn_source.pdbx_synchrotron_beamline   ? 
_diffrn_source.pdbx_wavelength             ? 
_diffrn_source.pdbx_wavelength_list        1.5418 
# 
_reflns.entry_id                     3BGB 
_reflns.observed_criterion_sigma_F   0 
_reflns.observed_criterion_sigma_I   0 
_reflns.d_resolution_high            1.90 
_reflns.d_resolution_low             30 
_reflns.number_all                   18795 
_reflns.number_obs                   18795 
_reflns.percent_possible_obs         99.0 
_reflns.pdbx_Rmerge_I_obs            0.080 
_reflns.pdbx_Rsym_value              0.080 
_reflns.pdbx_netI_over_sigmaI        15.6 
_reflns.B_iso_Wilson_estimate        21.8 
_reflns.pdbx_redundancy              3.5 
_reflns.R_free_details               ? 
_reflns.limit_h_max                  ? 
_reflns.limit_h_min                  ? 
_reflns.limit_k_max                  ? 
_reflns.limit_k_min                  ? 
_reflns.limit_l_max                  ? 
_reflns.limit_l_min                  ? 
_reflns.observed_criterion_F_max     ? 
_reflns.observed_criterion_F_min     ? 
_reflns.pdbx_chi_squared             ? 
_reflns.pdbx_scaling_rejects         ? 
_reflns.pdbx_diffrn_id               1 
_reflns.pdbx_ordinal                 1 
# 
_reflns_shell.d_res_high             1.90 
_reflns_shell.d_res_low              1.93 
_reflns_shell.percent_possible_all   100 
_reflns_shell.Rmerge_I_obs           0.490 
_reflns_shell.pdbx_Rsym_value        0.490 
_reflns_shell.meanI_over_sigI_obs    2.6 
_reflns_shell.pdbx_redundancy        3.4 
_reflns_shell.percent_possible_obs   ? 
_reflns_shell.number_unique_all      940 
_reflns_shell.number_measured_all    ? 
_reflns_shell.number_measured_obs    ? 
_reflns_shell.number_unique_obs      ? 
_reflns_shell.pdbx_chi_squared       ? 
_reflns_shell.pdbx_diffrn_id         ? 
_reflns_shell.pdbx_ordinal           1 
# 
_refine.entry_id                                 3BGB 
_refine.ls_number_reflns_obs                     17802 
_refine.ls_number_reflns_all                     17802 
_refine.pdbx_ls_sigma_I                          2 
_refine.pdbx_ls_sigma_F                          4 
_refine.pdbx_data_cutoff_high_absF               ? 
_refine.pdbx_data_cutoff_low_absF                ? 
_refine.pdbx_data_cutoff_high_rms_absF           ? 
_refine.ls_d_res_low                             25.00 
_refine.ls_d_res_high                            1.90 
_refine.ls_percent_reflns_obs                    ? 
_refine.ls_R_factor_obs                          0.184 
_refine.ls_R_factor_all                          0.2091 
_refine.ls_R_factor_R_work                       0.182 
_refine.ls_R_factor_R_free                       0.239 
_refine.ls_R_factor_R_free_error                 ? 
_refine.ls_R_factor_R_free_error_details         ? 
_refine.ls_percent_reflns_R_free                 ? 
_refine.ls_number_reflns_R_free                  947 
_refine.ls_number_parameters                     6671 
_refine.ls_number_restraints                     6295 
_refine.occupancy_min                            ? 
_refine.occupancy_max                            ? 
_refine.correlation_coeff_Fo_to_Fc               ? 
_refine.correlation_coeff_Fo_to_Fc_free          ? 
_refine.B_iso_mean                               ? 
_refine.aniso_B[1][1]                            ? 
_refine.aniso_B[2][2]                            ? 
_refine.aniso_B[3][3]                            ? 
_refine.aniso_B[1][2]                            ? 
_refine.aniso_B[1][3]                            ? 
_refine.aniso_B[2][3]                            ? 
_refine.solvent_model_details                    ? 
_refine.solvent_model_param_ksol                 ? 
_refine.solvent_model_param_bsol                 ? 
_refine.pdbx_solvent_vdw_probe_radii             ? 
_refine.pdbx_solvent_ion_probe_radii             ? 
_refine.pdbx_solvent_shrinkage_radii             ? 
_refine.pdbx_ls_cross_valid_method               'FREE R' 
_refine.details                                  'ANISOTROPIC SCALING APPLIED BY THE METHOD OF PARKIN, MOEZZI & HOPE' 
_refine.pdbx_starting_model                      'PDB ENTRY 2PQZ' 
_refine.pdbx_method_to_determine_struct          'AB INITIO' 
_refine.pdbx_isotropic_thermal_model             ? 
_refine.pdbx_stereochemistry_target_values       'ENGH AND HUBER' 
_refine.pdbx_stereochem_target_val_spec_case     ? 
_refine.pdbx_R_Free_selection_details            RANDOM 
_refine.pdbx_overall_ESU_R                       ? 
_refine.pdbx_overall_ESU_R_Free                  ? 
_refine.overall_SU_ML                            ? 
_refine.overall_SU_B                             ? 
_refine.ls_redundancy_reflns_obs                 ? 
_refine.B_iso_min                                ? 
_refine.B_iso_max                                ? 
_refine.overall_SU_R_Cruickshank_DPI             ? 
_refine.overall_SU_R_free                        ? 
_refine.ls_wR_factor_R_free                      ? 
_refine.ls_wR_factor_R_work                      ? 
_refine.overall_FOM_free_R_set                   ? 
_refine.overall_FOM_work_R_set                   ? 
_refine.pdbx_overall_phase_error                 ? 
_refine.pdbx_refine_id                           'X-RAY DIFFRACTION' 
_refine.pdbx_diffrn_id                           1 
_refine.pdbx_TLS_residual_ADP_flag               ? 
_refine.pdbx_overall_SU_R_free_Cruickshank_DPI   ? 
_refine.pdbx_overall_SU_R_Blow_DPI               ? 
_refine.pdbx_overall_SU_R_free_Blow_DPI          ? 
# 
_refine_analyze.entry_id                        3BGB 
_refine_analyze.Luzzati_coordinate_error_obs    ? 
_refine_analyze.Luzzati_sigma_a_obs             ? 
_refine_analyze.Luzzati_d_res_low_obs           ? 
_refine_analyze.Luzzati_coordinate_error_free   ? 
_refine_analyze.Luzzati_sigma_a_free            ? 
_refine_analyze.Luzzati_d_res_low_free          ? 
_refine_analyze.number_disordered_residues      0 
_refine_analyze.occupancy_sum_hydrogen          1580.00 
_refine_analyze.occupancy_sum_non_hydrogen      1664.00 
_refine_analyze.pdbx_Luzzati_d_res_high_obs     ? 
_refine_analyze.pdbx_refine_id                  'X-RAY DIFFRACTION' 
# 
_refine_hist.pdbx_refine_id                   'X-RAY DIFFRACTION' 
_refine_hist.cycle_id                         LAST 
_refine_hist.pdbx_number_atoms_protein        1502 
_refine_hist.pdbx_number_atoms_nucleic_acid   0 
_refine_hist.pdbx_number_atoms_ligand         37 
_refine_hist.number_atoms_solvent             125 
_refine_hist.number_atoms_total               1664 
_refine_hist.d_res_high                       1.90 
_refine_hist.d_res_low                        25.00 
# 
loop_
_refine_ls_restr.type 
_refine_ls_restr.dev_ideal 
_refine_ls_restr.dev_ideal_target 
_refine_ls_restr.weight 
_refine_ls_restr.number 
_refine_ls_restr.pdbx_refine_id 
_refine_ls_restr.pdbx_restraint_function 
s_bond_d               0.005  ? ? ? 'X-RAY DIFFRACTION' ? 
s_angle_d              0.020  ? ? ? 'X-RAY DIFFRACTION' ? 
s_similar_dist         0.000  ? ? ? 'X-RAY DIFFRACTION' ? 
s_from_restr_planes    0.0239 ? ? ? 'X-RAY DIFFRACTION' ? 
s_zero_chiral_vol      0.027  ? ? ? 'X-RAY DIFFRACTION' ? 
s_non_zero_chiral_vol  0.031  ? ? ? 'X-RAY DIFFRACTION' ? 
s_anti_bump_dis_restr  0.008  ? ? ? 'X-RAY DIFFRACTION' ? 
s_rigid_bond_adp_cmpnt 0.000  ? ? ? 'X-RAY DIFFRACTION' ? 
s_similar_adp_cmpnt    0.066  ? ? ? 'X-RAY DIFFRACTION' ? 
s_approx_iso_adps      0.000  ? ? ? 'X-RAY DIFFRACTION' ? 
# 
_pdbx_refine.entry_id                                    3BGB 
_pdbx_refine.R_factor_all_no_cutoff                      0.2091 
_pdbx_refine.R_factor_obs_no_cutoff                      0.182 
_pdbx_refine.free_R_factor_no_cutoff                     0.239 
_pdbx_refine.free_R_val_test_set_size_perc_no_cutoff     ? 
_pdbx_refine.free_R_val_test_set_ct_no_cutoff            ? 
_pdbx_refine.R_factor_all_4sig_cutoff                    0.1824 
_pdbx_refine.R_factor_obs_4sig_cutoff                    ? 
_pdbx_refine.free_R_factor_4sig_cutoff                   ? 
_pdbx_refine.free_R_val_test_set_size_perc_4sig_cutoff   ? 
_pdbx_refine.free_R_val_test_set_ct_4sig_cutoff          ? 
_pdbx_refine.number_reflns_obs_4sig_cutoff               14065 
_pdbx_refine.pdbx_refine_id                              'X-RAY DIFFRACTION' 
_pdbx_refine.free_R_error_no_cutoff                      ? 
# 
_struct.entry_id                  3BGB 
_struct.title                     'HIV-1 protease in complex with a isobutyl decorated oligoamine' 
_struct.pdbx_model_details        ? 
_struct.pdbx_CASP_flag            ? 
_struct.pdbx_model_type_details   ? 
# 
_struct_keywords.entry_id        3BGB 
_struct_keywords.pdbx_keywords   HYDROLASE 
_struct_keywords.text            
;protein-ligand complex, AIDS, Aspartyl protease, Capsid maturation, Core protein, Cytoplasm, DNA integration, DNA recombination, DNA-directed DNA polymerase, Endonuclease, Hydrolase, Lipoprotein, Magnesium, Membrane, Metal-binding, Multifunctional enzyme, Myristate, Nuclease, Nucleotidyltransferase, Nucleus, Phosphoprotein, Protease, RNA-binding, RNA-directed DNA polymerase, Transferase, Viral nucleoprotein, Virion, Zinc, Zinc-finger
;
# 
loop_
_struct_asym.id 
_struct_asym.pdbx_blank_PDB_chainid_flag 
_struct_asym.pdbx_modified 
_struct_asym.entity_id 
_struct_asym.details 
A N N 1 ? 
B N N 1 ? 
C N N 2 ? 
D N N 3 ? 
E N N 3 ? 
F N N 4 ? 
G N N 4 ? 
# 
_struct_biol.id        1 
_struct_biol.details   ? 
# 
loop_
_struct_conf.conf_type_id 
_struct_conf.id 
_struct_conf.pdbx_PDB_helix_id 
_struct_conf.beg_label_comp_id 
_struct_conf.beg_label_asym_id 
_struct_conf.beg_label_seq_id 
_struct_conf.pdbx_beg_PDB_ins_code 
_struct_conf.end_label_comp_id 
_struct_conf.end_label_asym_id 
_struct_conf.end_label_seq_id 
_struct_conf.pdbx_end_PDB_ins_code 
_struct_conf.beg_auth_comp_id 
_struct_conf.beg_auth_asym_id 
_struct_conf.beg_auth_seq_id 
_struct_conf.end_auth_comp_id 
_struct_conf.end_auth_asym_id 
_struct_conf.end_auth_seq_id 
_struct_conf.pdbx_PDB_helix_class 
_struct_conf.details 
_struct_conf.pdbx_PDB_helix_length 
HELX_P HELX_P1 1 GLY A 86 ? THR A 91 ? GLY A 86 THR A 91 1 ? 6 
HELX_P HELX_P2 2 GLN A 92 ? GLY A 94 ? GLN A 92 GLY A 94 5 ? 3 
HELX_P HELX_P3 3 GLY B 86 ? ILE B 93 ? GLY B 86 ILE B 93 1 ? 8 
# 
_struct_conf_type.id          HELX_P 
_struct_conf_type.criteria    ? 
_struct_conf_type.reference   ? 
# 
loop_
_struct_sheet.id 
_struct_sheet.type 
_struct_sheet.number_strands 
_struct_sheet.details 
A ? 4 ? 
B ? 8 ? 
C ? 8 ? 
# 
loop_
_struct_sheet_order.sheet_id 
_struct_sheet_order.range_id_1 
_struct_sheet_order.range_id_2 
_struct_sheet_order.offset 
_struct_sheet_order.sense 
A 1 2 ? anti-parallel 
A 2 3 ? anti-parallel 
A 3 4 ? anti-parallel 
B 1 2 ? anti-parallel 
B 2 3 ? anti-parallel 
B 3 4 ? parallel      
B 4 5 ? anti-parallel 
B 5 6 ? parallel      
B 6 7 ? anti-parallel 
B 7 8 ? anti-parallel 
C 1 2 ? anti-parallel 
C 2 3 ? anti-parallel 
C 3 4 ? parallel      
C 4 5 ? anti-parallel 
C 5 6 ? parallel      
C 6 7 ? anti-parallel 
C 7 8 ? anti-parallel 
# 
loop_
_struct_sheet_range.sheet_id 
_struct_sheet_range.id 
_struct_sheet_range.beg_label_comp_id 
_struct_sheet_range.beg_label_asym_id 
_struct_sheet_range.beg_label_seq_id 
_struct_sheet_range.pdbx_beg_PDB_ins_code 
_struct_sheet_range.end_label_comp_id 
_struct_sheet_range.end_label_asym_id 
_struct_sheet_range.end_label_seq_id 
_struct_sheet_range.pdbx_end_PDB_ins_code 
_struct_sheet_range.beg_auth_comp_id 
_struct_sheet_range.beg_auth_asym_id 
_struct_sheet_range.beg_auth_seq_id 
_struct_sheet_range.end_auth_comp_id 
_struct_sheet_range.end_auth_asym_id 
_struct_sheet_range.end_auth_seq_id 
A 1 GLN A 2  ? ILE A 3  ? GLN A 2  ILE A 3  
A 2 THR B 96 ? ASN B 98 ? THR B 96 ASN B 98 
A 3 THR A 96 ? ASN A 98 ? THR A 96 ASN A 98 
A 4 GLN B 2  ? ILE B 3  ? GLN B 2  ILE B 3  
B 1 TRP A 42 ? GLY A 49 ? TRP A 42 GLY A 49 
B 2 GLY A 52 ? ILE A 66 ? GLY A 52 ILE A 66 
B 3 HIS A 69 ? VAL A 77 ? HIS A 69 VAL A 77 
B 4 THR A 31 ? LEU A 33 ? THR A 31 LEU A 33 
B 5 ILE A 84 ? ILE A 85 ? ILE A 84 ILE A 85 
B 6 GLN A 18 ? LEU A 24 ? GLN A 18 LEU A 24 
B 7 LEU A 10 ? ILE A 15 ? LEU A 10 ILE A 15 
B 8 GLY A 52 ? ILE A 66 ? GLY A 52 ILE A 66 
C 1 LYS B 43 ? GLY B 49 ? LYS B 43 GLY B 49 
C 2 GLY B 52 ? ILE B 66 ? GLY B 52 ILE B 66 
C 3 HIS B 69 ? VAL B 77 ? HIS B 69 VAL B 77 
C 4 VAL B 32 ? LEU B 33 ? VAL B 32 LEU B 33 
C 5 ILE B 84 ? ILE B 85 ? ILE B 84 ILE B 85 
C 6 GLN B 18 ? LEU B 24 ? GLN B 18 LEU B 24 
C 7 LEU B 10 ? ILE B 15 ? LEU B 10 ILE B 15 
C 8 GLY B 52 ? ILE B 66 ? GLY B 52 ILE B 66 
# 
loop_
_pdbx_struct_sheet_hbond.sheet_id 
_pdbx_struct_sheet_hbond.range_id_1 
_pdbx_struct_sheet_hbond.range_id_2 
_pdbx_struct_sheet_hbond.range_1_label_atom_id 
_pdbx_struct_sheet_hbond.range_1_label_comp_id 
_pdbx_struct_sheet_hbond.range_1_label_asym_id 
_pdbx_struct_sheet_hbond.range_1_label_seq_id 
_pdbx_struct_sheet_hbond.range_1_PDB_ins_code 
_pdbx_struct_sheet_hbond.range_1_auth_atom_id 
_pdbx_struct_sheet_hbond.range_1_auth_comp_id 
_pdbx_struct_sheet_hbond.range_1_auth_asym_id 
_pdbx_struct_sheet_hbond.range_1_auth_seq_id 
_pdbx_struct_sheet_hbond.range_2_label_atom_id 
_pdbx_struct_sheet_hbond.range_2_label_comp_id 
_pdbx_struct_sheet_hbond.range_2_label_asym_id 
_pdbx_struct_sheet_hbond.range_2_label_seq_id 
_pdbx_struct_sheet_hbond.range_2_PDB_ins_code 
_pdbx_struct_sheet_hbond.range_2_auth_atom_id 
_pdbx_struct_sheet_hbond.range_2_auth_comp_id 
_pdbx_struct_sheet_hbond.range_2_auth_asym_id 
_pdbx_struct_sheet_hbond.range_2_auth_seq_id 
A 1 2 N ILE A 3  ? N ILE A 3  O LEU B 97 ? O LEU B 97 
A 2 3 O ASN B 98 ? O ASN B 98 N THR A 96 ? N THR A 96 
A 3 4 N LEU A 97 ? N LEU A 97 O ILE B 3  ? O ILE B 3  
B 1 2 N LYS A 45 ? N LYS A 45 O VAL A 56 ? O VAL A 56 
B 2 3 N ILE A 66 ? N ILE A 66 O HIS A 69 ? O HIS A 69 
B 3 4 O LEU A 76 ? O LEU A 76 N LEU A 33 ? N LEU A 33 
B 4 5 N VAL A 32 ? N VAL A 32 O ILE A 84 ? O ILE A 84 
B 5 6 O ILE A 85 ? O ILE A 85 N LEU A 23 ? N LEU A 23 
B 6 7 O LYS A 20 ? O LYS A 20 N ILE A 13 ? N ILE A 13 
B 7 8 N LYS A 14 ? N LYS A 14 O GLU A 65 ? O GLU A 65 
C 1 2 N LYS B 45 ? N LYS B 45 O VAL B 56 ? O VAL B 56 
C 2 3 N ILE B 64 ? N ILE B 64 O ALA B 71 ? O ALA B 71 
C 3 4 O LEU B 76 ? O LEU B 76 N LEU B 33 ? N LEU B 33 
C 4 5 N VAL B 32 ? N VAL B 32 O ILE B 84 ? O ILE B 84 
C 5 6 O ILE B 85 ? O ILE B 85 N LEU B 23 ? N LEU B 23 
C 6 7 O LYS B 20 ? O LYS B 20 N ILE B 13 ? N ILE B 13 
C 7 8 N LYS B 14 ? N LYS B 14 O GLU B 65 ? O GLU B 65 
# 
loop_
_struct_site.id 
_struct_site.pdbx_evidence_code 
_struct_site.pdbx_auth_asym_id 
_struct_site.pdbx_auth_comp_id 
_struct_site.pdbx_auth_seq_id 
_struct_site.pdbx_auth_ins_code 
_struct_site.pdbx_num_residues 
_struct_site.details 
AC1 Software B CL  2602 ? 4  'BINDING SITE FOR RESIDUE CL B 2602'  
AC2 Software B LJG 2501 ? 20 'BINDING SITE FOR RESIDUE LJG B 2501' 
# 
loop_
_struct_site_gen.id 
_struct_site_gen.site_id 
_struct_site_gen.pdbx_num_res 
_struct_site_gen.label_comp_id 
_struct_site_gen.label_asym_id 
_struct_site_gen.label_seq_id 
_struct_site_gen.pdbx_auth_ins_code 
_struct_site_gen.auth_comp_id 
_struct_site_gen.auth_asym_id 
_struct_site_gen.auth_seq_id 
_struct_site_gen.label_atom_id 
_struct_site_gen.label_alt_id 
_struct_site_gen.symmetry 
_struct_site_gen.details 
1  AC1 4  GLY B 73 ? GLY B 73   . ? 1_555 ? 
2  AC1 4  THR B 74 ? THR B 74   . ? 1_555 ? 
3  AC1 4  ASN B 88 ? ASN B 88   . ? 1_555 ? 
4  AC1 4  HOH G .  ? HOH B 3053 . ? 1_555 ? 
5  AC2 20 ASP A 25 ? ASP A 25   . ? 1_555 ? 
6  AC2 20 GLY A 27 ? GLY A 27   . ? 1_555 ? 
7  AC2 20 ASP A 30 ? ASP A 30   . ? 1_555 ? 
8  AC2 20 GLY A 48 ? GLY A 48   . ? 1_555 ? 
9  AC2 20 ILE A 50 ? ILE A 50   . ? 1_555 ? 
10 AC2 20 PRO A 81 ? PRO A 81   . ? 1_555 ? 
11 AC2 20 ILE A 84 ? ILE A 84   . ? 1_555 ? 
12 AC2 20 HOH F .  ? HOH A 3051 . ? 1_555 ? 
13 AC2 20 LEU B 23 ? LEU B 23   . ? 1_555 ? 
14 AC2 20 ASP B 25 ? ASP B 25   . ? 1_555 ? 
15 AC2 20 GLY B 27 ? GLY B 27   . ? 1_555 ? 
16 AC2 20 ALA B 28 ? ALA B 28   . ? 1_555 ? 
17 AC2 20 ASP B 30 ? ASP B 30   . ? 1_555 ? 
18 AC2 20 GLY B 48 ? GLY B 48   . ? 1_555 ? 
19 AC2 20 GLY B 49 ? GLY B 49   . ? 1_555 ? 
20 AC2 20 ILE B 50 ? ILE B 50   . ? 1_555 ? 
21 AC2 20 PRO B 81 ? PRO B 81   . ? 1_555 ? 
22 AC2 20 ILE B 84 ? ILE B 84   . ? 1_555 ? 
23 AC2 20 HOH G .  ? HOH B 3095 . ? 1_555 ? 
24 AC2 20 HOH G .  ? HOH B 3125 . ? 1_555 ? 
# 
_atom_sites.entry_id                    3BGB 
_atom_sites.fract_transf_matrix[1][1]   0.01471355 
_atom_sites.fract_transf_matrix[1][2]   0.00146546 
_atom_sites.fract_transf_matrix[1][3]   -0.00888987 
_atom_sites.fract_transf_matrix[2][1]   0.00332890 
_atom_sites.fract_transf_matrix[2][2]   0.00873135 
_atom_sites.fract_transf_matrix[2][3]   0.00694896 
_atom_sites.fract_transf_matrix[3][1]   0.00939874 
_atom_sites.fract_transf_matrix[3][2]   -0.01411218 
_atom_sites.fract_transf_matrix[3][3]   0.01322944 
_atom_sites.fract_transf_vector[1]      0.264995 
_atom_sites.fract_transf_vector[2]      -0.192575 
_atom_sites.fract_transf_vector[3]      -0.418190 
# 
loop_
_atom_type.symbol 
C  
CL 
N  
O  
S  
# 
loop_
_atom_site.group_PDB 
_atom_site.id 
_atom_site.type_symbol 
_atom_site.label_atom_id 
_atom_site.label_alt_id 
_atom_site.label_comp_id 
_atom_site.label_asym_id 
_atom_site.label_entity_id 
_atom_site.label_seq_id 
_atom_site.pdbx_PDB_ins_code 
_atom_site.Cartn_x 
_atom_site.Cartn_y 
_atom_site.Cartn_z 
_atom_site.occupancy 
_atom_site.B_iso_or_equiv 
_atom_site.pdbx_formal_charge 
_atom_site.auth_seq_id 
_atom_site.auth_comp_id 
_atom_site.auth_asym_id 
_atom_site.auth_atom_id 
_atom_site.pdbx_PDB_model_num 
ATOM   1    N  N   . PRO A 1 1  ? 15.877  10.224  2.558   1.00 35.04 ? 1    PRO A N   1 
ATOM   2    C  CA  . PRO A 1 1  ? 16.170  9.900   1.156   1.00 33.91 ? 1    PRO A CA  1 
ATOM   3    C  C   . PRO A 1 1  ? 14.962  10.113  0.249   1.00 30.94 ? 1    PRO A C   1 
ATOM   4    O  O   . PRO A 1 1  ? 13.873  10.435  0.736   1.00 30.83 ? 1    PRO A O   1 
ATOM   5    C  CB  . PRO A 1 1  ? 16.513  8.408   1.214   1.00 38.86 ? 1    PRO A CB  1 
ATOM   6    C  CG  . PRO A 1 1  ? 15.915  7.910   2.490   1.00 40.41 ? 1    PRO A CG  1 
ATOM   7    C  CD  . PRO A 1 1  ? 16.079  9.063   3.445   1.00 40.16 ? 1    PRO A CD  1 
ATOM   8    N  N   . GLN A 1 2  ? 15.165  9.919   -1.047  1.00 32.28 ? 2    GLN A N   1 
ATOM   9    C  CA  . GLN A 1 2  ? 14.086  9.897   -2.036  1.00 28.95 ? 2    GLN A CA  1 
ATOM   10   C  C   . GLN A 1 2  ? 13.981  8.489   -2.620  1.00 32.16 ? 2    GLN A C   1 
ATOM   11   O  O   . GLN A 1 2  ? 14.907  7.961   -3.232  1.00 33.20 ? 2    GLN A O   1 
ATOM   12   C  CB  . GLN A 1 2  ? 14.278  10.943  -3.124  1.00 26.13 ? 2    GLN A CB  1 
ATOM   13   C  CG  . GLN A 1 2  ? 13.479  10.698  -4.388  1.00 30.04 ? 2    GLN A CG  1 
ATOM   14   C  CD  . GLN A 1 2  ? 13.702  11.750  -5.456  1.00 40.68 ? 2    GLN A CD  1 
ATOM   15   O  OE1 . GLN A 1 2  ? 14.458  11.571  -6.416  1.00 50.64 ? 2    GLN A OE1 1 
ATOM   16   N  NE2 . GLN A 1 2  ? 13.034  12.890  -5.320  1.00 43.44 ? 2    GLN A NE2 1 
ATOM   17   N  N   . ILE A 1 3  ? 12.831  7.847   -2.409  1.00 31.31 ? 3    ILE A N   1 
ATOM   18   C  CA  . ILE A 1 3  ? 12.681  6.461   -2.839  1.00 28.25 ? 3    ILE A CA  1 
ATOM   19   C  C   . ILE A 1 3  ? 11.824  6.386   -4.098  1.00 28.06 ? 3    ILE A C   1 
ATOM   20   O  O   . ILE A 1 3  ? 10.686  6.830   -4.127  1.00 21.84 ? 3    ILE A O   1 
ATOM   21   C  CB  . ILE A 1 3  ? 12.080  5.578   -1.729  1.00 32.58 ? 3    ILE A CB  1 
ATOM   22   C  CG1 . ILE A 1 3  ? 12.763  5.724   -0.367  1.00 32.49 ? 3    ILE A CG1 1 
ATOM   23   C  CG2 . ILE A 1 3  ? 12.067  4.120   -2.166  1.00 32.48 ? 3    ILE A CG2 1 
ATOM   24   C  CD1 . ILE A 1 3  ? 12.866  4.462   0.448   1.00 33.50 ? 3    ILE A CD1 1 
ATOM   25   N  N   . THR A 1 4  ? 12.413  5.823   -5.141  1.00 28.28 ? 4    THR A N   1 
ATOM   26   C  CA  . THR A 1 4  ? 11.769  5.559   -6.408  1.00 32.30 ? 4    THR A CA  1 
ATOM   27   C  C   . THR A 1 4  ? 10.703  4.473   -6.293  1.00 24.74 ? 4    THR A C   1 
ATOM   28   O  O   . THR A 1 4  ? 10.768  3.646   -5.378  1.00 26.03 ? 4    THR A O   1 
ATOM   29   C  CB  . THR A 1 4  ? 12.825  5.115   -7.444  1.00 29.95 ? 4    THR A CB  1 
ATOM   30   O  OG1 . THR A 1 4  ? 12.149  4.853   -8.673  1.00 33.37 ? 4    THR A OG1 1 
ATOM   31   C  CG2 . THR A 1 4  ? 13.483  3.819   -7.012  1.00 38.91 ? 4    THR A CG2 1 
ATOM   32   N  N   . LEU A 1 5  ? 9.734   4.456   -7.211  1.00 25.98 ? 5    LEU A N   1 
ATOM   33   C  CA  . LEU A 1 5  ? 8.712   3.405   -7.156  1.00 25.49 ? 5    LEU A CA  1 
ATOM   34   C  C   . LEU A 1 5  ? 8.795   2.479   -8.355  1.00 28.72 ? 5    LEU A C   1 
ATOM   35   O  O   . LEU A 1 5  ? 7.875   1.724   -8.666  1.00 22.51 ? 5    LEU A O   1 
ATOM   36   C  CB  . LEU A 1 5  ? 7.298   4.004   -6.996  1.00 17.07 ? 5    LEU A CB  1 
ATOM   37   C  CG  . LEU A 1 5  ? 7.090   4.698   -5.640  1.00 18.76 ? 5    LEU A CG  1 
ATOM   38   C  CD1 . LEU A 1 5  ? 5.784   5.478   -5.608  1.00 21.51 ? 5    LEU A CD1 1 
ATOM   39   C  CD2 . LEU A 1 5  ? 7.124   3.704   -4.484  1.00 24.37 ? 5    LEU A CD2 1 
ATOM   40   N  N   . TRP A 1 6  ? 9.937   2.496   -9.048  1.00 24.83 ? 6    TRP A N   1 
ATOM   41   C  CA  . TRP A 1 6  ? 10.143  1.561   -10.147 1.00 24.08 ? 6    TRP A CA  1 
ATOM   42   C  C   . TRP A 1 6  ? 10.204  0.120   -9.647  1.00 19.04 ? 6    TRP A C   1 
ATOM   43   O  O   . TRP A 1 6  ? 9.914   -0.824  -10.358 1.00 24.08 ? 6    TRP A O   1 
ATOM   44   C  CB  . TRP A 1 6  ? 11.459  1.836   -10.873 1.00 21.25 ? 6    TRP A CB  1 
ATOM   45   C  CG  . TRP A 1 6  ? 11.423  3.032   -11.767 1.00 21.26 ? 6    TRP A CG  1 
ATOM   46   C  CD1 . TRP A 1 6  ? 12.130  4.192   -11.644 1.00 28.82 ? 6    TRP A CD1 1 
ATOM   47   C  CD2 . TRP A 1 6  ? 10.619  3.167   -12.947 1.00 22.25 ? 6    TRP A CD2 1 
ATOM   48   N  NE1 . TRP A 1 6  ? 11.812  5.041   -12.679 1.00 31.15 ? 6    TRP A NE1 1 
ATOM   49   C  CE2 . TRP A 1 6  ? 10.888  4.433   -13.488 1.00 26.36 ? 6    TRP A CE2 1 
ATOM   50   C  CE3 . TRP A 1 6  ? 9.704   2.316   -13.576 1.00 26.32 ? 6    TRP A CE3 1 
ATOM   51   C  CZ2 . TRP A 1 6  ? 10.267  4.892   -14.651 1.00 39.00 ? 6    TRP A CZ2 1 
ATOM   52   C  CZ3 . TRP A 1 6  ? 9.092   2.777   -14.727 1.00 33.57 ? 6    TRP A CZ3 1 
ATOM   53   C  CH2 . TRP A 1 6  ? 9.375   4.043   -15.247 1.00 35.69 ? 6    TRP A CH2 1 
ATOM   54   N  N   . GLN A 1 7  ? 10.624  0.002   -8.396  1.00 21.23 ? 7    GLN A N   1 
ATOM   55   C  CA  . GLN A 1 7  ? 10.727  -1.264  -7.712  1.00 20.72 ? 7    GLN A CA  1 
ATOM   56   C  C   . GLN A 1 7  ? 9.945   -1.148  -6.410  1.00 17.18 ? 7    GLN A C   1 
ATOM   57   O  O   . GLN A 1 7  ? 9.658   -0.039  -5.953  1.00 22.16 ? 7    GLN A O   1 
ATOM   58   C  CB  . GLN A 1 7  ? 12.172  -1.630  -7.383  1.00 30.44 ? 7    GLN A CB  1 
ATOM   59   C  CG  . GLN A 1 7  ? 13.099  -1.903  -8.541  1.00 33.74 ? 7    GLN A CG  1 
ATOM   60   C  CD  . GLN A 1 7  ? 13.631  -0.702  -9.282  1.00 32.41 ? 7    GLN A CD  1 
ATOM   61   O  OE1 . GLN A 1 7  ? 13.665  -0.672  -10.521 1.00 45.80 ? 7    GLN A OE1 1 
ATOM   62   N  NE2 . GLN A 1 7  ? 14.079  0.319   -8.563  1.00 26.15 ? 7    GLN A NE2 1 
ATOM   63   N  N   . ARG A 1 8  ? 9.632   -2.285  -5.814  1.00 23.77 ? 8    ARG A N   1 
ATOM   64   C  CA  . ARG A 1 8  ? 9.001   -2.226  -4.494  1.00 25.94 ? 8    ARG A CA  1 
ATOM   65   C  C   . ARG A 1 8  ? 9.877   -1.443  -3.523  1.00 26.86 ? 8    ARG A C   1 
ATOM   66   O  O   . ARG A 1 8  ? 11.090  -1.684  -3.474  1.00 25.77 ? 8    ARG A O   1 
ATOM   67   C  CB  . ARG A 1 8  ? 8.750   -3.657  -4.008  1.00 27.21 ? 8    ARG A CB  1 
ATOM   68   C  CG  . ARG A 1 8  ? 7.784   -4.425  -4.899  1.00 28.62 ? 8    ARG A CG  1 
ATOM   69   C  CD  . ARG A 1 8  ? 7.591   -5.845  -4.377  1.00 25.52 ? 8    ARG A CD  1 
ATOM   70   N  NE  . ARG A 1 8  ? 6.480   -6.502  -5.056  1.00 39.34 ? 8    ARG A NE  1 
ATOM   71   C  CZ  . ARG A 1 8  ? 6.268   -7.811  -5.084  1.00 54.47 ? 8    ARG A CZ  1 
ATOM   72   N  NH1 . ARG A 1 8  ? 7.079   -8.670  -4.475  1.00 44.43 ? 8    ARG A NH1 1 
ATOM   73   N  NH2 . ARG A 1 8  ? 5.210   -8.269  -5.745  1.00 63.03 ? 8    ARG A NH2 1 
ATOM   74   N  N   . PRO A 1 9  ? 9.312   -0.517  -2.754  1.00 25.37 ? 9    PRO A N   1 
ATOM   75   C  CA  . PRO A 1 9  ? 10.117  0.262   -1.806  1.00 24.61 ? 9    PRO A CA  1 
ATOM   76   C  C   . PRO A 1 9  ? 10.356  -0.532  -0.523  1.00 24.80 ? 9    PRO A C   1 
ATOM   77   O  O   . PRO A 1 9  ? 9.640   -0.360  0.457   1.00 26.02 ? 9    PRO A O   1 
ATOM   78   C  CB  . PRO A 1 9  ? 9.237   1.466   -1.493  1.00 21.65 ? 9    PRO A CB  1 
ATOM   79   C  CG  . PRO A 1 9  ? 7.846   0.916   -1.604  1.00 27.08 ? 9    PRO A CG  1 
ATOM   80   C  CD  . PRO A 1 9  ? 7.897   -0.114  -2.703  1.00 24.26 ? 9    PRO A CD  1 
ATOM   81   N  N   . LEU A 1 10 ? 11.361  -1.385  -0.578  1.00 22.11 ? 10   LEU A N   1 
ATOM   82   C  CA  . LEU A 1 10 ? 11.764  -2.232  0.532   1.00 25.69 ? 10   LEU A CA  1 
ATOM   83   C  C   . LEU A 1 10 ? 12.906  -1.588  1.312   1.00 26.71 ? 10   LEU A C   1 
ATOM   84   O  O   . LEU A 1 10 ? 13.849  -1.084  0.716   1.00 33.90 ? 10   LEU A O   1 
ATOM   85   C  CB  . LEU A 1 10 ? 12.178  -3.613  0.025   1.00 30.18 ? 10   LEU A CB  1 
ATOM   86   C  CG  . LEU A 1 10 ? 11.034  -4.508  -0.466  1.00 33.44 ? 10   LEU A CG  1 
ATOM   87   C  CD1 . LEU A 1 10 ? 11.579  -5.768  -1.127  1.00 34.62 ? 10   LEU A CD1 1 
ATOM   88   C  CD2 . LEU A 1 10 ? 10.099  -4.858  0.679   1.00 30.14 ? 10   LEU A CD2 1 
ATOM   89   N  N   . VAL A 1 11 ? 12.804  -1.593  2.634   1.00 28.37 ? 11   VAL A N   1 
ATOM   90   C  CA  . VAL A 1 11 ? 13.794  -1.029  3.520   1.00 29.52 ? 11   VAL A CA  1 
ATOM   91   C  C   . VAL A 1 11 ? 14.089  -1.996  4.666   1.00 34.60 ? 11   VAL A C   1 
ATOM   92   O  O   . VAL A 1 11 ? 13.324  -2.910  4.957   1.00 30.08 ? 11   VAL A O   1 
ATOM   93   C  CB  . VAL A 1 11 ? 13.376  0.302   4.183   1.00 29.10 ? 11   VAL A CB  1 
ATOM   94   C  CG1 . VAL A 1 11 ? 13.059  1.342   3.125   1.00 31.60 ? 11   VAL A CG1 1 
ATOM   95   C  CG2 . VAL A 1 11 ? 12.201  0.069   5.122   1.00 25.90 ? 11   VAL A CG2 1 
ATOM   96   N  N   . THR A 1 12 ? 15.231  -1.720  5.285   1.00 33.69 ? 12   THR A N   1 
ATOM   97   C  CA  . THR A 1 12 ? 15.614  -2.522  6.441   1.00 34.67 ? 12   THR A CA  1 
ATOM   98   C  C   . THR A 1 12 ? 15.025  -1.893  7.693   1.00 31.59 ? 12   THR A C   1 
ATOM   99   O  O   . THR A 1 12 ? 15.063  -0.685  7.910   1.00 37.93 ? 12   THR A O   1 
ATOM   100  C  CB  . THR A 1 12 ? 17.140  -2.661  6.538   1.00 37.13 ? 12   THR A CB  1 
ATOM   101  O  OG1 . THR A 1 12 ? 17.607  -3.411  5.407   1.00 40.00 ? 12   THR A OG1 1 
ATOM   102  C  CG2 . THR A 1 12 ? 17.526  -3.437  7.786   1.00 40.99 ? 12   THR A CG2 1 
ATOM   103  N  N   . ILE A 1 13 ? 14.434  -2.726  8.543   1.00 18.93 ? 13   ILE A N   1 
ATOM   104  C  CA  . ILE A 1 13 ? 13.970  -2.190  9.812   1.00 22.10 ? 13   ILE A CA  1 
ATOM   105  C  C   . ILE A 1 13 ? 14.689  -2.937  10.933  1.00 27.56 ? 13   ILE A C   1 
ATOM   106  O  O   . ILE A 1 13 ? 15.237  -4.004  10.675  1.00 30.56 ? 13   ILE A O   1 
ATOM   107  C  CB  . ILE A 1 13 ? 12.449  -2.339  9.960   1.00 28.40 ? 13   ILE A CB  1 
ATOM   108  C  CG1 . ILE A 1 13 ? 11.945  -3.780  9.841   1.00 29.08 ? 13   ILE A CG1 1 
ATOM   109  C  CG2 . ILE A 1 13 ? 11.724  -1.459  8.957   1.00 38.88 ? 13   ILE A CG2 1 
ATOM   110  C  CD1 . ILE A 1 13 ? 10.580  -3.975  10.463  1.00 30.64 ? 13   ILE A CD1 1 
ATOM   111  N  N   . LYS A 1 14 ? 14.679  -2.407  12.142  1.00 28.21 ? 14   LYS A N   1 
ATOM   112  C  CA  . LYS A 1 14 ? 15.185  -3.151  13.294  1.00 29.07 ? 14   LYS A CA  1 
ATOM   113  C  C   . LYS A 1 14 ? 14.117  -3.110  14.374  1.00 26.47 ? 14   LYS A C   1 
ATOM   114  O  O   . LYS A 1 14 ? 13.604  -2.040  14.720  1.00 28.30 ? 14   LYS A O   1 
ATOM   115  C  CB  . LYS A 1 14 ? 16.498  -2.608  13.813  1.00 38.11 ? 14   LYS A CB  1 
ATOM   116  N  N   . ILE A 1 15 ? 13.785  -4.289  14.870  1.00 25.65 ? 15   ILE A N   1 
ATOM   117  C  CA  . ILE A 1 15 ? 12.729  -4.404  15.862  1.00 25.94 ? 15   ILE A CA  1 
ATOM   118  C  C   . ILE A 1 15 ? 12.956  -5.677  16.662  1.00 23.18 ? 15   ILE A C   1 
ATOM   119  O  O   . ILE A 1 15 ? 13.293  -6.691  16.063  1.00 25.51 ? 15   ILE A O   1 
ATOM   120  C  CB  . ILE A 1 15 ? 11.326  -4.454  15.237  1.00 29.79 ? 15   ILE A CB  1 
ATOM   121  C  CG1 . ILE A 1 15 ? 10.217  -4.745  16.247  1.00 22.88 ? 15   ILE A CG1 1 
ATOM   122  C  CG2 . ILE A 1 15 ? 11.299  -5.444  14.087  1.00 32.55 ? 15   ILE A CG2 1 
ATOM   123  C  CD1 . ILE A 1 15 ? 8.826   -4.686  15.651  1.00 28.41 ? 15   ILE A CD1 1 
ATOM   124  N  N   . GLY A 1 16 ? 12.781  -5.568  17.970  1.00 34.23 ? 16   GLY A N   1 
ATOM   125  C  CA  . GLY A 1 16 ? 13.048  -6.702  18.849  1.00 39.53 ? 16   GLY A CA  1 
ATOM   126  C  C   . GLY A 1 16 ? 14.484  -7.170  18.710  1.00 41.65 ? 16   GLY A C   1 
ATOM   127  O  O   . GLY A 1 16 ? 14.773  -8.349  18.896  1.00 49.49 ? 16   GLY A O   1 
ATOM   128  N  N   . GLY A 1 17 ? 15.370  -6.236  18.372  1.00 42.88 ? 17   GLY A N   1 
ATOM   129  C  CA  . GLY A 1 17 ? 16.771  -6.543  18.159  1.00 41.26 ? 17   GLY A CA  1 
ATOM   130  C  C   . GLY A 1 17 ? 16.972  -7.318  16.869  1.00 45.45 ? 17   GLY A C   1 
ATOM   131  O  O   . GLY A 1 17 ? 18.068  -7.792  16.576  1.00 54.95 ? 17   GLY A O   1 
ATOM   132  N  N   . GLN A 1 18 ? 15.908  -7.447  16.086  1.00 43.63 ? 18   GLN A N   1 
ATOM   133  C  CA  . GLN A 1 18 ? 15.937  -8.218  14.853  1.00 42.80 ? 18   GLN A CA  1 
ATOM   134  C  C   . GLN A 1 18 ? 16.059  -7.303  13.646  1.00 33.46 ? 18   GLN A C   1 
ATOM   135  O  O   . GLN A 1 18 ? 15.434  -6.243  13.617  1.00 36.17 ? 18   GLN A O   1 
ATOM   136  C  CB  . GLN A 1 18 ? 14.658  -9.062  14.751  1.00 51.43 ? 18   GLN A CB  1 
ATOM   137  C  CG  . GLN A 1 18 ? 14.689  -10.384 15.496  1.00 57.98 ? 18   GLN A CG  1 
ATOM   138  C  CD  . GLN A 1 18 ? 13.324  -11.014 15.698  1.00 62.72 ? 18   GLN A CD  1 
ATOM   139  O  OE1 . GLN A 1 18 ? 12.664  -10.800 16.720  1.00 70.88 ? 18   GLN A OE1 1 
ATOM   140  N  NE2 . GLN A 1 18 ? 12.864  -11.811 14.736  1.00 28.39 ? 18   GLN A NE2 1 
ATOM   141  N  N   . LEU A 1 19 ? 16.839  -7.673  12.637  1.00 32.79 ? 19   LEU A N   1 
ATOM   142  C  CA  . LEU A 1 19 ? 16.772  -6.900  11.392  1.00 34.81 ? 19   LEU A CA  1 
ATOM   143  C  C   . LEU A 1 19 ? 15.742  -7.574  10.484  1.00 43.58 ? 19   LEU A C   1 
ATOM   144  O  O   . LEU A 1 19 ? 15.671  -8.807  10.454  1.00 43.17 ? 19   LEU A O   1 
ATOM   145  C  CB  . LEU A 1 19 ? 18.124  -6.775  10.711  1.00 40.86 ? 19   LEU A CB  1 
ATOM   146  C  CG  . LEU A 1 19 ? 19.192  -5.904  11.376  1.00 50.41 ? 19   LEU A CG  1 
ATOM   147  C  CD1 . LEU A 1 19 ? 20.495  -5.962  10.586  1.00 47.29 ? 19   LEU A CD1 1 
ATOM   148  C  CD2 . LEU A 1 19 ? 18.751  -4.453  11.521  1.00 50.55 ? 19   LEU A CD2 1 
ATOM   149  N  N   . LYS A 1 20 ? 14.939  -6.790  9.771   1.00 35.90 ? 20   LYS A N   1 
ATOM   150  C  CA  . LYS A 1 20 ? 13.937  -7.350  8.870   1.00 27.39 ? 20   LYS A CA  1 
ATOM   151  C  C   . LYS A 1 20 ? 13.790  -6.480  7.627   1.00 27.73 ? 20   LYS A C   1 
ATOM   152  O  O   . LYS A 1 20 ? 14.096  -5.290  7.614   1.00 31.52 ? 20   LYS A O   1 
ATOM   153  C  CB  . LYS A 1 20 ? 12.593  -7.525  9.578   1.00 29.41 ? 20   LYS A CB  1 
ATOM   154  C  CG  . LYS A 1 20 ? 12.607  -8.582  10.668  1.00 33.69 ? 20   LYS A CG  1 
ATOM   155  C  CD  . LYS A 1 20 ? 11.276  -8.784  11.354  1.00 36.75 ? 20   LYS A CD  1 
ATOM   156  C  CE  . LYS A 1 20 ? 10.574  -10.058 10.937  1.00 50.71 ? 20   LYS A CE  1 
ATOM   157  N  NZ  . LYS A 1 20 ? 10.856  -11.233 11.808  1.00 44.11 ? 20   LYS A NZ  1 
ATOM   158  N  N   . GLU A 1 21 ? 13.320  -7.085  6.545   1.00 29.09 ? 21   GLU A N   1 
ATOM   159  C  CA  . GLU A 1 21 ? 13.036  -6.335  5.321   1.00 22.00 ? 21   GLU A CA  1 
ATOM   160  C  C   . GLU A 1 21 ? 11.549  -6.015  5.303   1.00 24.92 ? 21   GLU A C   1 
ATOM   161  O  O   . GLU A 1 21 ? 10.779  -6.912  5.646   1.00 21.38 ? 21   GLU A O   1 
ATOM   162  C  CB  . GLU A 1 21 ? 13.415  -7.145  4.095   1.00 24.98 ? 21   GLU A CB  1 
ATOM   163  C  CG  . GLU A 1 21 ? 13.028  -6.500  2.773   1.00 43.13 ? 21   GLU A CG  1 
ATOM   164  C  CD  . GLU A 1 21 ? 13.729  -7.111  1.573   1.00 59.34 ? 21   GLU A CD  1 
ATOM   165  O  OE1 . GLU A 1 21 ? 14.669  -6.484  1.029   1.00 54.30 ? 21   GLU A OE1 1 
ATOM   166  O  OE2 . GLU A 1 21 ? 13.337  -8.227  1.165   1.00 65.29 ? 21   GLU A OE2 1 
ATOM   167  N  N   . ALA A 1 22 ? 11.156  -4.801  4.942   1.00 25.72 ? 22   ALA A N   1 
ATOM   168  C  CA  . ALA A 1 22 ? 9.734   -4.473  4.955   1.00 21.54 ? 22   ALA A CA  1 
ATOM   169  C  C   . ALA A 1 22 ? 9.390   -3.459  3.861   1.00 21.67 ? 22   ALA A C   1 
ATOM   170  O  O   . ALA A 1 22 ? 10.257  -2.688  3.453   1.00 25.64 ? 22   ALA A O   1 
ATOM   171  C  CB  . ALA A 1 22 ? 9.310   -3.952  6.322   1.00 24.62 ? 22   ALA A CB  1 
ATOM   172  N  N   . LEU A 1 23 ? 8.136   -3.501  3.428   1.00 23.67 ? 23   LEU A N   1 
ATOM   173  C  CA  . LEU A 1 23 ? 7.540   -2.682  2.388   1.00 21.30 ? 23   LEU A CA  1 
ATOM   174  C  C   . LEU A 1 23 ? 6.988   -1.377  2.911   1.00 22.24 ? 23   LEU A C   1 
ATOM   175  O  O   . LEU A 1 23 ? 6.133   -1.405  3.802   1.00 21.79 ? 23   LEU A O   1 
ATOM   176  C  CB  . LEU A 1 23 ? 6.401   -3.492  1.758   1.00 22.04 ? 23   LEU A CB  1 
ATOM   177  C  CG  . LEU A 1 23 ? 5.824   -2.983  0.447   1.00 23.82 ? 23   LEU A CG  1 
ATOM   178  C  CD1 . LEU A 1 23 ? 6.879   -2.856  -0.636  1.00 25.98 ? 23   LEU A CD1 1 
ATOM   179  C  CD2 . LEU A 1 23 ? 4.709   -3.921  -0.001  1.00 24.19 ? 23   LEU A CD2 1 
ATOM   180  N  N   . LEU A 1 24 ? 7.427   -0.228  2.405   1.00 22.16 ? 24   LEU A N   1 
ATOM   181  C  CA  . LEU A 1 24 ? 6.771   1.012   2.831   1.00 22.99 ? 24   LEU A CA  1 
ATOM   182  C  C   . LEU A 1 24 ? 5.460   1.169   2.066   1.00 21.68 ? 24   LEU A C   1 
ATOM   183  O  O   . LEU A 1 24 ? 5.450   1.352   0.846   1.00 26.58 ? 24   LEU A O   1 
ATOM   184  C  CB  . LEU A 1 24 ? 7.621   2.247   2.597   1.00 26.84 ? 24   LEU A CB  1 
ATOM   185  C  CG  . LEU A 1 24 ? 9.052   2.239   3.120   1.00 24.92 ? 24   LEU A CG  1 
ATOM   186  C  CD1 . LEU A 1 24 ? 9.795   3.469   2.611   1.00 28.25 ? 24   LEU A CD1 1 
ATOM   187  C  CD2 . LEU A 1 24 ? 9.073   2.178   4.636   1.00 27.45 ? 24   LEU A CD2 1 
ATOM   188  N  N   . ASP A 1 25 ? 4.366   1.071   2.803   1.00 24.36 ? 25   ASP A N   1 
ATOM   189  C  CA  . ASP A 1 25 ? 3.038   0.933   2.229   1.00 23.71 ? 25   ASP A CA  1 
ATOM   190  C  C   . ASP A 1 25 ? 2.090   2.062   2.622   1.00 29.76 ? 25   ASP A C   1 
ATOM   191  O  O   . ASP A 1 25 ? 1.490   2.029   3.696   1.00 21.37 ? 25   ASP A O   1 
ATOM   192  C  CB  . ASP A 1 25 ? 2.478   -0.420  2.687   1.00 23.78 ? 25   ASP A CB  1 
ATOM   193  C  CG  . ASP A 1 25 ? 1.196   -0.790  1.970   1.00 24.48 ? 25   ASP A CG  1 
ATOM   194  O  OD1 . ASP A 1 25 ? 0.536   0.091   1.382   1.00 27.88 ? 25   ASP A OD1 1 
ATOM   195  O  OD2 . ASP A 1 25 ? 0.842   -1.985  1.985   1.00 22.90 ? 25   ASP A OD2 1 
ATOM   196  N  N   . THR A 1 26 ? 1.942   3.060   1.748   1.00 24.67 ? 26   THR A N   1 
ATOM   197  C  CA  . THR A 1 26 ? 1.121   4.229   2.021   1.00 18.86 ? 26   THR A CA  1 
ATOM   198  C  C   . THR A 1 26 ? -0.357  3.871   2.116   1.00 18.08 ? 26   THR A C   1 
ATOM   199  O  O   . THR A 1 26 ? -1.145  4.676   2.614   1.00 22.73 ? 26   THR A O   1 
ATOM   200  C  CB  . THR A 1 26 ? 1.272   5.325   0.954   1.00 17.36 ? 26   THR A CB  1 
ATOM   201  O  OG1 . THR A 1 26 ? 1.083   4.782   -0.359  1.00 17.59 ? 26   THR A OG1 1 
ATOM   202  C  CG2 . THR A 1 26 ? 2.678   5.906   0.984   1.00 18.88 ? 26   THR A CG2 1 
ATOM   203  N  N   . GLY A 1 27 ? -0.695  2.688   1.632   1.00 18.37 ? 27   GLY A N   1 
ATOM   204  C  CA  . GLY A 1 27 ? -2.076  2.225   1.604   1.00 22.53 ? 27   GLY A CA  1 
ATOM   205  C  C   . GLY A 1 27 ? -2.450  1.440   2.843   1.00 22.30 ? 27   GLY A C   1 
ATOM   206  O  O   . GLY A 1 27 ? -3.597  1.024   3.031   1.00 29.22 ? 27   GLY A O   1 
ATOM   207  N  N   . ALA A 1 28 ? -1.475  1.219   3.720   1.00 26.63 ? 28   ALA A N   1 
ATOM   208  C  CA  . ALA A 1 28 ? -1.725  0.474   4.945   1.00 19.63 ? 28   ALA A CA  1 
ATOM   209  C  C   . ALA A 1 28 ? -1.862  1.425   6.121   1.00 16.21 ? 28   ALA A C   1 
ATOM   210  O  O   . ALA A 1 28 ? -1.004  2.276   6.364   1.00 19.24 ? 28   ALA A O   1 
ATOM   211  C  CB  . ALA A 1 28 ? -0.607  -0.515  5.220   1.00 17.19 ? 28   ALA A CB  1 
ATOM   212  N  N   . ASP A 1 29 ? -2.965  1.259   6.844   1.00 23.38 ? 29   ASP A N   1 
ATOM   213  C  CA  . ASP A 1 29 ? -3.180  2.101   8.015   1.00 17.13 ? 29   ASP A CA  1 
ATOM   214  C  C   . ASP A 1 29 ? -2.129  1.815   9.081   1.00 18.78 ? 29   ASP A C   1 
ATOM   215  O  O   . ASP A 1 29 ? -1.591  2.719   9.712   1.00 22.63 ? 29   ASP A O   1 
ATOM   216  C  CB  . ASP A 1 29 ? -4.570  1.894   8.607   1.00 22.82 ? 29   ASP A CB  1 
ATOM   217  C  CG  . ASP A 1 29 ? -5.731  2.335   7.756   1.00 33.05 ? 29   ASP A CG  1 
ATOM   218  O  OD1 . ASP A 1 29 ? -5.580  3.159   6.825   1.00 22.27 ? 29   ASP A OD1 1 
ATOM   219  O  OD2 . ASP A 1 29 ? -6.842  1.823   8.037   1.00 32.08 ? 29   ASP A OD2 1 
ATOM   220  N  N   . ASP A 1 30 ? -1.836  0.535   9.285   1.00 20.75 ? 30   ASP A N   1 
ATOM   221  C  CA  . ASP A 1 30 ? -0.942  0.099   10.334  1.00 17.48 ? 30   ASP A CA  1 
ATOM   222  C  C   . ASP A 1 30 ? 0.123   -0.881  9.862   1.00 24.78 ? 30   ASP A C   1 
ATOM   223  O  O   . ASP A 1 30 ? -0.080  -1.625  8.906   1.00 22.43 ? 30   ASP A O   1 
ATOM   224  C  CB  . ASP A 1 30 ? -1.724  -0.626  11.436  1.00 29.17 ? 30   ASP A CB  1 
ATOM   225  C  CG  . ASP A 1 30 ? -2.634  0.321   12.200  1.00 32.96 ? 30   ASP A CG  1 
ATOM   226  O  OD1 . ASP A 1 30 ? -2.093  1.270   12.802  1.00 31.29 ? 30   ASP A OD1 1 
ATOM   227  O  OD2 . ASP A 1 30 ? -3.856  0.078   12.171  1.00 35.72 ? 30   ASP A OD2 1 
ATOM   228  N  N   . THR A 1 31 ? 1.239   -0.865  10.574  1.00 28.08 ? 31   THR A N   1 
ATOM   229  C  CA  . THR A 1 31 ? 2.348   -1.785  10.345  1.00 24.21 ? 31   THR A CA  1 
ATOM   230  C  C   . THR A 1 31 ? 1.947   -3.208  10.692  1.00 23.55 ? 31   THR A C   1 
ATOM   231  O  O   . THR A 1 31 ? 1.356   -3.432  11.753  1.00 19.23 ? 31   THR A O   1 
ATOM   232  C  CB  . THR A 1 31 ? 3.549   -1.341  11.198  1.00 20.64 ? 31   THR A CB  1 
ATOM   233  O  OG1 . THR A 1 31 ? 3.963   -0.047  10.714  1.00 24.99 ? 31   THR A OG1 1 
ATOM   234  C  CG2 . THR A 1 31 ? 4.734   -2.264  11.046  1.00 21.92 ? 31   THR A CG2 1 
ATOM   235  N  N   . VAL A 1 32 ? 2.255   -4.163  9.822   1.00 18.78 ? 32   VAL A N   1 
ATOM   236  C  CA  . VAL A 1 32 ? 1.979   -5.563  10.157  1.00 18.36 ? 32   VAL A CA  1 
ATOM   237  C  C   . VAL A 1 32 ? 3.158   -6.400  9.683   1.00 22.04 ? 32   VAL A C   1 
ATOM   238  O  O   . VAL A 1 32 ? 3.589   -6.318  8.532   1.00 19.96 ? 32   VAL A O   1 
ATOM   239  C  CB  . VAL A 1 32 ? 0.662   -6.102  9.581   1.00 22.61 ? 32   VAL A CB  1 
ATOM   240  C  CG1 . VAL A 1 32 ? 0.566   -5.862  8.087   1.00 26.30 ? 32   VAL A CG1 1 
ATOM   241  C  CG2 . VAL A 1 32 ? 0.506   -7.595  9.881   1.00 19.36 ? 32   VAL A CG2 1 
ATOM   242  N  N   . LEU A 1 33 ? 3.676   -7.188  10.618  1.00 19.77 ? 33   LEU A N   1 
ATOM   243  C  CA  . LEU A 1 33 ? 4.849   -8.014  10.360  1.00 20.57 ? 33   LEU A CA  1 
ATOM   244  C  C   . LEU A 1 33 ? 4.514   -9.497  10.479  1.00 25.01 ? 33   LEU A C   1 
ATOM   245  O  O   . LEU A 1 33 ? 3.575   -9.894  11.176  1.00 21.48 ? 33   LEU A O   1 
ATOM   246  C  CB  . LEU A 1 33 ? 5.972   -7.642  11.333  1.00 22.66 ? 33   LEU A CB  1 
ATOM   247  C  CG  . LEU A 1 33 ? 6.433   -6.181  11.288  1.00 20.68 ? 33   LEU A CG  1 
ATOM   248  C  CD1 . LEU A 1 33 ? 7.472   -5.899  12.359  1.00 19.28 ? 33   LEU A CD1 1 
ATOM   249  C  CD2 . LEU A 1 33 ? 6.949   -5.891  9.892   1.00 20.78 ? 33   LEU A CD2 1 
ATOM   250  N  N   . GLU A 1 34 ? 5.292   -10.328 9.801   1.00 20.60 ? 34   GLU A N   1 
ATOM   251  C  CA  . GLU A 1 34 ? 5.158   -11.781 9.934   1.00 21.26 ? 34   GLU A CA  1 
ATOM   252  C  C   . GLU A 1 34 ? 5.393   -12.222 11.372  1.00 27.40 ? 34   GLU A C   1 
ATOM   253  O  O   . GLU A 1 34 ? 5.938   -11.452 12.175  1.00 19.99 ? 34   GLU A O   1 
ATOM   254  C  CB  . GLU A 1 34 ? 6.128   -12.440 8.948   1.00 26.48 ? 34   GLU A CB  1 
ATOM   255  C  CG  . GLU A 1 34 ? 7.561   -12.480 9.438   1.00 37.66 ? 34   GLU A CG  1 
ATOM   256  C  CD  . GLU A 1 34 ? 8.585   -12.277 8.336   1.00 44.68 ? 34   GLU A CD  1 
ATOM   257  O  OE1 . GLU A 1 34 ? 8.342   -12.708 7.190   1.00 40.06 ? 34   GLU A OE1 1 
ATOM   258  O  OE2 . GLU A 1 34 ? 9.644   -11.682 8.637   1.00 32.28 ? 34   GLU A OE2 1 
ATOM   259  N  N   . GLU A 1 35 ? 4.987   -13.435 11.738  1.00 24.33 ? 35   GLU A N   1 
ATOM   260  C  CA  . GLU A 1 35 ? 5.075   -13.907 13.106  1.00 23.26 ? 35   GLU A CA  1 
ATOM   261  C  C   . GLU A 1 35 ? 6.455   -13.695 13.735  1.00 21.76 ? 35   GLU A C   1 
ATOM   262  O  O   . GLU A 1 35 ? 7.484   -14.004 13.137  1.00 18.67 ? 35   GLU A O   1 
ATOM   263  C  CB  . GLU A 1 35 ? 4.732   -15.406 13.219  1.00 28.58 ? 35   GLU A CB  1 
ATOM   264  C  CG  . GLU A 1 35 ? 3.234   -15.642 13.141  1.00 28.79 ? 35   GLU A CG  1 
ATOM   265  C  CD  . GLU A 1 35 ? 2.501   -15.080 14.344  1.00 29.90 ? 35   GLU A CD  1 
ATOM   266  O  OE1 . GLU A 1 35 ? 3.150   -14.807 15.375  1.00 28.82 ? 35   GLU A OE1 1 
ATOM   267  O  OE2 . GLU A 1 35 ? 1.271   -14.914 14.226  1.00 40.10 ? 35   GLU A OE2 1 
ATOM   268  N  N   . MET A 1 36 ? 6.428   -13.137 14.937  1.00 24.20 ? 36   MET A N   1 
ATOM   269  C  CA  . MET A 1 36 ? 7.566   -12.832 15.772  1.00 26.88 ? 36   MET A CA  1 
ATOM   270  C  C   . MET A 1 36 ? 7.084   -12.611 17.208  1.00 25.92 ? 36   MET A C   1 
ATOM   271  O  O   . MET A 1 36 ? 5.895   -12.430 17.467  1.00 23.41 ? 36   MET A O   1 
ATOM   272  C  CB  . MET A 1 36 ? 8.325   -11.601 15.273  1.00 29.08 ? 36   MET A CB  1 
ATOM   273  C  CG  . MET A 1 36 ? 7.547   -10.298 15.379  1.00 25.42 ? 36   MET A CG  1 
ATOM   274  S  SD  . MET A 1 36 ? 8.519   -8.849  14.900  1.00 27.63 ? 36   MET A SD  1 
ATOM   275  C  CE  . MET A 1 36 ? 9.836   -8.939  16.107  1.00 28.01 ? 36   MET A CE  1 
ATOM   276  N  N   . SER A 1 37 ? 8.061   -12.630 18.095  1.00 22.15 ? 37   SER A N   1 
ATOM   277  C  CA  . SER A 1 37 ? 7.863   -12.286 19.485  1.00 26.89 ? 37   SER A CA  1 
ATOM   278  C  C   . SER A 1 37 ? 8.005   -10.779 19.678  1.00 25.52 ? 37   SER A C   1 
ATOM   279  O  O   . SER A 1 37 ? 8.908   -10.183 19.104  1.00 26.53 ? 37   SER A O   1 
ATOM   280  C  CB  . SER A 1 37 ? 8.877   -13.002 20.388  1.00 32.07 ? 37   SER A CB  1 
ATOM   281  O  OG  . SER A 1 37 ? 8.508   -14.363 20.535  1.00 45.86 ? 37   SER A OG  1 
ATOM   282  N  N   . LEU A 1 38 ? 7.112   -10.221 20.475  1.00 18.24 ? 38   LEU A N   1 
ATOM   283  C  CA  . LEU A 1 38 ? 7.162   -8.842  20.922  1.00 24.00 ? 38   LEU A CA  1 
ATOM   284  C  C   . LEU A 1 38 ? 6.731   -8.817  22.392  1.00 31.03 ? 38   LEU A C   1 
ATOM   285  O  O   . LEU A 1 38 ? 5.887   -9.592  22.837  1.00 24.66 ? 38   LEU A O   1 
ATOM   286  C  CB  . LEU A 1 38 ? 6.291   -7.897  20.103  1.00 26.50 ? 38   LEU A CB  1 
ATOM   287  C  CG  . LEU A 1 38 ? 6.758   -7.506  18.700  1.00 28.87 ? 38   LEU A CG  1 
ATOM   288  C  CD1 . LEU A 1 38 ? 5.785   -6.526  18.049  1.00 25.10 ? 38   LEU A CD1 1 
ATOM   289  C  CD2 . LEU A 1 38 ? 8.158   -6.913  18.728  1.00 30.88 ? 38   LEU A CD2 1 
ATOM   290  N  N   . PRO A 1 39 ? 7.336   -7.884  23.108  1.00 37.51 ? 39   PRO A N   1 
ATOM   291  C  CA  . PRO A 1 39 ? 7.139   -7.772  24.551  1.00 38.78 ? 39   PRO A CA  1 
ATOM   292  C  C   . PRO A 1 39 ? 5.885   -6.976  24.873  1.00 32.00 ? 39   PRO A C   1 
ATOM   293  O  O   . PRO A 1 39 ? 5.534   -6.089  24.090  1.00 30.24 ? 39   PRO A O   1 
ATOM   294  C  CB  . PRO A 1 39 ? 8.363   -6.947  24.972  1.00 38.36 ? 39   PRO A CB  1 
ATOM   295  C  CG  . PRO A 1 39 ? 8.557   -6.029  23.807  1.00 36.21 ? 39   PRO A CG  1 
ATOM   296  C  CD  . PRO A 1 39 ? 8.240   -6.845  22.591  1.00 34.05 ? 39   PRO A CD  1 
ATOM   297  N  N   . GLY A 1 40 ? 5.265   -7.305  25.998  1.00 29.58 ? 40   GLY A N   1 
ATOM   298  C  CA  . GLY A 1 40 ? 4.162   -6.507  26.492  1.00 27.89 ? 40   GLY A CA  1 
ATOM   299  C  C   . GLY A 1 40 ? 2.805   -7.076  26.159  1.00 26.26 ? 40   GLY A C   1 
ATOM   300  O  O   . GLY A 1 40 ? 2.697   -8.214  25.712  1.00 32.33 ? 40   GLY A O   1 
ATOM   301  N  N   . ARG A 1 41 ? 1.779   -6.267  26.378  1.00 27.78 ? 41   ARG A N   1 
ATOM   302  C  CA  . ARG A 1 41 ? 0.407   -6.684  26.134  1.00 29.18 ? 41   ARG A CA  1 
ATOM   303  C  C   . ARG A 1 41 ? 0.031   -6.574  24.658  1.00 21.26 ? 41   ARG A C   1 
ATOM   304  O  O   . ARG A 1 41 ? 0.621   -5.808  23.896  1.00 25.55 ? 41   ARG A O   1 
ATOM   305  C  CB  . ARG A 1 41 ? -0.563  -5.847  26.957  1.00 27.42 ? 41   ARG A CB  1 
ATOM   306  N  N   . TRP A 1 42 ? -0.981  -7.354  24.294  1.00 23.36 ? 42   TRP A N   1 
ATOM   307  C  CA  . TRP A 1 42 ? -1.490  -7.376  22.932  1.00 24.97 ? 42   TRP A CA  1 
ATOM   308  C  C   . TRP A 1 42 ? -2.978  -7.690  22.939  1.00 30.65 ? 42   TRP A C   1 
ATOM   309  O  O   . TRP A 1 42 ? -3.492  -8.244  23.909  1.00 31.60 ? 42   TRP A O   1 
ATOM   310  C  CB  . TRP A 1 42 ? -0.739  -8.405  22.076  1.00 21.31 ? 42   TRP A CB  1 
ATOM   311  C  CG  . TRP A 1 42 ? -0.910  -9.822  22.521  1.00 28.56 ? 42   TRP A CG  1 
ATOM   312  C  CD1 . TRP A 1 42 ? -0.100  -10.526 23.367  1.00 30.93 ? 42   TRP A CD1 1 
ATOM   313  C  CD2 . TRP A 1 42 ? -1.960  -10.722 22.142  1.00 27.41 ? 42   TRP A CD2 1 
ATOM   314  N  NE1 . TRP A 1 42 ? -0.581  -11.801 23.536  1.00 27.60 ? 42   TRP A NE1 1 
ATOM   315  C  CE2 . TRP A 1 42 ? -1.719  -11.946 22.795  1.00 25.84 ? 42   TRP A CE2 1 
ATOM   316  C  CE3 . TRP A 1 42 ? -3.074  -10.588 21.307  1.00 28.80 ? 42   TRP A CE3 1 
ATOM   317  C  CZ2 . TRP A 1 42 ? -2.558  -13.047 22.645  1.00 29.04 ? 42   TRP A CZ2 1 
ATOM   318  C  CZ3 . TRP A 1 42 ? -3.903  -11.682 21.159  1.00 34.15 ? 42   TRP A CZ3 1 
ATOM   319  C  CH2 . TRP A 1 42 ? -3.637  -12.885 21.822  1.00 33.92 ? 42   TRP A CH2 1 
ATOM   320  N  N   . LYS A 1 43 ? -3.651  -7.351  21.848  1.00 35.47 ? 43   LYS A N   1 
ATOM   321  C  CA  . LYS A 1 43 ? -5.061  -7.712  21.723  1.00 34.45 ? 43   LYS A CA  1 
ATOM   322  C  C   . LYS A 1 43 ? -5.349  -8.132  20.284  1.00 29.74 ? 43   LYS A C   1 
ATOM   323  O  O   . LYS A 1 43 ? -4.684  -7.638  19.369  1.00 24.59 ? 43   LYS A O   1 
ATOM   324  C  CB  . LYS A 1 43 ? -5.950  -6.570  22.173  1.00 34.96 ? 43   LYS A CB  1 
ATOM   325  C  CG  . LYS A 1 43 ? -5.859  -5.267  21.394  1.00 38.02 ? 43   LYS A CG  1 
ATOM   326  C  CD  . LYS A 1 43 ? -6.537  -4.166  22.203  1.00 43.20 ? 43   LYS A CD  1 
ATOM   327  C  CE  . LYS A 1 43 ? -6.658  -2.858  21.441  1.00 51.56 ? 43   LYS A CE  1 
ATOM   328  N  NZ  . LYS A 1 43 ? -6.514  -1.699  22.372  1.00 64.09 ? 43   LYS A NZ  1 
ATOM   329  N  N   . PRO A 1 44 ? -6.309  -9.030  20.101  1.00 24.06 ? 44   PRO A N   1 
ATOM   330  C  CA  . PRO A 1 44 ? -6.534  -9.580  18.760  1.00 25.68 ? 44   PRO A CA  1 
ATOM   331  C  C   . PRO A 1 44 ? -7.284  -8.564  17.906  1.00 27.05 ? 44   PRO A C   1 
ATOM   332  O  O   . PRO A 1 44 ? -8.006  -7.707  18.405  1.00 24.06 ? 44   PRO A O   1 
ATOM   333  C  CB  . PRO A 1 44 ? -7.350  -10.840 19.009  1.00 31.72 ? 44   PRO A CB  1 
ATOM   334  C  CG  . PRO A 1 44 ? -7.975  -10.675 20.347  1.00 34.72 ? 44   PRO A CG  1 
ATOM   335  C  CD  . PRO A 1 44 ? -7.251  -9.592  21.083  1.00 33.99 ? 44   PRO A CD  1 
ATOM   336  N  N   . LYS A 1 45 ? -7.060  -8.714  16.613  1.00 24.13 ? 45   LYS A N   1 
ATOM   337  C  CA  . LYS A 1 45 ? -7.559  -7.856  15.563  1.00 24.93 ? 45   LYS A CA  1 
ATOM   338  C  C   . LYS A 1 45 ? -7.699  -8.661  14.279  1.00 24.31 ? 45   LYS A C   1 
ATOM   339  O  O   . LYS A 1 45 ? -6.912  -9.587  14.068  1.00 25.69 ? 45   LYS A O   1 
ATOM   340  C  CB  . LYS A 1 45 ? -6.570  -6.707  15.331  1.00 34.37 ? 45   LYS A CB  1 
ATOM   341  C  CG  . LYS A 1 45 ? -7.120  -5.512  14.573  1.00 36.00 ? 45   LYS A CG  1 
ATOM   342  C  CD  . LYS A 1 45 ? -6.019  -4.512  14.266  1.00 35.27 ? 45   LYS A CD  1 
ATOM   343  C  CE  . LYS A 1 45 ? -6.479  -3.451  13.290  1.00 44.71 ? 45   LYS A CE  1 
ATOM   344  N  NZ  . LYS A 1 45 ? -7.622  -2.644  13.808  1.00 35.96 ? 45   LYS A NZ  1 
ATOM   345  N  N   . MET A 1 46 ? -8.666  -8.293  13.456  1.00 19.98 ? 46   MET A N   1 
ATOM   346  C  CA  . MET A 1 46 ? -8.784  -8.858  12.118  1.00 20.69 ? 46   MET A CA  1 
ATOM   347  C  C   . MET A 1 46 ? -8.439  -7.755  11.124  1.00 25.60 ? 46   MET A C   1 
ATOM   348  O  O   . MET A 1 46 ? -8.983  -6.651  11.223  1.00 26.99 ? 46   MET A O   1 
ATOM   349  C  CB  . MET A 1 46 ? -10.180 -9.404  11.832  1.00 25.46 ? 46   MET A CB  1 
ATOM   350  C  CG  . MET A 1 46 ? -10.572 -10.564 12.743  1.00 30.14 ? 46   MET A CG  1 
ATOM   351  S  SD  . MET A 1 46 ? -9.635  -12.034 12.280  1.00 35.03 ? 46   MET A SD  1 
ATOM   352  C  CE  . MET A 1 46 ? -10.344 -12.385 10.674  1.00 90.96 ? 46   MET A CE  1 
ATOM   353  N  N   . ILE A 1 47 ? -7.544  -8.041  10.192  1.00 26.16 ? 47   ILE A N   1 
ATOM   354  C  CA  . ILE A 1 47 ? -7.293  -7.077  9.124   1.00 22.25 ? 47   ILE A CA  1 
ATOM   355  C  C   . ILE A 1 47 ? -7.542  -7.803  7.813   1.00 27.21 ? 47   ILE A C   1 
ATOM   356  O  O   . ILE A 1 47 ? -7.370  -9.021  7.741   1.00 28.86 ? 47   ILE A O   1 
ATOM   357  C  CB  . ILE A 1 47 ? -5.880  -6.490  9.151   1.00 24.12 ? 47   ILE A CB  1 
ATOM   358  C  CG1 . ILE A 1 47 ? -4.775  -7.551  9.081   1.00 31.03 ? 47   ILE A CG1 1 
ATOM   359  C  CG2 . ILE A 1 47 ? -5.702  -5.595  10.372  1.00 23.95 ? 47   ILE A CG2 1 
ATOM   360  C  CD1 . ILE A 1 47 ? -3.377  -6.961  9.042   1.00 29.78 ? 47   ILE A CD1 1 
ATOM   361  N  N   . GLY A 1 48 ? -7.962  -7.090  6.770   1.00 33.97 ? 48   GLY A N   1 
ATOM   362  C  CA  . GLY A 1 48 ? -8.183  -7.858  5.545   1.00 35.35 ? 48   GLY A CA  1 
ATOM   363  C  C   . GLY A 1 48 ? -8.312  -6.945  4.343   1.00 29.94 ? 48   GLY A C   1 
ATOM   364  O  O   . GLY A 1 48 ? -8.103  -5.744  4.455   1.00 22.39 ? 48   GLY A O   1 
ATOM   365  N  N   . GLY A 1 49 ? -8.664  -7.532  3.211   1.00 29.87 ? 49   GLY A N   1 
ATOM   366  C  CA  . GLY A 1 49 ? -8.924  -6.788  1.988   1.00 31.76 ? 49   GLY A CA  1 
ATOM   367  C  C   . GLY A 1 49 ? -8.889  -7.751  0.821   1.00 29.83 ? 49   GLY A C   1 
ATOM   368  O  O   . GLY A 1 49 ? -9.658  -8.707  0.775   1.00 40.65 ? 49   GLY A O   1 
ATOM   369  N  N   . ILE A 1 50 ? -7.972  -7.513  -0.113  1.00 27.12 ? 50   ILE A N   1 
ATOM   370  C  CA  . ILE A 1 50 ? -7.927  -8.431  -1.251  1.00 22.17 ? 50   ILE A CA  1 
ATOM   371  C  C   . ILE A 1 50 ? -7.576  -9.839  -0.824  1.00 25.90 ? 50   ILE A C   1 
ATOM   372  O  O   . ILE A 1 50 ? -6.564  -10.118 -0.179  1.00 28.56 ? 50   ILE A O   1 
ATOM   373  C  CB  . ILE A 1 50 ? -6.911  -7.880  -2.264  1.00 26.12 ? 50   ILE A CB  1 
ATOM   374  C  CG1 . ILE A 1 50 ? -7.464  -6.612  -2.932  1.00 32.20 ? 50   ILE A CG1 1 
ATOM   375  C  CG2 . ILE A 1 50 ? -6.496  -8.956  -3.238  1.00 31.65 ? 50   ILE A CG2 1 
ATOM   376  C  CD1 . ILE A 1 50 ? -6.618  -6.023  -4.031  1.00 33.32 ? 50   ILE A CD1 1 
ATOM   377  N  N   . GLY A 1 51 ? -8.435  -10.787 -1.184  1.00 29.52 ? 51   GLY A N   1 
ATOM   378  C  CA  . GLY A 1 51 ? -8.224  -12.177 -0.806  1.00 32.70 ? 51   GLY A CA  1 
ATOM   379  C  C   . GLY A 1 51 ? -8.707  -12.505 0.592   1.00 30.79 ? 51   GLY A C   1 
ATOM   380  O  O   . GLY A 1 51 ? -8.557  -13.648 1.028   1.00 30.57 ? 51   GLY A O   1 
ATOM   381  N  N   . GLY A 1 52 ? -9.273  -11.541 1.323   1.00 27.99 ? 52   GLY A N   1 
ATOM   382  C  CA  . GLY A 1 52 ? -9.775  -11.848 2.645   1.00 31.76 ? 52   GLY A CA  1 
ATOM   383  C  C   . GLY A 1 52 ? -9.049  -11.211 3.811   1.00 33.34 ? 52   GLY A C   1 
ATOM   384  O  O   . GLY A 1 52 ? -8.272  -10.259 3.684   1.00 28.09 ? 52   GLY A O   1 
ATOM   385  N  N   . PHE A 1 53 ? -9.321  -11.769 4.984   1.00 26.96 ? 53   PHE A N   1 
ATOM   386  C  CA  . PHE A 1 53 ? -8.876  -11.283 6.268   1.00 28.08 ? 53   PHE A CA  1 
ATOM   387  C  C   . PHE A 1 53 ? -7.925  -12.259 6.943   1.00 30.76 ? 53   PHE A C   1 
ATOM   388  O  O   . PHE A 1 53 ? -8.004  -13.450 6.657   1.00 27.85 ? 53   PHE A O   1 
ATOM   389  C  CB  . PHE A 1 53 ? -10.061 -11.082 7.225   1.00 26.06 ? 53   PHE A CB  1 
ATOM   390  C  CG  . PHE A 1 53 ? -10.859 -9.819  6.934   1.00 30.05 ? 53   PHE A CG  1 
ATOM   391  C  CD1 . PHE A 1 53 ? -11.666 -9.758  5.808   1.00 28.69 ? 53   PHE A CD1 1 
ATOM   392  C  CD2 . PHE A 1 53 ? -10.792 -8.724  7.769   1.00 29.44 ? 53   PHE A CD2 1 
ATOM   393  C  CE1 . PHE A 1 53 ? -12.382 -8.611  5.534   1.00 29.64 ? 53   PHE A CE1 1 
ATOM   394  C  CE2 . PHE A 1 53 ? -11.517 -7.576  7.506   1.00 32.71 ? 53   PHE A CE2 1 
ATOM   395  C  CZ  . PHE A 1 53 ? -12.330 -7.529  6.389   1.00 29.94 ? 53   PHE A CZ  1 
ATOM   396  N  N   . ILE A 1 54 ? -7.089  -11.722 7.818   1.00 24.27 ? 54   ILE A N   1 
ATOM   397  C  CA  . ILE A 1 54 ? -6.183  -12.500 8.644   1.00 24.39 ? 54   ILE A CA  1 
ATOM   398  C  C   . ILE A 1 54 ? -6.258  -12.014 10.091  1.00 24.63 ? 54   ILE A C   1 
ATOM   399  O  O   . ILE A 1 54 ? -6.507  -10.834 10.329  1.00 25.60 ? 54   ILE A O   1 
ATOM   400  C  CB  . ILE A 1 54 ? -4.711  -12.395 8.212   1.00 21.48 ? 54   ILE A CB  1 
ATOM   401  C  CG1 . ILE A 1 54 ? -4.175  -10.963 8.211   1.00 21.88 ? 54   ILE A CG1 1 
ATOM   402  C  CG2 . ILE A 1 54 ? -4.508  -13.081 6.868   1.00 28.86 ? 54   ILE A CG2 1 
ATOM   403  C  CD1 . ILE A 1 54 ? -2.660  -10.919 8.328   1.00 27.36 ? 54   ILE A CD1 1 
ATOM   404  N  N   . LYS A 1 55 ? -6.032  -12.948 11.006  1.00 23.86 ? 55   LYS A N   1 
ATOM   405  C  CA  . LYS A 1 55 ? -6.034  -12.593 12.421  1.00 22.20 ? 55   LYS A CA  1 
ATOM   406  C  C   . LYS A 1 55 ? -4.627  -12.157 12.829  1.00 21.87 ? 55   LYS A C   1 
ATOM   407  O  O   . LYS A 1 55 ? -3.651  -12.833 12.504  1.00 18.94 ? 55   LYS A O   1 
ATOM   408  C  CB  . LYS A 1 55 ? -6.514  -13.760 13.280  1.00 26.73 ? 55   LYS A CB  1 
ATOM   409  C  CG  . LYS A 1 55 ? -6.865  -13.330 14.699  1.00 31.11 ? 55   LYS A CG  1 
ATOM   410  C  CD  . LYS A 1 55 ? -7.518  -14.469 15.467  1.00 33.10 ? 55   LYS A CD  1 
ATOM   411  C  CE  . LYS A 1 55 ? -7.307  -14.304 16.964  1.00 39.72 ? 55   LYS A CE  1 
ATOM   412  N  NZ  . LYS A 1 55 ? -7.494  -15.606 17.668  1.00 56.38 ? 55   LYS A NZ  1 
ATOM   413  N  N   . VAL A 1 56 ? -4.554  -11.032 13.523  1.00 22.98 ? 56   VAL A N   1 
ATOM   414  C  CA  . VAL A 1 56 ? -3.268  -10.541 14.013  1.00 25.01 ? 56   VAL A CA  1 
ATOM   415  C  C   . VAL A 1 56 ? -3.323  -10.238 15.506  1.00 26.87 ? 56   VAL A C   1 
ATOM   416  O  O   . VAL A 1 56 ? -4.397  -10.096 16.083  1.00 22.51 ? 56   VAL A O   1 
ATOM   417  C  CB  . VAL A 1 56 ? -2.846  -9.271  13.250  1.00 26.24 ? 56   VAL A CB  1 
ATOM   418  C  CG1 . VAL A 1 56 ? -2.653  -9.569  11.769  1.00 32.54 ? 56   VAL A CG1 1 
ATOM   419  C  CG2 . VAL A 1 56 ? -3.892  -8.176  13.428  1.00 19.23 ? 56   VAL A CG2 1 
ATOM   420  N  N   . ARG A 1 57 ? -2.148  -10.127 16.116  1.00 25.64 ? 57   ARG A N   1 
ATOM   421  C  CA  . ARG A 1 57 ? -1.998  -9.595  17.456  1.00 22.05 ? 57   ARG A CA  1 
ATOM   422  C  C   . ARG A 1 57 ? -1.543  -8.140  17.376  1.00 21.38 ? 57   ARG A C   1 
ATOM   423  O  O   . ARG A 1 57 ? -0.571  -7.832  16.680  1.00 21.27 ? 57   ARG A O   1 
ATOM   424  C  CB  . ARG A 1 57 ? -0.985  -10.392 18.269  1.00 18.12 ? 57   ARG A CB  1 
ATOM   425  C  CG  . ARG A 1 57 ? -1.280  -11.877 18.295  1.00 22.80 ? 57   ARG A CG  1 
ATOM   426  C  CD  . ARG A 1 57 ? -0.455  -12.601 19.351  1.00 31.63 ? 57   ARG A CD  1 
ATOM   427  N  NE  . ARG A 1 57 ? 0.979   -12.398 19.275  1.00 32.91 ? 57   ARG A NE  1 
ATOM   428  C  CZ  . ARG A 1 57 ? 1.884   -12.850 18.431  1.00 39.05 ? 57   ARG A CZ  1 
ATOM   429  N  NH1 . ARG A 1 57 ? 1.561   -13.647 17.419  1.00 31.62 ? 57   ARG A NH1 1 
ATOM   430  N  NH2 . ARG A 1 57 ? 3.168   -12.516 18.574  1.00 31.37 ? 57   ARG A NH2 1 
ATOM   431  N  N   . GLN A 1 58 ? -2.242  -7.264  18.077  1.00 21.98 ? 58   GLN A N   1 
ATOM   432  C  CA  . GLN A 1 58 ? -1.886  -5.853  18.065  1.00 21.09 ? 58   GLN A CA  1 
ATOM   433  C  C   . GLN A 1 58 ? -1.041  -5.495  19.282  1.00 25.15 ? 58   GLN A C   1 
ATOM   434  O  O   . GLN A 1 58 ? -1.519  -5.596  20.406  1.00 26.70 ? 58   GLN A O   1 
ATOM   435  C  CB  . GLN A 1 58 ? -3.139  -4.972  18.031  1.00 21.87 ? 58   GLN A CB  1 
ATOM   436  C  CG  . GLN A 1 58 ? -2.823  -3.488  18.093  1.00 23.63 ? 58   GLN A CG  1 
ATOM   437  C  CD  . GLN A 1 58 ? -4.068  -2.640  18.235  1.00 31.45 ? 58   GLN A CD  1 
ATOM   438  O  OE1 . GLN A 1 58 ? -5.148  -3.048  17.820  1.00 35.12 ? 58   GLN A OE1 1 
ATOM   439  N  NE2 . GLN A 1 58 ? -3.929  -1.456  18.814  1.00 29.03 ? 58   GLN A NE2 1 
ATOM   440  N  N   . TYR A 1 59 ? 0.198   -5.078  19.055  1.00 22.24 ? 59   TYR A N   1 
ATOM   441  C  CA  . TYR A 1 59 ? 1.032   -4.560  20.130  1.00 21.16 ? 59   TYR A CA  1 
ATOM   442  C  C   . TYR A 1 59 ? 1.171   -3.048  19.979  1.00 25.67 ? 59   TYR A C   1 
ATOM   443  O  O   . TYR A 1 59 ? 1.359   -2.533  18.878  1.00 29.33 ? 59   TYR A O   1 
ATOM   444  C  CB  . TYR A 1 59 ? 2.418   -5.173  20.136  1.00 21.36 ? 59   TYR A CB  1 
ATOM   445  C  CG  . TYR A 1 59 ? 2.459   -6.674  20.296  1.00 27.12 ? 59   TYR A CG  1 
ATOM   446  C  CD1 . TYR A 1 59 ? 2.128   -7.521  19.248  1.00 26.28 ? 59   TYR A CD1 1 
ATOM   447  C  CD2 . TYR A 1 59 ? 2.842   -7.239  21.510  1.00 25.71 ? 59   TYR A CD2 1 
ATOM   448  C  CE1 . TYR A 1 59 ? 2.170   -8.890  19.396  1.00 26.12 ? 59   TYR A CE1 1 
ATOM   449  C  CE2 . TYR A 1 59 ? 2.888   -8.611  21.661  1.00 25.62 ? 59   TYR A CE2 1 
ATOM   450  C  CZ  . TYR A 1 59 ? 2.549   -9.429  20.606  1.00 25.96 ? 59   TYR A CZ  1 
ATOM   451  O  OH  . TYR A 1 59 ? 2.590   -10.798 20.743  1.00 29.92 ? 59   TYR A OH  1 
ATOM   452  N  N   . ASP A 1 60 ? 1.081   -2.346  21.102  1.00 23.87 ? 60   ASP A N   1 
ATOM   453  C  CA  . ASP A 1 60 ? 1.150   -0.890  21.033  1.00 27.98 ? 60   ASP A CA  1 
ATOM   454  C  C   . ASP A 1 60 ? 2.444   -0.397  21.663  1.00 25.14 ? 60   ASP A C   1 
ATOM   455  O  O   . ASP A 1 60 ? 3.057   -1.139  22.432  1.00 28.26 ? 60   ASP A O   1 
ATOM   456  C  CB  . ASP A 1 60 ? -0.056  -0.268  21.738  1.00 28.59 ? 60   ASP A CB  1 
ATOM   457  C  CG  . ASP A 1 60 ? -1.365  -0.691  21.101  1.00 29.38 ? 60   ASP A CG  1 
ATOM   458  O  OD1 . ASP A 1 60 ? -1.398  -0.777  19.859  1.00 34.20 ? 60   ASP A OD1 1 
ATOM   459  O  OD2 . ASP A 1 60 ? -2.339  -0.933  21.840  1.00 34.49 ? 60   ASP A OD2 1 
ATOM   460  N  N   . GLN A 1 61 ? 2.824   0.831   21.333  1.00 25.47 ? 61   GLN A N   1 
ATOM   461  C  CA  . GLN A 1 61 ? 4.027   1.419   21.906  1.00 29.06 ? 61   GLN A CA  1 
ATOM   462  C  C   . GLN A 1 61 ? 5.217   0.489   21.723  1.00 34.13 ? 61   GLN A C   1 
ATOM   463  O  O   . GLN A 1 61 ? 5.917   0.077   22.640  1.00 39.82 ? 61   GLN A O   1 
ATOM   464  C  CB  . GLN A 1 61 ? 3.774   1.745   23.382  1.00 29.40 ? 61   GLN A CB  1 
ATOM   465  C  CG  . GLN A 1 61 ? 2.685   2.800   23.541  1.00 35.22 ? 61   GLN A CG  1 
ATOM   466  C  CD  . GLN A 1 61 ? 2.467   3.185   24.991  1.00 46.04 ? 61   GLN A CD  1 
ATOM   467  O  OE1 . GLN A 1 61 ? 2.498   4.362   25.350  1.00 46.30 ? 61   GLN A OE1 1 
ATOM   468  N  NE2 . GLN A 1 61 ? 2.248   2.176   25.828  1.00 63.82 ? 61   GLN A NE2 1 
ATOM   469  N  N   . ILE A 1 62 ? 5.460   0.135   20.466  1.00 29.99 ? 62   ILE A N   1 
ATOM   470  C  CA  . ILE A 1 62 ? 6.647   -0.646  20.147  1.00 26.54 ? 62   ILE A CA  1 
ATOM   471  C  C   . ILE A 1 62 ? 7.686   0.244   19.481  1.00 33.84 ? 62   ILE A C   1 
ATOM   472  O  O   . ILE A 1 62 ? 7.366   1.075   18.627  1.00 31.39 ? 62   ILE A O   1 
ATOM   473  C  CB  . ILE A 1 62 ? 6.309   -1.836  19.234  1.00 22.02 ? 62   ILE A CB  1 
ATOM   474  C  CG1 . ILE A 1 62 ? 5.393   -2.833  19.939  1.00 19.52 ? 62   ILE A CG1 1 
ATOM   475  C  CG2 . ILE A 1 62 ? 7.561   -2.519  18.723  1.00 27.85 ? 62   ILE A CG2 1 
ATOM   476  C  CD1 . ILE A 1 62 ? 6.057   -3.473  21.148  1.00 23.07 ? 62   ILE A CD1 1 
ATOM   477  N  N   . LEU A 1 63 ? 8.932   0.056   19.898  1.00 26.65 ? 63   LEU A N   1 
ATOM   478  C  CA  . LEU A 1 63 ? 10.013  0.854   19.330  1.00 29.14 ? 63   LEU A CA  1 
ATOM   479  C  C   . LEU A 1 63 ? 10.509  0.195   18.051  1.00 31.99 ? 63   LEU A C   1 
ATOM   480  O  O   . LEU A 1 63 ? 10.647  -1.022  17.934  1.00 24.77 ? 63   LEU A O   1 
ATOM   481  C  CB  . LEU A 1 63 ? 11.133  1.021   20.357  1.00 44.44 ? 63   LEU A CB  1 
ATOM   482  C  CG  . LEU A 1 63 ? 10.651  1.117   21.813  1.00 63.91 ? 63   LEU A CG  1 
ATOM   483  C  CD1 . LEU A 1 63 ? 11.787  1.418   22.778  1.00 56.97 ? 63   LEU A CD1 1 
ATOM   484  C  CD2 . LEU A 1 63 ? 9.556   2.170   21.930  1.00 94.16 ? 63   LEU A CD2 1 
ATOM   485  N  N   . ILE A 1 64 ? 10.770  1.024   17.049  1.00 24.56 ? 64   ILE A N   1 
ATOM   486  C  CA  . ILE A 1 64 ? 11.227  0.517   15.765  1.00 20.42 ? 64   ILE A CA  1 
ATOM   487  C  C   . ILE A 1 64 ? 12.191  1.502   15.126  1.00 31.08 ? 64   ILE A C   1 
ATOM   488  O  O   . ILE A 1 64 ? 12.050  2.706   15.358  1.00 36.55 ? 64   ILE A O   1 
ATOM   489  C  CB  . ILE A 1 64 ? 10.032  0.299   14.823  1.00 41.19 ? 64   ILE A CB  1 
ATOM   490  C  CG1 . ILE A 1 64 ? 10.389  -0.381  13.501  1.00 43.20 ? 64   ILE A CG1 1 
ATOM   491  C  CG2 . ILE A 1 64 ? 9.321   1.625   14.576  1.00 35.53 ? 64   ILE A CG2 1 
ATOM   492  C  CD1 . ILE A 1 64 ? 9.202   -1.040  12.827  1.00 50.98 ? 64   ILE A CD1 1 
ATOM   493  N  N   . GLU A 1 65 ? 13.136  0.999   14.343  1.00 31.54 ? 65   GLU A N   1 
ATOM   494  C  CA  . GLU A 1 65 ? 14.000  1.868   13.552  1.00 33.60 ? 65   GLU A CA  1 
ATOM   495  C  C   . GLU A 1 65 ? 13.859  1.552   12.059  1.00 36.48 ? 65   GLU A C   1 
ATOM   496  O  O   . GLU A 1 65 ? 13.997  0.405   11.643  1.00 32.10 ? 65   GLU A O   1 
ATOM   497  C  CB  . GLU A 1 65 ? 15.460  1.732   13.956  1.00 45.39 ? 65   GLU A CB  1 
ATOM   498  C  CG  . GLU A 1 65 ? 15.797  2.338   15.303  1.00 55.29 ? 65   GLU A CG  1 
ATOM   499  C  CD  . GLU A 1 65 ? 17.300  2.282   15.546  1.00 61.31 ? 65   GLU A CD  1 
ATOM   500  O  OE1 . GLU A 1 65 ? 17.679  2.033   16.709  1.00 72.25 ? 65   GLU A OE1 1 
ATOM   501  O  OE2 . GLU A 1 65 ? 18.045  2.484   14.563  1.00 43.19 ? 65   GLU A OE2 1 
ATOM   502  N  N   . ILE A 1 66 ? 13.572  2.587   11.288  1.00 38.07 ? 66   ILE A N   1 
ATOM   503  C  CA  . ILE A 1 66 ? 13.378  2.537   9.851   1.00 32.82 ? 66   ILE A CA  1 
ATOM   504  C  C   . ILE A 1 66 ? 14.387  3.479   9.192   1.00 32.14 ? 66   ILE A C   1 
ATOM   505  O  O   . ILE A 1 66 ? 14.348  4.692   9.383   1.00 27.15 ? 66   ILE A O   1 
ATOM   506  C  CB  . ILE A 1 66 ? 11.957  2.929   9.423   1.00 34.83 ? 66   ILE A CB  1 
ATOM   507  C  CG1 . ILE A 1 66 ? 10.847  2.314   10.281  1.00 38.20 ? 66   ILE A CG1 1 
ATOM   508  C  CG2 . ILE A 1 66 ? 11.710  2.610   7.953   1.00 32.01 ? 66   ILE A CG2 1 
ATOM   509  C  CD1 . ILE A 1 66 ? 9.458   2.758   9.877   1.00 50.34 ? 66   ILE A CD1 1 
ATOM   510  N  N   . CYS A 1 67 ? 15.286  2.860   8.436   1.00 41.60 ? 67   CYS A N   1 
ATOM   511  C  CA  . CYS A 1 67 ? 16.332  3.621   7.764   1.00 43.30 ? 67   CYS A CA  1 
ATOM   512  C  C   . CYS A 1 67 ? 17.059  4.506   8.757   1.00 46.24 ? 67   CYS A C   1 
ATOM   513  O  O   . CYS A 1 67 ? 17.398  5.663   8.511   1.00 75.99 ? 67   CYS A O   1 
ATOM   514  C  CB  . CYS A 1 67 ? 15.716  4.453   6.639   1.00 44.41 ? 67   CYS A CB  1 
ATOM   515  S  SG  . CYS A 1 67 ? 15.018  3.473   5.292   1.00 57.53 ? 67   CYS A SG  1 
ATOM   516  N  N   . GLY A 1 68 ? 17.295  3.974   9.958   1.00 43.68 ? 68   GLY A N   1 
ATOM   517  C  CA  . GLY A 1 68 ? 18.014  4.817   10.914  1.00 43.48 ? 68   GLY A CA  1 
ATOM   518  C  C   . GLY A 1 68 ? 17.073  5.803   11.563  1.00 39.96 ? 68   GLY A C   1 
ATOM   519  O  O   . GLY A 1 68 ? 17.433  6.617   12.411  1.00 48.54 ? 68   GLY A O   1 
ATOM   520  N  N   . HIS A 1 69 ? 15.795  5.743   11.173  1.00 32.88 ? 69   HIS A N   1 
ATOM   521  C  CA  . HIS A 1 69 ? 14.881  6.628   11.892  1.00 32.84 ? 69   HIS A CA  1 
ATOM   522  C  C   . HIS A 1 69 ? 14.198  5.865   13.021  1.00 33.38 ? 69   HIS A C   1 
ATOM   523  O  O   . HIS A 1 69 ? 13.627  4.800   12.781  1.00 33.90 ? 69   HIS A O   1 
ATOM   524  C  CB  . HIS A 1 69 ? 13.874  7.218   10.910  1.00 40.28 ? 69   HIS A CB  1 
ATOM   525  C  CG  . HIS A 1 69 ? 14.445  8.272   10.012  1.00 42.99 ? 69   HIS A CG  1 
ATOM   526  N  ND1 . HIS A 1 69 ? 15.291  7.983   8.962   1.00 45.42 ? 69   HIS A ND1 1 
ATOM   527  C  CD2 . HIS A 1 69 ? 14.282  9.614   9.999   1.00 42.55 ? 69   HIS A CD2 1 
ATOM   528  C  CE1 . HIS A 1 69 ? 15.632  9.096   8.340   1.00 44.64 ? 69   HIS A CE1 1 
ATOM   529  N  NE2 . HIS A 1 69 ? 15.031  10.100  8.953   1.00 49.81 ? 69   HIS A NE2 1 
ATOM   530  N  N   . LYS A 1 70 ? 14.270  6.413   14.229  1.00 35.16 ? 70   LYS A N   1 
ATOM   531  C  CA  . LYS A 1 70 ? 13.610  5.853   15.398  1.00 39.06 ? 70   LYS A CA  1 
ATOM   532  C  C   . LYS A 1 70 ? 12.151  6.300   15.450  1.00 40.05 ? 70   LYS A C   1 
ATOM   533  O  O   . LYS A 1 70 ? 11.784  7.435   15.139  1.00 37.60 ? 70   LYS A O   1 
ATOM   534  C  CB  . LYS A 1 70 ? 14.320  6.250   16.694  1.00 41.99 ? 70   LYS A CB  1 
ATOM   535  C  CG  . LYS A 1 70 ? 15.206  5.161   17.276  1.00 50.90 ? 70   LYS A CG  1 
ATOM   536  C  CD  . LYS A 1 70 ? 16.645  5.288   16.809  1.00 63.25 ? 70   LYS A CD  1 
ATOM   537  C  CE  . LYS A 1 70 ? 17.619  5.427   17.969  1.00 70.17 ? 70   LYS A CE  1 
ATOM   538  N  NZ  . LYS A 1 70 ? 18.844  6.179   17.567  1.00 91.36 ? 70   LYS A NZ  1 
ATOM   539  N  N   . ALA A 1 71 ? 11.299  5.359   15.846  1.00 34.62 ? 71   ALA A N   1 
ATOM   540  C  CA  . ALA A 1 71 ? 9.876   5.656   15.967  1.00 34.15 ? 71   ALA A CA  1 
ATOM   541  C  C   . ALA A 1 71 ? 9.204   4.641   16.892  1.00 36.84 ? 71   ALA A C   1 
ATOM   542  O  O   . ALA A 1 71 ? 9.726   3.546   17.096  1.00 35.45 ? 71   ALA A O   1 
ATOM   543  C  CB  . ALA A 1 71 ? 9.223   5.688   14.597  1.00 31.50 ? 71   ALA A CB  1 
ATOM   544  N  N   . ILE A 1 72 ? 8.070   5.048   17.437  1.00 30.20 ? 72   ILE A N   1 
ATOM   545  C  CA  . ILE A 1 72 ? 7.250   4.255   18.327  1.00 36.64 ? 72   ILE A CA  1 
ATOM   546  C  C   . ILE A 1 72 ? 5.848   4.138   17.742  1.00 29.92 ? 72   ILE A C   1 
ATOM   547  O  O   . ILE A 1 72 ? 5.307   5.115   17.231  1.00 24.06 ? 72   ILE A O   1 
ATOM   548  C  CB  . ILE A 1 72 ? 7.122   4.856   19.742  1.00 42.63 ? 72   ILE A CB  1 
ATOM   549  C  CG1 . ILE A 1 72 ? 8.422   5.470   20.263  1.00 51.20 ? 72   ILE A CG1 1 
ATOM   550  C  CG2 . ILE A 1 72 ? 6.573   3.820   20.708  1.00 42.71 ? 72   ILE A CG2 1 
ATOM   551  C  CD1 . ILE A 1 72 ? 8.653   6.916   19.792  1.00 72.99 ? 72   ILE A CD1 1 
ATOM   552  N  N   . GLY A 1 73 ? 5.266   2.944   17.819  1.00 28.07 ? 73   GLY A N   1 
ATOM   553  C  CA  . GLY A 1 73 ? 3.889   2.857   17.359  1.00 29.89 ? 73   GLY A CA  1 
ATOM   554  C  C   . GLY A 1 73 ? 3.356   1.443   17.493  1.00 25.99 ? 73   GLY A C   1 
ATOM   555  O  O   . GLY A 1 73 ? 4.016   0.583   18.065  1.00 23.63 ? 73   GLY A O   1 
ATOM   556  N  N   . THR A 1 74 ? 2.161   1.283   16.945  1.00 28.38 ? 74   THR A N   1 
ATOM   557  C  CA  . THR A 1 74 ? 1.484   -0.006  16.923  1.00 31.23 ? 74   THR A CA  1 
ATOM   558  C  C   . THR A 1 74 ? 2.134   -0.929  15.910  1.00 23.96 ? 74   THR A C   1 
ATOM   559  O  O   . THR A 1 74 ? 2.504   -0.537  14.809  1.00 21.32 ? 74   THR A O   1 
ATOM   560  C  CB  . THR A 1 74 ? -0.010  0.194   16.602  1.00 35.89 ? 74   THR A CB  1 
ATOM   561  O  OG1 . THR A 1 74 ? -0.595  0.917   17.694  1.00 32.83 ? 74   THR A OG1 1 
ATOM   562  C  CG2 . THR A 1 74 ? -0.733  -1.139  16.506  1.00 29.90 ? 74   THR A CG2 1 
ATOM   563  N  N   . VAL A 1 75 ? 2.308   -2.194  16.276  1.00 19.64 ? 75   VAL A N   1 
ATOM   564  C  CA  . VAL A 1 75 ? 2.791   -3.189  15.333  1.00 17.50 ? 75   VAL A CA  1 
ATOM   565  C  C   . VAL A 1 75 ? 1.806   -4.351  15.430  1.00 20.50 ? 75   VAL A C   1 
ATOM   566  O  O   . VAL A 1 75 ? 1.574   -4.866  16.520  1.00 22.78 ? 75   VAL A O   1 
ATOM   567  C  CB  . VAL A 1 75 ? 4.231   -3.639  15.611  1.00 20.71 ? 75   VAL A CB  1 
ATOM   568  C  CG1 . VAL A 1 75 ? 4.705   -4.777  14.713  1.00 20.41 ? 75   VAL A CG1 1 
ATOM   569  C  CG2 . VAL A 1 75 ? 5.173   -2.448  15.462  1.00 20.69 ? 75   VAL A CG2 1 
ATOM   570  N  N   . LEU A 1 76 ? 1.236   -4.718  14.304  1.00 20.92 ? 76   LEU A N   1 
ATOM   571  C  CA  . LEU A 1 76 ? 0.415   -5.922  14.203  1.00 18.22 ? 76   LEU A CA  1 
ATOM   572  C  C   . LEU A 1 76 ? 1.318   -7.082  13.807  1.00 20.02 ? 76   LEU A C   1 
ATOM   573  O  O   . LEU A 1 76 ? 2.251   -6.848  13.033  1.00 22.35 ? 76   LEU A O   1 
ATOM   574  C  CB  . LEU A 1 76 ? -0.686  -5.698  13.176  1.00 23.14 ? 76   LEU A CB  1 
ATOM   575  C  CG  . LEU A 1 76 ? -1.498  -4.410  13.369  1.00 19.56 ? 76   LEU A CG  1 
ATOM   576  C  CD1 . LEU A 1 76 ? -2.541  -4.258  12.273  1.00 24.10 ? 76   LEU A CD1 1 
ATOM   577  C  CD2 . LEU A 1 76 ? -2.150  -4.372  14.741  1.00 21.04 ? 76   LEU A CD2 1 
ATOM   578  N  N   . VAL A 1 77 ? 1.035   -8.261  14.335  1.00 19.81 ? 77   VAL A N   1 
ATOM   579  C  CA  . VAL A 1 77 ? 1.835   -9.457  14.067  1.00 14.43 ? 77   VAL A CA  1 
ATOM   580  C  C   . VAL A 1 77 ? 0.948   -10.627 13.688  1.00 19.90 ? 77   VAL A C   1 
ATOM   581  O  O   . VAL A 1 77 ? -0.011  -10.976 14.373  1.00 19.11 ? 77   VAL A O   1 
ATOM   582  C  CB  . VAL A 1 77 ? 2.698   -9.806  15.287  1.00 20.89 ? 77   VAL A CB  1 
ATOM   583  C  CG1 . VAL A 1 77 ? 3.415   -11.132 15.101  1.00 21.17 ? 77   VAL A CG1 1 
ATOM   584  C  CG2 . VAL A 1 77 ? 3.695   -8.674  15.537  1.00 21.25 ? 77   VAL A CG2 1 
ATOM   585  N  N   . GLY A 1 78 ? 1.266   -11.245 12.553  1.00 20.07 ? 78   GLY A N   1 
ATOM   586  C  CA  . GLY A 1 78 ? 0.449   -12.329 12.049  1.00 17.26 ? 78   GLY A CA  1 
ATOM   587  C  C   . GLY A 1 78 ? 0.851   -12.776 10.656  1.00 17.44 ? 78   GLY A C   1 
ATOM   588  O  O   . GLY A 1 78 ? 1.893   -12.371 10.139  1.00 21.33 ? 78   GLY A O   1 
ATOM   589  N  N   . PRO A 1 79 ? 0.020   -13.622 10.057  1.00 21.03 ? 79   PRO A N   1 
ATOM   590  C  CA  . PRO A 1 79 ? 0.393   -14.291 8.811   1.00 26.01 ? 79   PRO A CA  1 
ATOM   591  C  C   . PRO A 1 79 ? 0.302   -13.398 7.578   1.00 29.68 ? 79   PRO A C   1 
ATOM   592  O  O   . PRO A 1 79 ? -0.275  -13.776 6.554   1.00 24.47 ? 79   PRO A O   1 
ATOM   593  C  CB  . PRO A 1 79 ? -0.617  -15.446 8.719   1.00 23.17 ? 79   PRO A CB  1 
ATOM   594  C  CG  . PRO A 1 79 ? -1.818  -14.937 9.439   1.00 24.85 ? 79   PRO A CG  1 
ATOM   595  C  CD  . PRO A 1 79 ? -1.323  -14.012 10.519  1.00 22.33 ? 79   PRO A CD  1 
ATOM   596  N  N   . THR A 1 80 ? 0.888   -12.200 7.632   1.00 21.29 ? 80   THR A N   1 
ATOM   597  C  CA  . THR A 1 80 ? 0.970   -11.403 6.416   1.00 22.12 ? 80   THR A CA  1 
ATOM   598  C  C   . THR A 1 80 ? 1.960   -12.037 5.447   1.00 23.25 ? 80   THR A C   1 
ATOM   599  O  O   . THR A 1 80 ? 3.016   -12.565 5.805   1.00 20.74 ? 80   THR A O   1 
ATOM   600  C  CB  . THR A 1 80 ? 1.387   -9.944  6.677   1.00 24.88 ? 80   THR A CB  1 
ATOM   601  O  OG1 . THR A 1 80 ? 1.603   -9.257  5.432   1.00 22.70 ? 80   THR A OG1 1 
ATOM   602  C  CG2 . THR A 1 80 ? 2.701   -9.880  7.432   1.00 21.51 ? 80   THR A CG2 1 
ATOM   603  N  N   . PRO A 1 81 ? 1.610   -11.978 4.168   1.00 23.29 ? 81   PRO A N   1 
ATOM   604  C  CA  . PRO A 1 81 ? 2.498   -12.538 3.149   1.00 23.09 ? 81   PRO A CA  1 
ATOM   605  C  C   . PRO A 1 81 ? 3.747   -11.681 3.002   1.00 23.98 ? 81   PRO A C   1 
ATOM   606  O  O   . PRO A 1 81 ? 4.759   -12.160 2.506   1.00 24.52 ? 81   PRO A O   1 
ATOM   607  C  CB  . PRO A 1 81 ? 1.667   -12.496 1.876   1.00 27.27 ? 81   PRO A CB  1 
ATOM   608  C  CG  . PRO A 1 81 ? 0.473   -11.679 2.148   1.00 26.14 ? 81   PRO A CG  1 
ATOM   609  C  CD  . PRO A 1 81 ? 0.391   -11.399 3.608   1.00 25.76 ? 81   PRO A CD  1 
ATOM   610  N  N   . VAL A 1 82 ? 3.692   -10.418 3.429   1.00 23.99 ? 82   VAL A N   1 
ATOM   611  C  CA  . VAL A 1 82 ? 4.909   -9.600  3.380   1.00 21.86 ? 82   VAL A CA  1 
ATOM   612  C  C   . VAL A 1 82 ? 4.936   -8.587  4.519   1.00 17.22 ? 82   VAL A C   1 
ATOM   613  O  O   . VAL A 1 82 ? 3.903   -8.085  4.962   1.00 23.46 ? 82   VAL A O   1 
ATOM   614  C  CB  . VAL A 1 82 ? 5.041   -8.886  2.024   1.00 34.64 ? 82   VAL A CB  1 
ATOM   615  C  CG1 . VAL A 1 82 ? 3.784   -8.091  1.716   1.00 38.33 ? 82   VAL A CG1 1 
ATOM   616  C  CG2 . VAL A 1 82 ? 6.258   -7.971  1.992   1.00 40.56 ? 82   VAL A CG2 1 
ATOM   617  N  N   . ASN A 1 83 ? 6.140   -8.297  5.009   1.00 19.34 ? 83   ASN A N   1 
ATOM   618  C  CA  . ASN A 1 83 ? 6.295   -7.315  6.074   1.00 20.44 ? 83   ASN A CA  1 
ATOM   619  C  C   . ASN A 1 83 ? 5.937   -5.937  5.520   1.00 21.46 ? 83   ASN A C   1 
ATOM   620  O  O   . ASN A 1 83 ? 6.450   -5.488  4.492   1.00 19.83 ? 83   ASN A O   1 
ATOM   621  C  CB  . ASN A 1 83 ? 7.708   -7.358  6.632   1.00 19.72 ? 83   ASN A CB  1 
ATOM   622  C  CG  . ASN A 1 83 ? 8.019   -8.592  7.453   1.00 26.58 ? 83   ASN A CG  1 
ATOM   623  O  OD1 . ASN A 1 83 ? 7.163   -9.185  8.105   1.00 22.47 ? 83   ASN A OD1 1 
ATOM   624  N  ND2 . ASN A 1 83 ? 9.288   -8.988  7.413   1.00 23.86 ? 83   ASN A ND2 1 
ATOM   625  N  N   . ILE A 1 84 ? 5.027   -5.262  6.205   1.00 19.40 ? 84   ILE A N   1 
ATOM   626  C  CA  . ILE A 1 84 ? 4.568   -3.954  5.763   1.00 20.21 ? 84   ILE A CA  1 
ATOM   627  C  C   . ILE A 1 84 ? 4.723   -2.883  6.825   1.00 21.92 ? 84   ILE A C   1 
ATOM   628  O  O   . ILE A 1 84 ? 4.334   -3.051  7.974   1.00 18.99 ? 84   ILE A O   1 
ATOM   629  C  CB  . ILE A 1 84 ? 3.077   -4.062  5.378   1.00 22.12 ? 84   ILE A CB  1 
ATOM   630  C  CG1 . ILE A 1 84 ? 2.846   -4.847  4.082   1.00 25.47 ? 84   ILE A CG1 1 
ATOM   631  C  CG2 . ILE A 1 84 ? 2.424   -2.695  5.299   1.00 29.55 ? 84   ILE A CG2 1 
ATOM   632  C  CD1 . ILE A 1 84 ? 1.399   -5.290  3.977   1.00 35.28 ? 84   ILE A CD1 1 
ATOM   633  N  N   . ILE A 1 85 ? 5.286   -1.747  6.429   1.00 21.05 ? 85   ILE A N   1 
ATOM   634  C  CA  . ILE A 1 85 ? 5.279   -0.549  7.249   1.00 17.07 ? 85   ILE A CA  1 
ATOM   635  C  C   . ILE A 1 85 ? 4.115   0.348   6.805   1.00 22.76 ? 85   ILE A C   1 
ATOM   636  O  O   . ILE A 1 85 ? 4.077   0.815   5.672   1.00 21.71 ? 85   ILE A O   1 
ATOM   637  C  CB  . ILE A 1 85 ? 6.608   0.210   7.176   1.00 21.04 ? 85   ILE A CB  1 
ATOM   638  C  CG1 . ILE A 1 85 ? 7.844   -0.634  7.507   1.00 24.46 ? 85   ILE A CG1 1 
ATOM   639  C  CG2 . ILE A 1 85 ? 6.577   1.443   8.066   1.00 17.46 ? 85   ILE A CG2 1 
ATOM   640  C  CD1 . ILE A 1 85 ? 7.793   -1.255  8.890   1.00 19.07 ? 85   ILE A CD1 1 
ATOM   641  N  N   . GLY A 1 86 ? 3.156   0.577   7.692   1.00 21.37 ? 86   GLY A N   1 
ATOM   642  C  CA  . GLY A 1 86 ? 1.967   1.373   7.483   1.00 24.37 ? 86   GLY A CA  1 
ATOM   643  C  C   . GLY A 1 86 ? 2.086   2.831   7.877   1.00 23.01 ? 86   GLY A C   1 
ATOM   644  O  O   . GLY A 1 86 ? 3.082   3.288   8.443   1.00 19.82 ? 86   GLY A O   1 
ATOM   645  N  N   . ARG A 1 87 ? 1.033   3.598   7.568   1.00 20.77 ? 87   ARG A N   1 
ATOM   646  C  CA  . ARG A 1 87 ? 1.078   5.037   7.795   1.00 16.65 ? 87   ARG A CA  1 
ATOM   647  C  C   . ARG A 1 87 ? 1.386   5.361   9.251   1.00 17.05 ? 87   ARG A C   1 
ATOM   648  O  O   . ARG A 1 87 ? 2.031   6.369   9.533   1.00 20.49 ? 87   ARG A O   1 
ATOM   649  C  CB  . ARG A 1 87 ? -0.239  5.705   7.378   1.00 18.42 ? 87   ARG A CB  1 
ATOM   650  C  CG  . ARG A 1 87 ? -0.574  5.562   5.895   1.00 20.54 ? 87   ARG A CG  1 
ATOM   651  C  CD  . ARG A 1 87 ? -1.810  6.373   5.534   1.00 18.60 ? 87   ARG A CD  1 
ATOM   652  N  NE  . ARG A 1 87 ? -3.000  5.828   6.164   1.00 22.00 ? 87   ARG A NE  1 
ATOM   653  C  CZ  . ARG A 1 87 ? -3.707  6.284   7.183   1.00 32.52 ? 87   ARG A CZ  1 
ATOM   654  N  NH1 . ARG A 1 87 ? -3.383  7.402   7.819   1.00 23.49 ? 87   ARG A NH1 1 
ATOM   655  N  NH2 . ARG A 1 87 ? -4.780  5.605   7.592   1.00 20.61 ? 87   ARG A NH2 1 
ATOM   656  N  N   . ASN A 1 88 ? 0.916   4.516   10.169  1.00 22.89 ? 88   ASN A N   1 
ATOM   657  C  CA  . ASN A 1 88 ? 1.075   4.840   11.591  1.00 24.17 ? 88   ASN A CA  1 
ATOM   658  C  C   . ASN A 1 88 ? 2.539   5.042   11.945  1.00 20.92 ? 88   ASN A C   1 
ATOM   659  O  O   . ASN A 1 88 ? 2.897   5.827   12.827  1.00 23.59 ? 88   ASN A O   1 
ATOM   660  C  CB  . ASN A 1 88 ? 0.414   3.768   12.449  1.00 22.46 ? 88   ASN A CB  1 
ATOM   661  C  CG  . ASN A 1 88 ? 1.302   2.571   12.698  1.00 33.93 ? 88   ASN A CG  1 
ATOM   662  O  OD1 . ASN A 1 88 ? 1.641   1.821   11.781  1.00 33.92 ? 88   ASN A OD1 1 
ATOM   663  N  ND2 . ASN A 1 88 ? 1.677   2.421   13.964  1.00 29.11 ? 88   ASN A ND2 1 
ATOM   664  N  N   . LEU A 1 89 ? 3.422   4.351   11.227  1.00 21.37 ? 89   LEU A N   1 
ATOM   665  C  CA  . LEU A 1 89 ? 4.845   4.555   11.472  1.00 20.17 ? 89   LEU A CA  1 
ATOM   666  C  C   . LEU A 1 89 ? 5.494   5.439   10.416  1.00 25.01 ? 89   LEU A C   1 
ATOM   667  O  O   . LEU A 1 89 ? 6.483   6.125   10.708  1.00 21.39 ? 89   LEU A O   1 
ATOM   668  C  CB  . LEU A 1 89 ? 5.538   3.193   11.556  1.00 21.08 ? 89   LEU A CB  1 
ATOM   669  C  CG  . LEU A 1 89 ? 5.236   2.351   12.791  1.00 27.16 ? 89   LEU A CG  1 
ATOM   670  C  CD1 . LEU A 1 89 ? 5.925   1.002   12.693  1.00 25.15 ? 89   LEU A CD1 1 
ATOM   671  C  CD2 . LEU A 1 89 ? 5.670   3.060   14.066  1.00 24.18 ? 89   LEU A CD2 1 
ATOM   672  N  N   . LEU A 1 90 ? 4.958   5.437   9.196   1.00 24.03 ? 90   LEU A N   1 
ATOM   673  C  CA  . LEU A 1 90 ? 5.510   6.301   8.149   1.00 23.24 ? 90   LEU A CA  1 
ATOM   674  C  C   . LEU A 1 90 ? 5.427   7.771   8.536   1.00 17.05 ? 90   LEU A C   1 
ATOM   675  O  O   . LEU A 1 90 ? 6.320   8.575   8.236   1.00 24.46 ? 90   LEU A O   1 
ATOM   676  C  CB  . LEU A 1 90 ? 4.798   6.039   6.815   1.00 23.24 ? 90   LEU A CB  1 
ATOM   677  C  CG  . LEU A 1 90 ? 5.013   4.658   6.187   1.00 22.45 ? 90   LEU A CG  1 
ATOM   678  C  CD1 . LEU A 1 90 ? 4.101   4.449   4.983   1.00 22.75 ? 90   LEU A CD1 1 
ATOM   679  C  CD2 . LEU A 1 90 ? 6.464   4.451   5.783   1.00 27.77 ? 90   LEU A CD2 1 
ATOM   680  N  N   . THR A 1 91 ? 4.341   8.165   9.215   1.00 17.21 ? 91   THR A N   1 
ATOM   681  C  CA  . THR A 1 91 ? 4.248   9.563   9.617   1.00 17.72 ? 91   THR A CA  1 
ATOM   682  C  C   . THR A 1 91 ? 5.347   9.973   10.595  1.00 21.16 ? 91   THR A C   1 
ATOM   683  O  O   . THR A 1 91 ? 5.874   11.084  10.566  1.00 20.94 ? 91   THR A O   1 
ATOM   684  C  CB  . THR A 1 91 ? 2.906   9.860   10.315  1.00 22.87 ? 91   THR A CB  1 
ATOM   685  O  OG1 . THR A 1 91 ? 2.846   9.059   11.499  1.00 21.55 ? 91   THR A OG1 1 
ATOM   686  C  CG2 . THR A 1 91 ? 1.741   9.499   9.411   1.00 20.11 ? 91   THR A CG2 1 
ATOM   687  N  N   . GLN A 1 92 ? 5.698   9.077   11.513  1.00 18.20 ? 92   GLN A N   1 
ATOM   688  C  CA  . GLN A 1 92 ? 6.697   9.403   12.526  1.00 22.89 ? 92   GLN A CA  1 
ATOM   689  C  C   . GLN A 1 92 ? 8.072   9.612   11.928  1.00 22.54 ? 92   GLN A C   1 
ATOM   690  O  O   . GLN A 1 92 ? 8.912   10.289  12.518  1.00 23.40 ? 92   GLN A O   1 
ATOM   691  C  CB  . GLN A 1 92 ? 6.747   8.284   13.576  1.00 21.94 ? 92   GLN A CB  1 
ATOM   692  C  CG  . GLN A 1 92 ? 5.388   8.019   14.216  1.00 22.72 ? 92   GLN A CG  1 
ATOM   693  C  CD  . GLN A 1 92 ? 4.854   9.191   15.008  1.00 25.91 ? 92   GLN A CD  1 
ATOM   694  O  OE1 . GLN A 1 92 ? 5.316   9.479   16.108  1.00 18.33 ? 92   GLN A OE1 1 
ATOM   695  N  NE2 . GLN A 1 92 ? 3.871   9.888   14.446  1.00 29.02 ? 92   GLN A NE2 1 
ATOM   696  N  N   . ILE A 1 93 ? 8.344   9.043   10.756  1.00 29.16 ? 93   ILE A N   1 
ATOM   697  C  CA  . ILE A 1 93 ? 9.678   9.284   10.196  1.00 26.31 ? 93   ILE A CA  1 
ATOM   698  C  C   . ILE A 1 93 ? 9.617   10.460  9.224   1.00 24.13 ? 93   ILE A C   1 
ATOM   699  O  O   . ILE A 1 93 ? 10.641  10.838  8.664   1.00 25.70 ? 93   ILE A O   1 
ATOM   700  C  CB  . ILE A 1 93 ? 10.293  8.058   9.500   1.00 23.74 ? 93   ILE A CB  1 
ATOM   701  C  CG1 . ILE A 1 93 ? 9.510   7.495   8.313   1.00 26.13 ? 93   ILE A CG1 1 
ATOM   702  C  CG2 . ILE A 1 93 ? 10.566  6.973   10.535  1.00 20.54 ? 93   ILE A CG2 1 
ATOM   703  C  CD1 . ILE A 1 93 ? 10.180  6.288   7.672   1.00 30.25 ? 93   ILE A CD1 1 
ATOM   704  N  N   . GLY A 1 94 ? 8.425   11.012  9.058   1.00 23.94 ? 94   GLY A N   1 
ATOM   705  C  CA  . GLY A 1 94 ? 8.221   12.178  8.213   1.00 28.24 ? 94   GLY A CA  1 
ATOM   706  C  C   . GLY A 1 94 ? 8.180   11.805  6.741   1.00 28.73 ? 94   GLY A C   1 
ATOM   707  O  O   . GLY A 1 94 ? 8.633   12.534  5.854   1.00 26.65 ? 94   GLY A O   1 
ATOM   708  N  N   . CYS A 1 95 ? 7.629   10.625  6.472   1.00 20.35 ? 95   CYS A N   1 
ATOM   709  C  CA  . CYS A 1 95 ? 7.570   10.157  5.081   1.00 22.30 ? 95   CYS A CA  1 
ATOM   710  C  C   . CYS A 1 95 ? 6.374   10.747  4.353   1.00 26.62 ? 95   CYS A C   1 
ATOM   711  O  O   . CYS A 1 95 ? 5.260   10.784  4.877   1.00 25.84 ? 95   CYS A O   1 
ATOM   712  C  CB  . CYS A 1 95 ? 7.545   8.630   5.051   1.00 24.32 ? 95   CYS A CB  1 
ATOM   713  S  SG  . CYS A 1 95 ? 7.392   7.880   3.417   1.00 25.54 ? 95   CYS A SG  1 
ATOM   714  N  N   . THR A 1 96 ? 6.612   11.220  3.131   1.00 28.53 ? 96   THR A N   1 
ATOM   715  C  CA  . THR A 1 96 ? 5.568   11.803  2.314   1.00 22.30 ? 96   THR A CA  1 
ATOM   716  C  C   . THR A 1 96 ? 5.627   11.276  0.881   1.00 20.05 ? 96   THR A C   1 
ATOM   717  O  O   . THR A 1 96 ? 6.669   10.805  0.450   1.00 20.26 ? 96   THR A O   1 
ATOM   718  C  CB  . THR A 1 96 ? 5.631   13.344  2.233   1.00 24.33 ? 96   THR A CB  1 
ATOM   719  O  OG1 . THR A 1 96 ? 6.872   13.781  1.673   1.00 25.64 ? 96   THR A OG1 1 
ATOM   720  C  CG2 . THR A 1 96 ? 5.540   13.936  3.632   1.00 25.34 ? 96   THR A CG2 1 
ATOM   721  N  N   . LEU A 1 97 ? 4.492   11.412  0.219   1.00 21.03 ? 97   LEU A N   1 
ATOM   722  C  CA  . LEU A 1 97 ? 4.351   11.138  -1.202  1.00 26.11 ? 97   LEU A CA  1 
ATOM   723  C  C   . LEU A 1 97 ? 4.530   12.419  -2.006  1.00 24.90 ? 97   LEU A C   1 
ATOM   724  O  O   . LEU A 1 97 ? 3.944   13.440  -1.635  1.00 26.23 ? 97   LEU A O   1 
ATOM   725  C  CB  . LEU A 1 97 ? 2.970   10.552  -1.493  1.00 28.73 ? 97   LEU A CB  1 
ATOM   726  C  CG  . LEU A 1 97 ? 2.854   9.042   -1.256  1.00 33.75 ? 97   LEU A CG  1 
ATOM   727  C  CD1 . LEU A 1 97 ? 1.384   8.661   -1.269  1.00 36.32 ? 97   LEU A CD1 1 
ATOM   728  C  CD2 . LEU A 1 97 ? 3.688   8.304   -2.291  1.00 26.43 ? 97   LEU A CD2 1 
ATOM   729  N  N   . ASN A 1 98 ? 5.317   12.359  -3.071  1.00 24.65 ? 98   ASN A N   1 
ATOM   730  C  CA  . ASN A 1 98 ? 5.578   13.556  -3.861  1.00 25.29 ? 98   ASN A CA  1 
ATOM   731  C  C   . ASN A 1 98 ? 5.621   13.300  -5.369  1.00 29.06 ? 98   ASN A C   1 
ATOM   732  O  O   . ASN A 1 98 ? 6.282   12.367  -5.832  1.00 31.79 ? 98   ASN A O   1 
ATOM   733  C  CB  . ASN A 1 98 ? 6.916   14.173  -3.454  1.00 22.56 ? 98   ASN A CB  1 
ATOM   734  C  CG  . ASN A 1 98 ? 6.966   14.638  -2.012  1.00 29.66 ? 98   ASN A CG  1 
ATOM   735  O  OD1 . ASN A 1 98 ? 7.367   13.888  -1.126  1.00 29.81 ? 98   ASN A OD1 1 
ATOM   736  N  ND2 . ASN A 1 98 ? 6.542   15.869  -1.804  1.00 28.93 ? 98   ASN A ND2 1 
ATOM   737  N  N   . PHE A 1 99 ? 4.925   14.163  -6.097  1.00 26.59 ? 99   PHE A N   1 
ATOM   738  C  CA  . PHE A 1 99 ? 4.893   14.223  -7.541  1.00 24.36 ? 99   PHE A CA  1 
ATOM   739  C  C   . PHE A 1 99 ? 4.423   15.600  -8.016  1.00 34.28 ? 99   PHE A C   1 
ATOM   740  O  O   . PHE A 1 99 ? 4.131   15.727  -9.224  1.00 41.86 ? 99   PHE A O   1 
ATOM   741  C  CB  . PHE A 1 99 ? 3.981   13.165  -8.161  1.00 20.40 ? 99   PHE A CB  1 
ATOM   742  C  CG  . PHE A 1 99 ? 2.517   13.282  -7.795  1.00 26.56 ? 99   PHE A CG  1 
ATOM   743  C  CD1 . PHE A 1 99 ? 2.073   12.962  -6.522  1.00 32.98 ? 99   PHE A CD1 1 
ATOM   744  C  CD2 . PHE A 1 99 ? 1.593   13.708  -8.737  1.00 38.70 ? 99   PHE A CD2 1 
ATOM   745  C  CE1 . PHE A 1 99 ? 0.734   13.058  -6.179  1.00 31.11 ? 99   PHE A CE1 1 
ATOM   746  C  CE2 . PHE A 1 99 ? 0.255   13.815  -8.403  1.00 39.71 ? 99   PHE A CE2 1 
ATOM   747  C  CZ  . PHE A 1 99 ? -0.177  13.488  -7.128  1.00 36.24 ? 99   PHE A CZ  1 
ATOM   748  O  OXT . PHE A 1 99 ? 4.342   16.521  -7.189  1.00 27.20 ? 99   PHE A OXT 1 
ATOM   749  N  N   . PRO B 1 1  ? 2.008   17.701  -6.024  1.00 40.10 ? 1    PRO B N   1 
ATOM   750  C  CA  . PRO B 1 1  ? 1.730   17.955  -4.612  1.00 38.61 ? 1    PRO B CA  1 
ATOM   751  C  C   . PRO B 1 1  ? 2.664   17.185  -3.681  1.00 29.58 ? 1    PRO B C   1 
ATOM   752  O  O   . PRO B 1 1  ? 3.449   16.366  -4.155  1.00 27.90 ? 1    PRO B O   1 
ATOM   753  C  CB  . PRO B 1 1  ? 0.309   17.413  -4.453  1.00 42.64 ? 1    PRO B CB  1 
ATOM   754  C  CG  . PRO B 1 1  ? 0.277   16.278  -5.430  1.00 41.63 ? 1    PRO B CG  1 
ATOM   755  C  CD  . PRO B 1 1  ? 1.002   16.817  -6.633  1.00 37.11 ? 1    PRO B CD  1 
ATOM   756  N  N   . GLN B 1 2  ? 2.554   17.475  -2.392  1.00 34.77 ? 2    GLN B N   1 
ATOM   757  C  CA  . GLN B 1 2  ? 3.227   16.747  -1.328  1.00 32.46 ? 2    GLN B CA  1 
ATOM   758  C  C   . GLN B 1 2  ? 2.145   16.230  -0.376  1.00 31.95 ? 2    GLN B C   1 
ATOM   759  O  O   . GLN B 1 2  ? 1.390   17.027  0.173   1.00 28.25 ? 2    GLN B O   1 
ATOM   760  C  CB  . GLN B 1 2  ? 4.249   17.547  -0.524  1.00 29.08 ? 2    GLN B CB  1 
ATOM   761  C  CG  . GLN B 1 2  ? 4.676   16.828  0.747   1.00 35.14 ? 2    GLN B CG  1 
ATOM   762  C  CD  . GLN B 1 2  ? 5.620   17.601  1.636   1.00 41.82 ? 2    GLN B CD  1 
ATOM   763  O  OE1 . GLN B 1 2  ? 5.195   18.390  2.484   1.00 47.34 ? 2    GLN B OE1 1 
ATOM   764  N  NE2 . GLN B 1 2  ? 6.921   17.379  1.471   1.00 38.78 ? 2    GLN B NE2 1 
ATOM   765  N  N   . ILE B 1 3  ? 2.089   14.915  -0.225  1.00 24.85 ? 3    ILE B N   1 
ATOM   766  C  CA  . ILE B 1 3  ? 1.003   14.319  0.546   1.00 22.54 ? 3    ILE B CA  1 
ATOM   767  C  C   . ILE B 1 3  ? 1.555   13.612  1.777   1.00 23.58 ? 3    ILE B C   1 
ATOM   768  O  O   . ILE B 1 3  ? 2.376   12.704  1.653   1.00 26.61 ? 3    ILE B O   1 
ATOM   769  C  CB  . ILE B 1 3  ? 0.203   13.355  -0.337  1.00 27.43 ? 3    ILE B CB  1 
ATOM   770  C  CG1 . ILE B 1 3  ? -0.202  14.014  -1.656  1.00 28.63 ? 3    ILE B CG1 1 
ATOM   771  C  CG2 . ILE B 1 3  ? -1.000  12.781  0.387   1.00 28.07 ? 3    ILE B CG2 1 
ATOM   772  C  CD1 . ILE B 1 3  ? -1.094  13.196  -2.550  1.00 26.93 ? 3    ILE B CD1 1 
ATOM   773  N  N   . THR B 1 4  ? 1.089   14.079  2.929   1.00 25.64 ? 4    THR B N   1 
ATOM   774  C  CA  . THR B 1 4  ? 1.463   13.513  4.217   1.00 27.15 ? 4    THR B CA  1 
ATOM   775  C  C   . THR B 1 4  ? 0.542   12.320  4.474   1.00 23.99 ? 4    THR B C   1 
ATOM   776  O  O   . THR B 1 4  ? -0.414  12.121  3.714   1.00 21.08 ? 4    THR B O   1 
ATOM   777  C  CB  . THR B 1 4  ? 1.404   14.534  5.367   1.00 26.10 ? 4    THR B CB  1 
ATOM   778  O  OG1 . THR B 1 4  ? 0.086   15.062  5.485   1.00 22.24 ? 4    THR B OG1 1 
ATOM   779  C  CG2 . THR B 1 4  ? 2.312   15.726  5.091   1.00 24.63 ? 4    THR B CG2 1 
ATOM   780  N  N   . LEU B 1 5  ? 0.848   11.545  5.506   1.00 19.56 ? 5    LEU B N   1 
ATOM   781  C  CA  . LEU B 1 5  ? 0.153   10.283  5.709   1.00 18.41 ? 5    LEU B CA  1 
ATOM   782  C  C   . LEU B 1 5  ? -0.585  10.176  7.029   1.00 22.85 ? 5    LEU B C   1 
ATOM   783  O  O   . LEU B 1 5  ? -0.841  9.054   7.478   1.00 18.51 ? 5    LEU B O   1 
ATOM   784  C  CB  . LEU B 1 5  ? 1.171   9.132   5.569   1.00 21.06 ? 5    LEU B CB  1 
ATOM   785  C  CG  . LEU B 1 5  ? 1.913   9.159   4.221   1.00 19.59 ? 5    LEU B CG  1 
ATOM   786  C  CD1 . LEU B 1 5  ? 3.042   8.151   4.156   1.00 22.76 ? 5    LEU B CD1 1 
ATOM   787  C  CD2 . LEU B 1 5  ? 0.941   8.927   3.075   1.00 23.56 ? 5    LEU B CD2 1 
ATOM   788  N  N   . TRP B 1 6  ? -0.961  11.291  7.641   1.00 19.65 ? 6    TRP B N   1 
ATOM   789  C  CA  . TRP B 1 6  ? -1.759  11.248  8.865   1.00 26.41 ? 6    TRP B CA  1 
ATOM   790  C  C   . TRP B 1 6  ? -3.179  10.763  8.585   1.00 30.36 ? 6    TRP B C   1 
ATOM   791  O  O   . TRP B 1 6  ? -3.896  10.260  9.451   1.00 21.09 ? 6    TRP B O   1 
ATOM   792  C  CB  . TRP B 1 6  ? -1.767  12.633  9.531   1.00 27.98 ? 6    TRP B CB  1 
ATOM   793  C  CG  . TRP B 1 6  ? -0.372  13.153  9.714   1.00 21.61 ? 6    TRP B CG  1 
ATOM   794  C  CD1 . TRP B 1 6  ? 0.314   13.996  8.902   1.00 20.41 ? 6    TRP B CD1 1 
ATOM   795  C  CD2 . TRP B 1 6  ? 0.504   12.842  10.803  1.00 19.74 ? 6    TRP B CD2 1 
ATOM   796  N  NE1 . TRP B 1 6  ? 1.570   14.235  9.414   1.00 24.80 ? 6    TRP B NE1 1 
ATOM   797  C  CE2 . TRP B 1 6  ? 1.710   13.537  10.580  1.00 25.31 ? 6    TRP B CE2 1 
ATOM   798  C  CE3 . TRP B 1 6  ? 0.368   12.038  11.940  1.00 17.66 ? 6    TRP B CE3 1 
ATOM   799  C  CZ2 . TRP B 1 6  ? 2.805   13.475  11.442  1.00 17.42 ? 6    TRP B CZ2 1 
ATOM   800  C  CZ3 . TRP B 1 6  ? 1.456   11.978  12.790  1.00 19.68 ? 6    TRP B CZ3 1 
ATOM   801  C  CH2 . TRP B 1 6  ? 2.642   12.682  12.543  1.00 21.28 ? 6    TRP B CH2 1 
ATOM   802  N  N   . GLN B 1 7  ? -3.622  10.888  7.336   1.00 22.74 ? 7    GLN B N   1 
ATOM   803  C  CA  . GLN B 1 7  ? -4.878  10.278  6.921   1.00 21.47 ? 7    GLN B CA  1 
ATOM   804  C  C   . GLN B 1 7  ? -4.615  9.481   5.649   1.00 23.40 ? 7    GLN B C   1 
ATOM   805  O  O   . GLN B 1 7  ? -3.543  9.576   5.054   1.00 16.41 ? 7    GLN B O   1 
ATOM   806  C  CB  . GLN B 1 7  ? -5.986  11.289  6.691   1.00 24.57 ? 7    GLN B CB  1 
ATOM   807  C  CG  . GLN B 1 7  ? -5.616  12.480  5.824   1.00 41.29 ? 7    GLN B CG  1 
ATOM   808  C  CD  . GLN B 1 7  ? -6.599  13.614  6.100   1.00 55.75 ? 7    GLN B CD  1 
ATOM   809  O  OE1 . GLN B 1 7  ? -7.489  13.870  5.292   1.00 62.37 ? 7    GLN B OE1 1 
ATOM   810  N  NE2 . GLN B 1 7  ? -6.428  14.258  7.248   1.00 76.10 ? 7    GLN B NE2 1 
ATOM   811  N  N   . ARG B 1 8  ? -5.591  8.686   5.245   1.00 21.97 ? 8    ARG B N   1 
ATOM   812  C  CA  . ARG B 1 8  ? -5.373  7.908   4.021   1.00 24.66 ? 8    ARG B CA  1 
ATOM   813  C  C   . ARG B 1 8  ? -5.098  8.824   2.843   1.00 20.72 ? 8    ARG B C   1 
ATOM   814  O  O   . ARG B 1 8  ? -5.784  9.847   2.727   1.00 20.03 ? 8    ARG B O   1 
ATOM   815  C  CB  . ARG B 1 8  ? -6.610  7.057   3.756   1.00 26.29 ? 8    ARG B CB  1 
ATOM   816  C  CG  . ARG B 1 8  ? -6.890  6.078   4.890   1.00 29.40 ? 8    ARG B CG  1 
ATOM   817  C  CD  . ARG B 1 8  ? -8.090  5.228   4.507   1.00 35.66 ? 8    ARG B CD  1 
ATOM   818  N  NE  . ARG B 1 8  ? -8.161  3.982   5.248   1.00 48.69 ? 8    ARG B NE  1 
ATOM   819  C  CZ  . ARG B 1 8  ? -7.664  2.810   4.887   1.00 63.50 ? 8    ARG B CZ  1 
ATOM   820  N  NH1 . ARG B 1 8  ? -7.008  2.649   3.744   1.00 86.97 ? 8    ARG B NH1 1 
ATOM   821  N  NH2 . ARG B 1 8  ? -7.821  1.761   5.688   1.00 85.23 ? 8    ARG B NH2 1 
ATOM   822  N  N   . PRO B 1 9  ? -4.131  8.497   2.000   1.00 22.86 ? 9    PRO B N   1 
ATOM   823  C  CA  . PRO B 1 9  ? -3.891  9.289   0.787   1.00 21.12 ? 9    PRO B CA  1 
ATOM   824  C  C   . PRO B 1 9  ? -4.909  8.972   -0.307  1.00 23.04 ? 9    PRO B C   1 
ATOM   825  O  O   . PRO B 1 9  ? -4.610  8.356   -1.333  1.00 23.42 ? 9    PRO B O   1 
ATOM   826  C  CB  . PRO B 1 9  ? -2.492  8.857   0.356   1.00 19.19 ? 9    PRO B CB  1 
ATOM   827  C  CG  . PRO B 1 9  ? -2.423  7.436   0.816   1.00 16.15 ? 9    PRO B CG  1 
ATOM   828  C  CD  . PRO B 1 9  ? -3.161  7.389   2.130   1.00 21.68 ? 9    PRO B CD  1 
ATOM   829  N  N   . LEU B 1 10 ? -6.124  9.426   -0.038  1.00 22.03 ? 10   LEU B N   1 
ATOM   830  C  CA  . LEU B 1 10 ? -7.239  9.262   -0.967  1.00 27.54 ? 10   LEU B CA  1 
ATOM   831  C  C   . LEU B 1 10 ? -7.283  10.470  -1.886  1.00 29.70 ? 10   LEU B C   1 
ATOM   832  O  O   . LEU B 1 10 ? -7.284  11.611  -1.425  1.00 30.69 ? 10   LEU B O   1 
ATOM   833  C  CB  . LEU B 1 10 ? -8.569  9.086   -0.226  1.00 26.69 ? 10   LEU B CB  1 
ATOM   834  C  CG  . LEU B 1 10 ? -8.807  7.709   0.409   1.00 28.24 ? 10   LEU B CG  1 
ATOM   835  C  CD1 . LEU B 1 10 ? -9.780  7.811   1.572   1.00 44.25 ? 10   LEU B CD1 1 
ATOM   836  C  CD2 . LEU B 1 10 ? -9.306  6.716   -0.628  1.00 29.97 ? 10   LEU B CD2 1 
ATOM   837  N  N   . VAL B 1 11 ? -7.297  10.226  -3.187  1.00 27.59 ? 11   VAL B N   1 
ATOM   838  C  CA  . VAL B 1 11 ? -7.321  11.307  -4.162  1.00 24.13 ? 11   VAL B CA  1 
ATOM   839  C  C   . VAL B 1 11 ? -8.425  11.085  -5.185  1.00 23.36 ? 11   VAL B C   1 
ATOM   840  O  O   . VAL B 1 11 ? -8.989  9.997   -5.272  1.00 22.57 ? 11   VAL B O   1 
ATOM   841  C  CB  . VAL B 1 11 ? -5.988  11.398  -4.921  1.00 28.46 ? 11   VAL B CB  1 
ATOM   842  C  CG1 . VAL B 1 11 ? -4.824  11.628  -3.972  1.00 35.02 ? 11   VAL B CG1 1 
ATOM   843  C  CG2 . VAL B 1 11 ? -5.814  10.126  -5.740  1.00 27.10 ? 11   VAL B CG2 1 
ATOM   844  N  N   . THR B 1 12 ? -8.722  12.124  -5.951  1.00 19.21 ? 12   THR B N   1 
ATOM   845  C  CA  . THR B 1 12 ? -9.700  11.975  -7.023  1.00 18.72 ? 12   THR B CA  1 
ATOM   846  C  C   . THR B 1 12 ? -9.019  11.527  -8.313  1.00 21.40 ? 12   THR B C   1 
ATOM   847  O  O   . THR B 1 12 ? -7.992  12.090  -8.685  1.00 26.17 ? 12   THR B O   1 
ATOM   848  C  CB  . THR B 1 12 ? -10.453 13.289  -7.303  1.00 24.90 ? 12   THR B CB  1 
ATOM   849  O  OG1 . THR B 1 12 ? -11.103 13.724  -6.102  1.00 29.44 ? 12   THR B OG1 1 
ATOM   850  C  CG2 . THR B 1 12 ? -11.548 13.083  -8.341  1.00 22.32 ? 12   THR B CG2 1 
ATOM   851  N  N   . ILE B 1 13 ? -9.593  10.536  -8.974  1.00 19.67 ? 13   ILE B N   1 
ATOM   852  C  CA  . ILE B 1 13 ? -9.077  10.089  -10.267 1.00 19.55 ? 13   ILE B CA  1 
ATOM   853  C  C   . ILE B 1 13 ? -10.157 10.312  -11.316 1.00 24.87 ? 13   ILE B C   1 
ATOM   854  O  O   . ILE B 1 13 ? -11.325 10.417  -10.933 1.00 20.50 ? 13   ILE B O   1 
ATOM   855  C  CB  . ILE B 1 13 ? -8.674  8.606   -10.254 1.00 22.01 ? 13   ILE B CB  1 
ATOM   856  C  CG1 . ILE B 1 13 ? -9.813  7.628   -9.956  1.00 23.80 ? 13   ILE B CG1 1 
ATOM   857  C  CG2 . ILE B 1 13 ? -7.534  8.402   -9.262  1.00 20.65 ? 13   ILE B CG2 1 
ATOM   858  C  CD1 . ILE B 1 13 ? -9.483  6.188   -10.302 1.00 25.91 ? 13   ILE B CD1 1 
ATOM   859  N  N   . LYS B 1 14 ? -9.808  10.376  -12.598 1.00 21.70 ? 14   LYS B N   1 
ATOM   860  C  CA  . LYS B 1 14 ? -10.848 10.351  -13.617 1.00 22.51 ? 14   LYS B CA  1 
ATOM   861  C  C   . LYS B 1 14 ? -10.616 9.207   -14.602 1.00 16.39 ? 14   LYS B C   1 
ATOM   862  O  O   . LYS B 1 14 ? -9.544  9.071   -15.184 1.00 22.48 ? 14   LYS B O   1 
ATOM   863  C  CB  . LYS B 1 14 ? -10.937 11.675  -14.388 1.00 22.40 ? 14   LYS B CB  1 
ATOM   864  C  CG  . LYS B 1 14 ? -12.156 11.687  -15.294 1.00 23.84 ? 14   LYS B CG  1 
ATOM   865  C  CD  . LYS B 1 14 ? -12.530 13.049  -15.835 1.00 25.84 ? 14   LYS B CD  1 
ATOM   866  C  CE  . LYS B 1 14 ? -11.481 13.628  -16.764 1.00 28.58 ? 14   LYS B CE  1 
ATOM   867  N  NZ  . LYS B 1 14 ? -11.965 14.846  -17.497 1.00 29.75 ? 14   LYS B NZ  1 
ATOM   868  N  N   . ILE B 1 15 ? -11.642 8.390   -14.790 1.00 19.34 ? 15   ILE B N   1 
ATOM   869  C  CA  . ILE B 1 15 ? -11.548 7.284   -15.744 1.00 23.21 ? 15   ILE B CA  1 
ATOM   870  C  C   . ILE B 1 15 ? -12.907 7.057   -16.400 1.00 26.80 ? 15   ILE B C   1 
ATOM   871  O  O   . ILE B 1 15 ? -13.939 7.072   -15.723 1.00 22.46 ? 15   ILE B O   1 
ATOM   872  C  CB  . ILE B 1 15 ? -11.031 5.998   -15.078 1.00 21.26 ? 15   ILE B CB  1 
ATOM   873  C  CG1 . ILE B 1 15 ? -10.896 4.824   -16.047 1.00 19.38 ? 15   ILE B CG1 1 
ATOM   874  C  CG2 . ILE B 1 15 ? -11.889 5.612   -13.888 1.00 20.85 ? 15   ILE B CG2 1 
ATOM   875  C  CD1 . ILE B 1 15 ? -10.107 3.662   -15.518 1.00 20.32 ? 15   ILE B CD1 1 
ATOM   876  N  N   . GLY B 1 16 ? -12.892 6.868   -17.721 1.00 25.78 ? 16   GLY B N   1 
ATOM   877  C  CA  . GLY B 1 16 ? -14.124 6.750   -18.478 1.00 28.71 ? 16   GLY B CA  1 
ATOM   878  C  C   . GLY B 1 16 ? -15.062 7.930   -18.292 1.00 28.67 ? 16   GLY B C   1 
ATOM   879  O  O   . GLY B 1 16 ? -16.283 7.756   -18.292 1.00 28.79 ? 16   GLY B O   1 
ATOM   880  N  N   . GLY B 1 17 ? -14.530 9.131   -18.129 1.00 20.87 ? 17   GLY B N   1 
ATOM   881  C  CA  . GLY B 1 17 ? -15.309 10.332  -17.945 1.00 25.69 ? 17   GLY B CA  1 
ATOM   882  C  C   . GLY B 1 17 ? -15.917 10.518  -16.574 1.00 27.76 ? 17   GLY B C   1 
ATOM   883  O  O   . GLY B 1 17 ? -16.691 11.445  -16.289 1.00 26.49 ? 17   GLY B O   1 
ATOM   884  N  N   . GLN B 1 18 ? -15.594 9.616   -15.651 1.00 24.02 ? 18   GLN B N   1 
ATOM   885  C  CA  . GLN B 1 18 ? -16.214 9.686   -14.331 1.00 21.87 ? 18   GLN B CA  1 
ATOM   886  C  C   . GLN B 1 18 ? -15.186 9.917   -13.236 1.00 26.36 ? 18   GLN B C   1 
ATOM   887  O  O   . GLN B 1 18 ? -14.086 9.383   -13.279 1.00 21.51 ? 18   GLN B O   1 
ATOM   888  C  CB  . GLN B 1 18 ? -16.979 8.395   -14.054 1.00 27.27 ? 18   GLN B CB  1 
ATOM   889  C  CG  . GLN B 1 18 ? -18.402 8.424   -14.597 1.00 37.08 ? 18   GLN B CG  1 
ATOM   890  C  CD  . GLN B 1 18 ? -18.903 9.801   -14.978 1.00 47.98 ? 18   GLN B CD  1 
ATOM   891  O  OE1 . GLN B 1 18 ? -18.783 10.783  -14.244 1.00 65.30 ? 18   GLN B OE1 1 
ATOM   892  N  NE2 . GLN B 1 18 ? -19.498 9.910   -16.163 1.00 45.02 ? 18   GLN B NE2 1 
ATOM   893  N  N   . LEU B 1 19 ? -15.546 10.729  -12.254 1.00 26.24 ? 19   LEU B N   1 
ATOM   894  C  CA  . LEU B 1 19 ? -14.688 10.947  -11.102 1.00 23.49 ? 19   LEU B CA  1 
ATOM   895  C  C   . LEU B 1 19 ? -14.880 9.838   -10.068 1.00 23.51 ? 19   LEU B C   1 
ATOM   896  O  O   . LEU B 1 19 ? -15.994 9.394   -9.810  1.00 23.35 ? 19   LEU B O   1 
ATOM   897  C  CB  . LEU B 1 19 ? -14.982 12.298  -10.466 1.00 24.05 ? 19   LEU B CB  1 
ATOM   898  C  CG  . LEU B 1 19 ? -14.833 13.553  -11.325 1.00 26.62 ? 19   LEU B CG  1 
ATOM   899  C  CD1 . LEU B 1 19 ? -15.123 14.795  -10.488 1.00 28.43 ? 19   LEU B CD1 1 
ATOM   900  C  CD2 . LEU B 1 19 ? -13.447 13.672  -11.926 1.00 29.29 ? 19   LEU B CD2 1 
ATOM   901  N  N   . LYS B 1 20 ? -13.776 9.395   -9.480  1.00 20.71 ? 20   LYS B N   1 
ATOM   902  C  CA  . LYS B 1 20 ? -13.771 8.377   -8.450  1.00 19.67 ? 20   LYS B CA  1 
ATOM   903  C  C   . LYS B 1 20 ? -12.685 8.707   -7.419  1.00 21.32 ? 20   LYS B C   1 
ATOM   904  O  O   . LYS B 1 20 ? -11.673 9.331   -7.718  1.00 23.32 ? 20   LYS B O   1 
ATOM   905  C  CB  . LYS B 1 20 ? -13.476 6.981   -8.965  1.00 20.21 ? 20   LYS B CB  1 
ATOM   906  C  CG  . LYS B 1 20 ? -14.376 6.281   -9.940  1.00 27.14 ? 20   LYS B CG  1 
ATOM   907  C  CD  . LYS B 1 20 ? -13.692 5.023   -10.474 1.00 24.18 ? 20   LYS B CD  1 
ATOM   908  C  CE  . LYS B 1 20 ? -14.499 4.426   -11.614 1.00 30.26 ? 20   LYS B CE  1 
ATOM   909  N  NZ  . LYS B 1 20 ? -15.709 3.735   -11.088 1.00 32.82 ? 20   LYS B NZ  1 
ATOM   910  N  N   . GLU B 1 21 ? -12.904 8.231   -6.201  1.00 21.26 ? 21   GLU B N   1 
ATOM   911  C  CA  . GLU B 1 21 ? -11.869 8.409   -5.179  1.00 25.35 ? 21   GLU B CA  1 
ATOM   912  C  C   . GLU B 1 21 ? -10.968 7.189   -5.138  1.00 24.65 ? 21   GLU B C   1 
ATOM   913  O  O   . GLU B 1 21 ? -11.410 6.039   -5.221  1.00 22.41 ? 21   GLU B O   1 
ATOM   914  C  CB  . GLU B 1 21 ? -12.536 8.681   -3.828  1.00 29.00 ? 21   GLU B CB  1 
ATOM   915  C  CG  . GLU B 1 21 ? -11.580 8.653   -2.651  1.00 45.38 ? 21   GLU B CG  1 
ATOM   916  C  CD  . GLU B 1 21 ? -12.255 8.852   -1.307  1.00 57.59 ? 21   GLU B CD  1 
ATOM   917  O  OE1 . GLU B 1 21 ? -12.137 9.971   -0.757  1.00 64.82 ? 21   GLU B OE1 1 
ATOM   918  O  OE2 . GLU B 1 21 ? -12.894 7.901   -0.798  1.00 34.76 ? 21   GLU B OE2 1 
ATOM   919  N  N   . ALA B 1 22 ? -9.652  7.366   -5.035  1.00 23.34 ? 22   ALA B N   1 
ATOM   920  C  CA  . ALA B 1 22 ? -8.798  6.179   -4.981  1.00 19.99 ? 22   ALA B CA  1 
ATOM   921  C  C   . ALA B 1 22 ? -7.645  6.386   -4.003  1.00 25.93 ? 22   ALA B C   1 
ATOM   922  O  O   . ALA B 1 22 ? -7.285  7.504   -3.649  1.00 22.76 ? 22   ALA B O   1 
ATOM   923  C  CB  . ALA B 1 22 ? -8.249  5.831   -6.349  1.00 21.99 ? 22   ALA B CB  1 
ATOM   924  N  N   . LEU B 1 23 ? -7.065  5.274   -3.586  1.00 21.50 ? 23   LEU B N   1 
ATOM   925  C  CA  . LEU B 1 23 ? -5.973  5.252   -2.624  1.00 21.23 ? 23   LEU B CA  1 
ATOM   926  C  C   . LEU B 1 23 ? -4.601  5.140   -3.274  1.00 24.30 ? 23   LEU B C   1 
ATOM   927  O  O   . LEU B 1 23 ? -4.351  4.210   -4.053  1.00 22.23 ? 23   LEU B O   1 
ATOM   928  C  CB  . LEU B 1 23 ? -6.246  4.055   -1.714  1.00 20.12 ? 23   LEU B CB  1 
ATOM   929  C  CG  . LEU B 1 23 ? -5.290  3.847   -0.555  1.00 25.43 ? 23   LEU B CG  1 
ATOM   930  C  CD1 . LEU B 1 23 ? -5.422  4.990   0.431   1.00 24.58 ? 23   LEU B CD1 1 
ATOM   931  C  CD2 . LEU B 1 23 ? -5.564  2.493   0.098   1.00 25.17 ? 23   LEU B CD2 1 
ATOM   932  N  N   . LEU B 1 24 ? -3.714  6.087   -2.970  1.00 21.61 ? 24   LEU B N   1 
ATOM   933  C  CA  . LEU B 1 24 ? -2.345  6.012   -3.478  1.00 19.74 ? 24   LEU B CA  1 
ATOM   934  C  C   . LEU B 1 24 ? -1.579  5.006   -2.624  1.00 20.46 ? 24   LEU B C   1 
ATOM   935  O  O   . LEU B 1 24 ? -1.356  5.254   -1.438  1.00 23.27 ? 24   LEU B O   1 
ATOM   936  C  CB  . LEU B 1 24 ? -1.645  7.362   -3.478  1.00 20.78 ? 24   LEU B CB  1 
ATOM   937  C  CG  . LEU B 1 24 ? -2.342  8.516   -4.204  1.00 20.49 ? 24   LEU B CG  1 
ATOM   938  C  CD1 . LEU B 1 24 ? -1.464  9.757   -4.172  1.00 22.17 ? 24   LEU B CD1 1 
ATOM   939  C  CD2 . LEU B 1 24 ? -2.671  8.132   -5.633  1.00 19.40 ? 24   LEU B CD2 1 
ATOM   940  N  N   . ASP B 1 25 ? -1.240  3.880   -3.241  1.00 16.76 ? 25   ASP B N   1 
ATOM   941  C  CA  . ASP B 1 25 ? -0.741  2.727   -2.488  1.00 22.02 ? 25   ASP B CA  1 
ATOM   942  C  C   . ASP B 1 25 ? 0.604   2.218   -2.992  1.00 24.10 ? 25   ASP B C   1 
ATOM   943  O  O   . ASP B 1 25 ? 0.689   1.464   -3.960  1.00 22.24 ? 25   ASP B O   1 
ATOM   944  C  CB  . ASP B 1 25 ? -1.796  1.622   -2.524  1.00 27.07 ? 25   ASP B CB  1 
ATOM   945  C  CG  . ASP B 1 25 ? -1.467  0.486   -1.580  1.00 29.44 ? 25   ASP B CG  1 
ATOM   946  O  OD1 . ASP B 1 25 ? -0.354  0.439   -1.017  1.00 27.09 ? 25   ASP B OD1 1 
ATOM   947  O  OD2 . ASP B 1 25 ? -2.351  -0.375  -1.410  1.00 31.66 ? 25   ASP B OD2 1 
ATOM   948  N  N   . THR B 1 26 ? 1.676   2.632   -2.321  1.00 23.94 ? 26   THR B N   1 
ATOM   949  C  CA  . THR B 1 26 ? 3.040   2.263   -2.678  1.00 22.32 ? 26   THR B CA  1 
ATOM   950  C  C   . THR B 1 26 ? 3.314   0.779   -2.442  1.00 16.86 ? 26   THR B C   1 
ATOM   951  O  O   . THR B 1 26 ? 4.305   0.232   -2.934  1.00 25.38 ? 26   THR B O   1 
ATOM   952  C  CB  . THR B 1 26 ? 4.062   3.094   -1.882  1.00 23.47 ? 26   THR B CB  1 
ATOM   953  O  OG1 . THR B 1 26 ? 3.829   2.929   -0.477  1.00 17.18 ? 26   THR B OG1 1 
ATOM   954  C  CG2 . THR B 1 26 ? 3.896   4.578   -2.200  1.00 21.72 ? 26   THR B CG2 1 
ATOM   955  N  N   . GLY B 1 27 ? 2.436   0.132   -1.692  1.00 19.02 ? 27   GLY B N   1 
ATOM   956  C  CA  . GLY B 1 27 ? 2.536   -1.290  -1.407  1.00 19.54 ? 27   GLY B CA  1 
ATOM   957  C  C   . GLY B 1 27 ? 1.924   -2.150  -2.499  1.00 21.71 ? 27   GLY B C   1 
ATOM   958  O  O   . GLY B 1 27 ? 2.058   -3.372  -2.492  1.00 23.14 ? 27   GLY B O   1 
ATOM   959  N  N   . ALA B 1 28 ? 1.233   -1.536  -3.448  1.00 25.12 ? 28   ALA B N   1 
ATOM   960  C  CA  . ALA B 1 28 ? 0.571   -2.224  -4.543  1.00 24.49 ? 28   ALA B CA  1 
ATOM   961  C  C   . ALA B 1 28 ? 1.382   -2.169  -5.829  1.00 21.18 ? 28   ALA B C   1 
ATOM   962  O  O   . ALA B 1 28 ? 1.759   -1.099  -6.317  1.00 19.37 ? 28   ALA B O   1 
ATOM   963  C  CB  . ALA B 1 28 ? -0.812  -1.614  -4.775  1.00 19.76 ? 28   ALA B CB  1 
ATOM   964  N  N   . ASP B 1 29 ? 1.661   -3.327  -6.429  1.00 17.12 ? 29   ASP B N   1 
ATOM   965  C  CA  . ASP B 1 29 ? 2.445   -3.312  -7.661  1.00 21.47 ? 29   ASP B CA  1 
ATOM   966  C  C   . ASP B 1 29 ? 1.675   -2.684  -8.816  1.00 21.64 ? 29   ASP B C   1 
ATOM   967  O  O   . ASP B 1 29 ? 2.214   -1.935  -9.626  1.00 19.29 ? 29   ASP B O   1 
ATOM   968  C  CB  . ASP B 1 29 ? 2.841   -4.723  -8.091  1.00 29.12 ? 29   ASP B CB  1 
ATOM   969  C  CG  . ASP B 1 29 ? 3.918   -5.372  -7.250  1.00 31.95 ? 29   ASP B CG  1 
ATOM   970  O  OD1 . ASP B 1 29 ? 4.568   -4.703  -6.416  1.00 24.41 ? 29   ASP B OD1 1 
ATOM   971  O  OD2 . ASP B 1 29 ? 4.106   -6.596  -7.448  1.00 24.44 ? 29   ASP B OD2 1 
ATOM   972  N  N   . ASP B 1 30 ? 0.405   -3.033  -8.886  1.00 20.81 ? 30   ASP B N   1 
ATOM   973  C  CA  . ASP B 1 30 ? -0.491  -2.659  -9.955  1.00 23.22 ? 30   ASP B CA  1 
ATOM   974  C  C   . ASP B 1 30 ? -1.730  -1.947  -9.411  1.00 20.52 ? 30   ASP B C   1 
ATOM   975  O  O   . ASP B 1 30 ? -2.021  -2.070  -8.226  1.00 22.86 ? 30   ASP B O   1 
ATOM   976  C  CB  . ASP B 1 30 ? -0.958  -3.900  -10.720 1.00 29.12 ? 30   ASP B CB  1 
ATOM   977  C  CG  . ASP B 1 30 ? 0.206   -4.800  -11.094 1.00 32.77 ? 30   ASP B CG  1 
ATOM   978  O  OD1 . ASP B 1 30 ? 0.283   -5.944  -10.604 1.00 34.13 ? 30   ASP B OD1 1 
ATOM   979  O  OD2 . ASP B 1 30 ? 1.032   -4.322  -11.894 1.00 22.56 ? 30   ASP B OD2 1 
ATOM   980  N  N   . THR B 1 31 ? -2.398  -1.255  -10.313 1.00 19.98 ? 31   THR B N   1 
ATOM   981  C  CA  . THR B 1 31 ? -3.615  -0.510  -10.024 1.00 21.14 ? 31   THR B CA  1 
ATOM   982  C  C   . THR B 1 31 ? -4.837  -1.416  -10.106 1.00 23.27 ? 31   THR B C   1 
ATOM   983  O  O   . THR B 1 31 ? -5.007  -2.121  -11.103 1.00 21.71 ? 31   THR B O   1 
ATOM   984  C  CB  . THR B 1 31 ? -3.736  0.639   -11.040 1.00 19.77 ? 31   THR B CB  1 
ATOM   985  O  OG1 . THR B 1 31 ? -2.647  1.550   -10.811 1.00 22.32 ? 31   THR B OG1 1 
ATOM   986  C  CG2 . THR B 1 31 ? -5.039  1.399   -10.865 1.00 19.25 ? 31   THR B CG2 1 
ATOM   987  N  N   . VAL B 1 32 ? -5.670  -1.410  -9.081  1.00 16.54 ? 32   VAL B N   1 
ATOM   988  C  CA  . VAL B 1 32 ? -6.887  -2.206  -9.060  1.00 21.68 ? 32   VAL B CA  1 
ATOM   989  C  C   . VAL B 1 32 ? -8.119  -1.377  -8.695  1.00 22.16 ? 32   VAL B C   1 
ATOM   990  O  O   . VAL B 1 32 ? -8.174  -0.752  -7.637  1.00 20.91 ? 32   VAL B O   1 
ATOM   991  C  CB  . VAL B 1 32 ? -6.796  -3.360  -8.039  1.00 30.36 ? 32   VAL B CB  1 
ATOM   992  C  CG1 . VAL B 1 32 ? -7.857  -4.394  -8.393  1.00 25.23 ? 32   VAL B CG1 1 
ATOM   993  C  CG2 . VAL B 1 32 ? -5.406  -3.959  -8.008  1.00 44.70 ? 32   VAL B CG2 1 
ATOM   994  N  N   . LEU B 1 33 ? -9.111  -1.378  -9.577  1.00 24.17 ? 33   LEU B N   1 
ATOM   995  C  CA  . LEU B 1 33 ? -10.343 -0.632  -9.420  1.00 24.00 ? 33   LEU B CA  1 
ATOM   996  C  C   . LEU B 1 33 ? -11.568 -1.507  -9.168  1.00 20.88 ? 33   LEU B C   1 
ATOM   997  O  O   . LEU B 1 33 ? -11.683 -2.642  -9.629  1.00 20.16 ? 33   LEU B O   1 
ATOM   998  C  CB  . LEU B 1 33 ? -10.656 0.202   -10.676 1.00 26.58 ? 33   LEU B CB  1 
ATOM   999  C  CG  . LEU B 1 33 ? -9.544  1.155   -11.122 1.00 21.94 ? 33   LEU B CG  1 
ATOM   1000 C  CD1 . LEU B 1 33 ? -10.074 2.152   -12.143 1.00 24.90 ? 33   LEU B CD1 1 
ATOM   1001 C  CD2 . LEU B 1 33 ? -8.954  1.877   -9.932  1.00 19.73 ? 33   LEU B CD2 1 
ATOM   1002 N  N   . GLU B 1 34 ? -12.495 -0.913  -8.428  1.00 21.30 ? 34   GLU B N   1 
ATOM   1003 C  CA  . GLU B 1 34 ? -13.795 -1.535  -8.211  1.00 27.62 ? 34   GLU B CA  1 
ATOM   1004 C  C   . GLU B 1 34 ? -14.435 -1.822  -9.567  1.00 24.69 ? 34   GLU B C   1 
ATOM   1005 O  O   . GLU B 1 34 ? -14.164 -1.077  -10.517 1.00 21.41 ? 34   GLU B O   1 
ATOM   1006 C  CB  . GLU B 1 34 ? -14.680 -0.631  -7.347  1.00 23.02 ? 34   GLU B CB  1 
ATOM   1007 C  CG  . GLU B 1 34 ? -14.167 -0.414  -5.934  1.00 28.91 ? 34   GLU B CG  1 
ATOM   1008 C  CD  . GLU B 1 34 ? -14.620 0.872   -5.276  1.00 31.06 ? 34   GLU B CD  1 
ATOM   1009 O  OE1 . GLU B 1 34 ? -15.748 1.319   -5.577  1.00 38.38 ? 34   GLU B OE1 1 
ATOM   1010 O  OE2 . GLU B 1 34 ? -13.864 1.455   -4.459  1.00 31.45 ? 34   GLU B OE2 1 
ATOM   1011 N  N   . GLU B 1 35 ? -15.242 -2.872  -9.613  1.00 22.34 ? 35   GLU B N   1 
ATOM   1012 C  CA  . GLU B 1 35 ? -15.993 -3.287  -10.781 1.00 21.24 ? 35   GLU B CA  1 
ATOM   1013 C  C   . GLU B 1 35 ? -16.533 -2.104  -11.574 1.00 24.92 ? 35   GLU B C   1 
ATOM   1014 O  O   . GLU B 1 35 ? -17.223 -1.233  -11.044 1.00 23.52 ? 35   GLU B O   1 
ATOM   1015 C  CB  . GLU B 1 35 ? -17.168 -4.184  -10.368 1.00 22.89 ? 35   GLU B CB  1 
ATOM   1016 C  CG  . GLU B 1 35 ? -17.910 -4.765  -11.562 1.00 32.81 ? 35   GLU B CG  1 
ATOM   1017 C  CD  . GLU B 1 35 ? -16.968 -5.518  -12.491 1.00 31.19 ? 35   GLU B CD  1 
ATOM   1018 O  OE1 . GLU B 1 35 ? -16.917 -5.155  -13.680 1.00 32.85 ? 35   GLU B OE1 1 
ATOM   1019 O  OE2 . GLU B 1 35 ? -16.301 -6.450  -12.000 1.00 35.65 ? 35   GLU B OE2 1 
ATOM   1020 N  N   . MET B 1 36 ? -16.204 -2.044  -12.856 1.00 23.78 ? 36   MET B N   1 
ATOM   1021 C  CA  . MET B 1 36 ? -16.626 -0.941  -13.709 1.00 22.56 ? 36   MET B CA  1 
ATOM   1022 C  C   . MET B 1 36 ? -16.536 -1.416  -15.155 1.00 25.94 ? 36   MET B C   1 
ATOM   1023 O  O   . MET B 1 36 ? -15.938 -2.462  -15.409 1.00 27.10 ? 36   MET B O   1 
ATOM   1024 C  CB  . MET B 1 36 ? -15.787 0.314   -13.470 1.00 29.09 ? 36   MET B CB  1 
ATOM   1025 C  CG  . MET B 1 36 ? -14.331 0.218   -13.900 1.00 35.49 ? 36   MET B CG  1 
ATOM   1026 S  SD  . MET B 1 36 ? -13.427 1.785   -13.872 1.00 26.53 ? 36   MET B SD  1 
ATOM   1027 C  CE  . MET B 1 36 ? -14.251 2.637   -15.224 1.00 21.20 ? 36   MET B CE  1 
ATOM   1028 N  N   . SER B 1 37 ? -17.120 -0.662  -16.076 1.00 27.22 ? 37   SER B N   1 
ATOM   1029 C  CA  . SER B 1 37 ? -17.007 -0.988  -17.498 1.00 28.99 ? 37   SER B CA  1 
ATOM   1030 C  C   . SER B 1 37 ? -15.804 -0.304  -18.130 1.00 22.27 ? 37   SER B C   1 
ATOM   1031 O  O   . SER B 1 37 ? -15.572 0.896   -17.946 1.00 29.53 ? 37   SER B O   1 
ATOM   1032 C  CB  . SER B 1 37 ? -18.296 -0.573  -18.214 1.00 32.32 ? 37   SER B CB  1 
ATOM   1033 O  OG  . SER B 1 37 ? -18.224 -0.863  -19.598 1.00 58.04 ? 37   SER B OG  1 
ATOM   1034 N  N   . LEU B 1 38 ? -14.992 -1.035  -18.880 1.00 24.01 ? 38   LEU B N   1 
ATOM   1035 C  CA  . LEU B 1 38 ? -13.880 -0.448  -19.627 1.00 20.52 ? 38   LEU B CA  1 
ATOM   1036 C  C   . LEU B 1 38 ? -13.879 -0.974  -21.059 1.00 22.15 ? 38   LEU B C   1 
ATOM   1037 O  O   . LEU B 1 38 ? -14.362 -2.086  -21.244 1.00 21.92 ? 38   LEU B O   1 
ATOM   1038 C  CB  . LEU B 1 38 ? -12.534 -0.750  -18.989 1.00 24.81 ? 38   LEU B CB  1 
ATOM   1039 C  CG  . LEU B 1 38 ? -12.274 -0.111  -17.625 1.00 26.68 ? 38   LEU B CG  1 
ATOM   1040 C  CD1 . LEU B 1 38 ? -10.990 -0.653  -17.003 1.00 25.34 ? 38   LEU B CD1 1 
ATOM   1041 C  CD2 . LEU B 1 38 ? -12.212 1.401   -17.751 1.00 27.94 ? 38   LEU B CD2 1 
ATOM   1042 N  N   . PRO B 1 39 ? -13.359 -0.216  -22.008 1.00 27.84 ? 39   PRO B N   1 
ATOM   1043 C  CA  . PRO B 1 39 ? -13.326 -0.643  -23.408 1.00 31.88 ? 39   PRO B CA  1 
ATOM   1044 C  C   . PRO B 1 39 ? -12.270 -1.699  -23.702 1.00 31.79 ? 39   PRO B C   1 
ATOM   1045 O  O   . PRO B 1 39 ? -11.284 -1.850  -22.984 1.00 25.53 ? 39   PRO B O   1 
ATOM   1046 C  CB  . PRO B 1 39 ? -12.905 0.630   -24.160 1.00 27.96 ? 39   PRO B CB  1 
ATOM   1047 C  CG  . PRO B 1 39 ? -12.054 1.342   -23.155 1.00 27.01 ? 39   PRO B CG  1 
ATOM   1048 C  CD  . PRO B 1 39 ? -12.751 1.118   -21.838 1.00 29.00 ? 39   PRO B CD  1 
ATOM   1049 N  N   . GLY B 1 40 ? -12.500 -2.400  -24.805 1.00 22.91 ? 40   GLY B N   1 
ATOM   1050 C  CA  . GLY B 1 40 ? -11.517 -3.286  -25.384 1.00 20.04 ? 40   GLY B CA  1 
ATOM   1051 C  C   . GLY B 1 40 ? -11.531 -4.670  -24.778 1.00 24.56 ? 40   GLY B C   1 
ATOM   1052 O  O   . GLY B 1 40 ? -12.478 -5.050  -24.104 1.00 30.71 ? 40   GLY B O   1 
ATOM   1053 N  N   . ARG B 1 41 ? -10.469 -5.413  -25.044 1.00 23.32 ? 41   ARG B N   1 
ATOM   1054 C  CA  . ARG B 1 41 ? -10.334 -6.778  -24.563 1.00 29.60 ? 41   ARG B CA  1 
ATOM   1055 C  C   . ARG B 1 41 ? -9.556  -6.801  -23.256 1.00 28.08 ? 41   ARG B C   1 
ATOM   1056 O  O   . ARG B 1 41 ? -8.757  -5.919  -22.976 1.00 24.38 ? 41   ARG B O   1 
ATOM   1057 C  CB  . ARG B 1 41 ? -9.625  -7.659  -25.596 1.00 29.96 ? 41   ARG B CB  1 
ATOM   1058 C  CG  . ARG B 1 41 ? -10.547 -8.046  -26.747 1.00 26.18 ? 41   ARG B CG  1 
ATOM   1059 C  CD  . ARG B 1 41 ? -9.878  -9.050  -27.654 1.00 26.85 ? 41   ARG B CD  1 
ATOM   1060 N  NE  . ARG B 1 41 ? -9.636  -10.328 -27.019 1.00 25.20 ? 41   ARG B NE  1 
ATOM   1061 C  CZ  . ARG B 1 41 ? -10.490 -11.330 -26.889 1.00 20.65 ? 41   ARG B CZ  1 
ATOM   1062 N  NH1 . ARG B 1 41 ? -11.717 -11.227 -27.370 1.00 23.23 ? 41   ARG B NH1 1 
ATOM   1063 N  NH2 . ARG B 1 41 ? -10.101 -12.438 -26.277 1.00 24.59 ? 41   ARG B NH2 1 
ATOM   1064 N  N   . TRP B 1 42 ? -9.814  -7.832  -22.463 1.00 22.86 ? 42   TRP B N   1 
ATOM   1065 C  CA  . TRP B 1 42 ? -9.072  -7.975  -21.219 1.00 18.00 ? 42   TRP B CA  1 
ATOM   1066 C  C   . TRP B 1 42 ? -8.453  -9.364  -21.137 1.00 23.24 ? 42   TRP B C   1 
ATOM   1067 O  O   . TRP B 1 42 ? -8.869  -10.264 -21.866 1.00 22.70 ? 42   TRP B O   1 
ATOM   1068 C  CB  . TRP B 1 42 ? -9.997  -7.714  -20.044 1.00 20.73 ? 42   TRP B CB  1 
ATOM   1069 C  CG  . TRP B 1 42 ? -11.194 -8.601  -19.913 1.00 20.65 ? 42   TRP B CG  1 
ATOM   1070 C  CD1 . TRP B 1 42 ? -12.417 -8.467  -20.508 1.00 23.58 ? 42   TRP B CD1 1 
ATOM   1071 C  CD2 . TRP B 1 42 ? -11.278 -9.784  -19.106 1.00 19.18 ? 42   TRP B CD2 1 
ATOM   1072 N  NE1 . TRP B 1 42 ? -13.262 -9.488  -20.130 1.00 18.02 ? 42   TRP B NE1 1 
ATOM   1073 C  CE2 . TRP B 1 42 ? -12.574 -10.308 -19.269 1.00 22.47 ? 42   TRP B CE2 1 
ATOM   1074 C  CE3 . TRP B 1 42 ? -10.366 -10.432 -18.274 1.00 19.71 ? 42   TRP B CE3 1 
ATOM   1075 C  CZ2 . TRP B 1 42 ? -12.971 -11.465 -18.614 1.00 28.72 ? 42   TRP B CZ2 1 
ATOM   1076 C  CZ3 . TRP B 1 42 ? -10.765 -11.586 -17.622 1.00 26.82 ? 42   TRP B CZ3 1 
ATOM   1077 C  CH2 . TRP B 1 42 ? -12.060 -12.084 -17.802 1.00 30.24 ? 42   TRP B CH2 1 
ATOM   1078 N  N   . LYS B 1 43 ? -7.482  -9.484  -20.243 1.00 23.60 ? 43   LYS B N   1 
ATOM   1079 C  CA  . LYS B 1 43 ? -6.781  -10.737 -19.991 1.00 25.90 ? 43   LYS B CA  1 
ATOM   1080 C  C   . LYS B 1 43 ? -6.833  -11.052 -18.502 1.00 29.01 ? 43   LYS B C   1 
ATOM   1081 O  O   . LYS B 1 43 ? -7.037  -10.160 -17.680 1.00 24.45 ? 43   LYS B O   1 
ATOM   1082 C  CB  . LYS B 1 43 ? -5.342  -10.664 -20.494 1.00 34.83 ? 43   LYS B CB  1 
ATOM   1083 C  CG  . LYS B 1 43 ? -4.456  -9.611  -19.855 1.00 57.24 ? 43   LYS B CG  1 
ATOM   1084 C  CD  . LYS B 1 43 ? -3.262  -9.295  -20.749 1.00 67.10 ? 43   LYS B CD  1 
ATOM   1085 C  CE  . LYS B 1 43 ? -1.962  -9.249  -19.966 1.00 74.95 ? 43   LYS B CE  1 
ATOM   1086 N  NZ  . LYS B 1 43 ? -1.580  -10.562 -19.377 1.00 89.88 ? 43   LYS B NZ  1 
ATOM   1087 N  N   . PRO B 1 44 ? -6.650  -12.308 -18.130 1.00 21.81 ? 44   PRO B N   1 
ATOM   1088 C  CA  . PRO B 1 44 ? -6.762  -12.665 -16.720 1.00 24.49 ? 44   PRO B CA  1 
ATOM   1089 C  C   . PRO B 1 44 ? -5.467  -12.389 -15.973 1.00 22.55 ? 44   PRO B C   1 
ATOM   1090 O  O   . PRO B 1 44 ? -4.388  -12.472 -16.545 1.00 22.88 ? 44   PRO B O   1 
ATOM   1091 C  CB  . PRO B 1 44 ? -7.025  -14.173 -16.799 1.00 26.26 ? 44   PRO B CB  1 
ATOM   1092 C  CG  . PRO B 1 44 ? -6.208  -14.593 -17.980 1.00 30.29 ? 44   PRO B CG  1 
ATOM   1093 C  CD  . PRO B 1 44 ? -6.333  -13.469 -18.974 1.00 29.05 ? 44   PRO B CD  1 
ATOM   1094 N  N   . LYS B 1 45 ? -5.612  -12.054 -14.697 1.00 22.71 ? 45   LYS B N   1 
ATOM   1095 C  CA  . LYS B 1 45 ? -4.460  -11.851 -13.834 1.00 22.76 ? 45   LYS B CA  1 
ATOM   1096 C  C   . LYS B 1 45 ? -4.808  -12.280 -12.411 1.00 24.02 ? 45   LYS B C   1 
ATOM   1097 O  O   . LYS B 1 45 ? -5.922  -12.087 -11.942 1.00 25.96 ? 45   LYS B O   1 
ATOM   1098 C  CB  . LYS B 1 45 ? -3.962  -10.405 -13.841 1.00 21.34 ? 45   LYS B CB  1 
ATOM   1099 C  CG  . LYS B 1 45 ? -2.476  -10.316 -13.489 1.00 29.79 ? 45   LYS B CG  1 
ATOM   1100 C  CD  . LYS B 1 45 ? -2.149  -8.968  -12.887 1.00 34.14 ? 45   LYS B CD  1 
ATOM   1101 C  CE  . LYS B 1 45 ? -0.818  -8.977  -12.156 1.00 32.30 ? 45   LYS B CE  1 
ATOM   1102 N  NZ  . LYS B 1 45 ? 0.330   -9.240  -13.063 1.00 37.27 ? 45   LYS B NZ  1 
ATOM   1103 N  N   . MET B 1 46 ? -3.808  -12.873 -11.774 1.00 26.28 ? 46   MET B N   1 
ATOM   1104 C  CA  . MET B 1 46 ? -3.928  -13.272 -10.378 1.00 34.84 ? 46   MET B CA  1 
ATOM   1105 C  C   . MET B 1 46 ? -3.131  -12.274 -9.537  1.00 27.43 ? 46   MET B C   1 
ATOM   1106 O  O   . MET B 1 46 ? -1.981  -11.995 -9.876  1.00 24.03 ? 46   MET B O   1 
ATOM   1107 C  CB  . MET B 1 46 ? -3.400  -14.684 -10.155 1.00 41.93 ? 46   MET B CB  1 
ATOM   1108 C  CG  . MET B 1 46 ? -4.177  -15.794 -10.833 1.00 38.46 ? 46   MET B CG  1 
ATOM   1109 S  SD  . MET B 1 46 ? -5.857  -15.936 -10.211 1.00 49.69 ? 46   MET B SD  1 
ATOM   1110 C  CE  . MET B 1 46 ? -5.574  -16.066 -8.445  1.00 34.98 ? 46   MET B CE  1 
ATOM   1111 N  N   . ILE B 1 47 ? -3.723  -11.733 -8.482  1.00 25.04 ? 47   ILE B N   1 
ATOM   1112 C  CA  . ILE B 1 47 ? -2.943  -10.824 -7.645  1.00 25.57 ? 47   ILE B CA  1 
ATOM   1113 C  C   . ILE B 1 47 ? -2.915  -11.356 -6.216  1.00 25.87 ? 47   ILE B C   1 
ATOM   1114 O  O   . ILE B 1 47 ? -3.899  -11.947 -5.781  1.00 28.30 ? 47   ILE B O   1 
ATOM   1115 C  CB  . ILE B 1 47 ? -3.473  -9.381  -7.658  1.00 28.07 ? 47   ILE B CB  1 
ATOM   1116 C  CG1 . ILE B 1 47 ? -4.925  -9.208  -7.232  1.00 30.47 ? 47   ILE B CG1 1 
ATOM   1117 C  CG2 . ILE B 1 47 ? -3.229  -8.790  -9.046  1.00 30.24 ? 47   ILE B CG2 1 
ATOM   1118 C  CD1 . ILE B 1 47 ? -5.416  -7.775  -7.316  1.00 26.83 ? 47   ILE B CD1 1 
ATOM   1119 N  N   . GLY B 1 48 ? -1.783  -11.140 -5.557  1.00 30.51 ? 48   GLY B N   1 
ATOM   1120 C  CA  . GLY B 1 48 ? -1.558  -11.612 -4.201  1.00 26.08 ? 48   GLY B CA  1 
ATOM   1121 C  C   . GLY B 1 48 ? -1.954  -10.556 -3.186  1.00 22.88 ? 48   GLY B C   1 
ATOM   1122 O  O   . GLY B 1 48 ? -1.289  -9.525  -3.084  1.00 26.54 ? 48   GLY B O   1 
ATOM   1123 N  N   . GLY B 1 49 ? -3.020  -10.811 -2.439  1.00 25.90 ? 49   GLY B N   1 
ATOM   1124 C  CA  . GLY B 1 49 ? -3.481  -9.861  -1.441  1.00 28.03 ? 49   GLY B CA  1 
ATOM   1125 C  C   . GLY B 1 49 ? -3.179  -10.320 -0.031  1.00 28.93 ? 49   GLY B C   1 
ATOM   1126 O  O   . GLY B 1 49 ? -2.601  -11.385 0.169   1.00 25.81 ? 49   GLY B O   1 
ATOM   1127 N  N   . ILE B 1 50 ? -3.575  -9.524  0.958   1.00 27.55 ? 50   ILE B N   1 
ATOM   1128 C  CA  . ILE B 1 50 ? -3.286  -9.832  2.352   1.00 29.27 ? 50   ILE B CA  1 
ATOM   1129 C  C   . ILE B 1 50 ? -3.917  -11.133 2.818   1.00 27.51 ? 50   ILE B C   1 
ATOM   1130 O  O   . ILE B 1 50 ? -3.436  -11.774 3.747   1.00 40.96 ? 50   ILE B O   1 
ATOM   1131 C  CB  . ILE B 1 50 ? -3.792  -8.727  3.304   1.00 35.59 ? 50   ILE B CB  1 
ATOM   1132 C  CG1 . ILE B 1 50 ? -3.271  -8.876  4.737   1.00 40.75 ? 50   ILE B CG1 1 
ATOM   1133 C  CG2 . ILE B 1 50 ? -5.312  -8.652  3.277   1.00 38.27 ? 50   ILE B CG2 1 
ATOM   1134 C  CD1 . ILE B 1 50 ? -1.950  -8.166  4.958   1.00 32.12 ? 50   ILE B CD1 1 
ATOM   1135 N  N   . GLY B 1 51 ? -5.017  -11.553 2.200   1.00 31.17 ? 51   GLY B N   1 
ATOM   1136 C  CA  . GLY B 1 51 ? -5.652  -12.781 2.660   1.00 26.49 ? 51   GLY B CA  1 
ATOM   1137 C  C   . GLY B 1 51 ? -5.557  -13.892 1.644   1.00 30.65 ? 51   GLY B C   1 
ATOM   1138 O  O   . GLY B 1 51 ? -6.142  -14.966 1.801   1.00 44.60 ? 51   GLY B O   1 
ATOM   1139 N  N   . GLY B 1 52 ? -4.821  -13.672 0.551   1.00 28.54 ? 52   GLY B N   1 
ATOM   1140 C  CA  . GLY B 1 52 ? -4.803  -14.744 -0.448  1.00 30.85 ? 52   GLY B CA  1 
ATOM   1141 C  C   . GLY B 1 52 ? -4.773  -14.187 -1.857  1.00 27.81 ? 52   GLY B C   1 
ATOM   1142 O  O   . GLY B 1 52 ? -4.912  -12.980 -2.046  1.00 22.77 ? 52   GLY B O   1 
ATOM   1143 N  N   . PHE B 1 53 ? -4.582  -15.051 -2.838  1.00 32.90 ? 53   PHE B N   1 
ATOM   1144 C  CA  . PHE B 1 53 ? -4.559  -14.658 -4.243  1.00 38.93 ? 53   PHE B CA  1 
ATOM   1145 C  C   . PHE B 1 53 ? -5.950  -14.630 -4.852  1.00 34.52 ? 53   PHE B C   1 
ATOM   1146 O  O   . PHE B 1 53 ? -6.850  -15.411 -4.541  1.00 37.57 ? 53   PHE B O   1 
ATOM   1147 C  CB  . PHE B 1 53 ? -3.663  -15.621 -5.029  1.00 43.96 ? 53   PHE B CB  1 
ATOM   1148 C  CG  . PHE B 1 53 ? -2.195  -15.238 -5.063  1.00 41.73 ? 53   PHE B CG  1 
ATOM   1149 C  CD1 . PHE B 1 53 ? -1.320  -15.699 -4.095  1.00 43.49 ? 53   PHE B CD1 1 
ATOM   1150 C  CD2 . PHE B 1 53 ? -1.703  -14.419 -6.063  1.00 43.29 ? 53   PHE B CD2 1 
ATOM   1151 C  CE1 . PHE B 1 53 ? 0.016   -15.339 -4.134  1.00 50.67 ? 53   PHE B CE1 1 
ATOM   1152 C  CE2 . PHE B 1 53 ? -0.370  -14.057 -6.107  1.00 46.74 ? 53   PHE B CE2 1 
ATOM   1153 C  CZ  . PHE B 1 53 ? 0.500   -14.518 -5.137  1.00 47.26 ? 53   PHE B CZ  1 
ATOM   1154 N  N   . ILE B 1 54 ? -6.181  -13.693 -5.773  1.00 33.46 ? 54   ILE B N   1 
ATOM   1155 C  CA  . ILE B 1 54 ? -7.461  -13.632 -6.453  1.00 28.85 ? 54   ILE B CA  1 
ATOM   1156 C  C   . ILE B 1 54 ? -7.262  -13.277 -7.931  1.00 30.01 ? 54   ILE B C   1 
ATOM   1157 O  O   . ILE B 1 54 ? -6.212  -12.776 -8.313  1.00 27.83 ? 54   ILE B O   1 
ATOM   1158 C  CB  . ILE B 1 54 ? -8.449  -12.600 -5.881  1.00 29.89 ? 54   ILE B CB  1 
ATOM   1159 C  CG1 . ILE B 1 54 ? -8.035  -11.159 -6.193  1.00 29.10 ? 54   ILE B CG1 1 
ATOM   1160 C  CG2 . ILE B 1 54 ? -8.669  -12.808 -4.392  1.00 42.78 ? 54   ILE B CG2 1 
ATOM   1161 C  CD1 . ILE B 1 54 ? -9.002  -10.131 -5.640  1.00 39.91 ? 54   ILE B CD1 1 
ATOM   1162 N  N   . LYS B 1 55 ? -8.316  -13.562 -8.677  1.00 32.27 ? 55   LYS B N   1 
ATOM   1163 C  CA  . LYS B 1 55 ? -8.378  -13.337 -10.112 1.00 27.58 ? 55   LYS B CA  1 
ATOM   1164 C  C   . LYS B 1 55 ? -8.990  -11.973 -10.380 1.00 29.92 ? 55   LYS B C   1 
ATOM   1165 O  O   . LYS B 1 55 ? -9.989  -11.610 -9.760  1.00 28.86 ? 55   LYS B O   1 
ATOM   1166 C  CB  . LYS B 1 55 ? -9.191  -14.426 -10.793 1.00 34.67 ? 55   LYS B CB  1 
ATOM   1167 N  N   . VAL B 1 56 ? -8.386  -11.226 -11.292 1.00 24.60 ? 56   VAL B N   1 
ATOM   1168 C  CA  . VAL B 1 56 ? -8.938  -9.950  -11.717 1.00 26.64 ? 56   VAL B CA  1 
ATOM   1169 C  C   . VAL B 1 56 ? -8.802  -9.798  -13.227 1.00 25.12 ? 56   VAL B C   1 
ATOM   1170 O  O   . VAL B 1 56 ? -8.089  -10.545 -13.894 1.00 24.27 ? 56   VAL B O   1 
ATOM   1171 C  CB  . VAL B 1 56 ? -8.224  -8.750  -11.063 1.00 24.26 ? 56   VAL B CB  1 
ATOM   1172 C  CG1 . VAL B 1 56 ? -8.470  -8.733  -9.577  1.00 26.63 ? 56   VAL B CG1 1 
ATOM   1173 C  CG2 . VAL B 1 56 ? -6.740  -8.856  -11.385 1.00 21.13 ? 56   VAL B CG2 1 
ATOM   1174 N  N   . ARG B 1 57 ? -9.506  -8.806  -13.749 1.00 24.34 ? 57   ARG B N   1 
ATOM   1175 C  CA  . ARG B 1 57 ? -9.448  -8.498  -15.168 1.00 25.94 ? 57   ARG B CA  1 
ATOM   1176 C  C   . ARG B 1 57 ? -8.393  -7.432  -15.467 1.00 24.52 ? 57   ARG B C   1 
ATOM   1177 O  O   . ARG B 1 57 ? -8.416  -6.370  -14.850 1.00 22.33 ? 57   ARG B O   1 
ATOM   1178 C  CB  . ARG B 1 57 ? -10.815 -8.009  -15.647 1.00 19.26 ? 57   ARG B CB  1 
ATOM   1179 C  CG  . ARG B 1 57 ? -11.976 -8.907  -15.240 1.00 29.33 ? 57   ARG B CG  1 
ATOM   1180 C  CD  . ARG B 1 57 ? -13.160 -8.774  -16.178 1.00 26.90 ? 57   ARG B CD  1 
ATOM   1181 N  NE  . ARG B 1 57 ? -13.722 -7.425  -16.205 1.00 31.84 ? 57   ARG B NE  1 
ATOM   1182 C  CZ  . ARG B 1 57 ? -14.473 -6.871  -15.259 1.00 35.16 ? 57   ARG B CZ  1 
ATOM   1183 N  NH1 . ARG B 1 57 ? -14.781 -7.543  -14.153 1.00 34.87 ? 57   ARG B NH1 1 
ATOM   1184 N  NH2 . ARG B 1 57 ? -14.940 -5.631  -15.384 1.00 31.96 ? 57   ARG B NH2 1 
ATOM   1185 N  N   . GLN B 1 58 ? -7.504  -7.712  -16.420 1.00 21.02 ? 58   GLN B N   1 
ATOM   1186 C  CA  . GLN B 1 58 ? -6.487  -6.768  -16.846 1.00 19.90 ? 58   GLN B CA  1 
ATOM   1187 C  C   . GLN B 1 58 ? -6.863  -6.093  -18.168 1.00 21.12 ? 58   GLN B C   1 
ATOM   1188 O  O   . GLN B 1 58 ? -6.977  -6.753  -19.189 1.00 22.97 ? 58   GLN B O   1 
ATOM   1189 C  CB  . GLN B 1 58 ? -5.110  -7.413  -17.018 1.00 24.68 ? 58   GLN B CB  1 
ATOM   1190 C  CG  . GLN B 1 58 ? -4.052  -6.479  -17.600 1.00 23.14 ? 58   GLN B CG  1 
ATOM   1191 C  CD  . GLN B 1 58 ? -2.655  -7.061  -17.511 1.00 24.53 ? 58   GLN B CD  1 
ATOM   1192 O  OE1 . GLN B 1 58 ? -2.382  -7.933  -16.682 1.00 23.67 ? 58   GLN B OE1 1 
ATOM   1193 N  NE2 . GLN B 1 58 ? -1.737  -6.590  -18.345 1.00 26.84 ? 58   GLN B NE2 1 
ATOM   1194 N  N   . TYR B 1 59 ? -7.019  -4.781  -18.114 1.00 24.73 ? 59   TYR B N   1 
ATOM   1195 C  CA  . TYR B 1 59 ? -7.211  -3.947  -19.284 1.00 21.32 ? 59   TYR B CA  1 
ATOM   1196 C  C   . TYR B 1 59 ? -5.955  -3.112  -19.518 1.00 20.76 ? 59   TYR B C   1 
ATOM   1197 O  O   . TYR B 1 59 ? -5.381  -2.490  -18.625 1.00 21.57 ? 59   TYR B O   1 
ATOM   1198 C  CB  . TYR B 1 59 ? -8.426  -3.043  -19.125 1.00 25.81 ? 59   TYR B CB  1 
ATOM   1199 C  CG  . TYR B 1 59 ? -9.752  -3.758  -18.993 1.00 22.58 ? 59   TYR B CG  1 
ATOM   1200 C  CD1 . TYR B 1 59 ? -10.110 -4.324  -17.774 1.00 24.80 ? 59   TYR B CD1 1 
ATOM   1201 C  CD2 . TYR B 1 59 ? -10.632 -3.866  -20.064 1.00 20.95 ? 59   TYR B CD2 1 
ATOM   1202 C  CE1 . TYR B 1 59 ? -11.315 -4.986  -17.619 1.00 20.99 ? 59   TYR B CE1 1 
ATOM   1203 C  CE2 . TYR B 1 59 ? -11.845 -4.527  -19.908 1.00 20.16 ? 59   TYR B CE2 1 
ATOM   1204 C  CZ  . TYR B 1 59 ? -12.175 -5.081  -18.688 1.00 21.35 ? 59   TYR B CZ  1 
ATOM   1205 O  OH  . TYR B 1 59 ? -13.372 -5.742  -18.514 1.00 25.28 ? 59   TYR B OH  1 
ATOM   1206 N  N   . ASP B 1 60 ? -5.481  -3.070  -20.758 1.00 18.30 ? 60   ASP B N   1 
ATOM   1207 C  CA  . ASP B 1 60 ? -4.240  -2.327  -20.973 1.00 23.09 ? 60   ASP B CA  1 
ATOM   1208 C  C   . ASP B 1 60 ? -4.502  -1.036  -21.739 1.00 28.33 ? 60   ASP B C   1 
ATOM   1209 O  O   . ASP B 1 60 ? -5.538  -0.894  -22.381 1.00 24.77 ? 60   ASP B O   1 
ATOM   1210 C  CB  . ASP B 1 60 ? -3.250  -3.221  -21.702 1.00 31.51 ? 60   ASP B CB  1 
ATOM   1211 C  CG  . ASP B 1 60 ? -2.823  -4.426  -20.884 1.00 30.35 ? 60   ASP B CG  1 
ATOM   1212 O  OD1 . ASP B 1 60 ? -2.554  -4.317  -19.672 1.00 32.45 ? 60   ASP B OD1 1 
ATOM   1213 O  OD2 . ASP B 1 60 ? -2.749  -5.521  -21.467 1.00 34.25 ? 60   ASP B OD2 1 
ATOM   1214 N  N   . GLN B 1 61 ? -3.550  -0.128  -21.640 1.00 25.01 ? 61   GLN B N   1 
ATOM   1215 C  CA  . GLN B 1 61 ? -3.516  1.149   -22.338 1.00 24.23 ? 61   GLN B CA  1 
ATOM   1216 C  C   . GLN B 1 61 ? -4.808  1.929   -22.164 1.00 24.28 ? 61   GLN B C   1 
ATOM   1217 O  O   . GLN B 1 61 ? -5.439  2.392   -23.104 1.00 23.56 ? 61   GLN B O   1 
ATOM   1218 C  CB  . GLN B 1 61 ? -3.238  0.936   -23.828 1.00 30.13 ? 61   GLN B CB  1 
ATOM   1219 C  CG  . GLN B 1 61 ? -2.028  1.696   -24.333 1.00 37.54 ? 61   GLN B CG  1 
ATOM   1220 C  CD  . GLN B 1 61 ? -1.621  1.244   -25.727 1.00 40.45 ? 61   GLN B CD  1 
ATOM   1221 O  OE1 . GLN B 1 61 ? -1.300  0.072   -25.918 1.00 38.33 ? 61   GLN B OE1 1 
ATOM   1222 N  NE2 . GLN B 1 61 ? -1.635  2.170   -26.677 1.00 37.23 ? 61   GLN B NE2 1 
ATOM   1223 N  N   . ILE B 1 62 ? -5.192  2.087   -20.909 1.00 21.89 ? 62   ILE B N   1 
ATOM   1224 C  CA  . ILE B 1 62 ? -6.383  2.832   -20.554 1.00 17.27 ? 62   ILE B CA  1 
ATOM   1225 C  C   . ILE B 1 62 ? -6.072  4.234   -20.082 1.00 20.56 ? 62   ILE B C   1 
ATOM   1226 O  O   . ILE B 1 62 ? -5.144  4.476   -19.312 1.00 23.72 ? 62   ILE B O   1 
ATOM   1227 C  CB  . ILE B 1 62 ? -7.104  2.058   -19.435 1.00 17.96 ? 62   ILE B CB  1 
ATOM   1228 C  CG1 . ILE B 1 62 ? -7.527  0.671   -19.919 1.00 21.22 ? 62   ILE B CG1 1 
ATOM   1229 C  CG2 . ILE B 1 62 ? -8.261  2.867   -18.888 1.00 23.56 ? 62   ILE B CG2 1 
ATOM   1230 C  CD1 . ILE B 1 62 ? -8.699  0.710   -20.879 1.00 24.44 ? 62   ILE B CD1 1 
ATOM   1231 N  N   . LEU B 1 63 ? -6.860  5.201   -20.556 1.00 22.22 ? 63   LEU B N   1 
ATOM   1232 C  CA  . LEU B 1 63 ? -6.637  6.560   -20.096 1.00 19.83 ? 63   LEU B CA  1 
ATOM   1233 C  C   . LEU B 1 63 ? -7.162  6.720   -18.669 1.00 22.82 ? 63   LEU B C   1 
ATOM   1234 O  O   . LEU B 1 63 ? -8.298  6.376   -18.362 1.00 20.15 ? 63   LEU B O   1 
ATOM   1235 C  CB  . LEU B 1 63 ? -7.346  7.590   -20.972 1.00 25.88 ? 63   LEU B CB  1 
ATOM   1236 C  CG  . LEU B 1 63 ? -6.790  7.806   -22.381 1.00 37.83 ? 63   LEU B CG  1 
ATOM   1237 C  CD1 . LEU B 1 63 ? -7.046  6.593   -23.265 1.00 36.53 ? 63   LEU B CD1 1 
ATOM   1238 C  CD2 . LEU B 1 63 ? -7.400  9.070   -22.981 1.00 38.65 ? 63   LEU B CD2 1 
ATOM   1239 N  N   . ILE B 1 64 ? -6.316  7.275   -17.816 1.00 23.03 ? 64   ILE B N   1 
ATOM   1240 C  CA  . ILE B 1 64 ? -6.785  7.595   -16.470 1.00 22.73 ? 64   ILE B CA  1 
ATOM   1241 C  C   . ILE B 1 64 ? -6.044  8.822   -15.961 1.00 25.85 ? 64   ILE B C   1 
ATOM   1242 O  O   . ILE B 1 64 ? -4.852  8.984   -16.219 1.00 27.97 ? 64   ILE B O   1 
ATOM   1243 C  CB  . ILE B 1 64 ? -6.600  6.398   -15.525 1.00 25.83 ? 64   ILE B CB  1 
ATOM   1244 C  CG1 . ILE B 1 64 ? -6.928  6.671   -14.056 1.00 19.78 ? 64   ILE B CG1 1 
ATOM   1245 C  CG2 . ILE B 1 64 ? -5.183  5.845   -15.674 1.00 24.89 ? 64   ILE B CG2 1 
ATOM   1246 C  CD1 . ILE B 1 64 ? -6.736  5.469   -13.150 1.00 20.06 ? 64   ILE B CD1 1 
ATOM   1247 N  N   . GLU B 1 65 ? -6.753  9.687   -15.253 1.00 23.47 ? 65   GLU B N   1 
ATOM   1248 C  CA  . GLU B 1 65 ? -6.152  10.894  -14.672 1.00 20.80 ? 65   GLU B CA  1 
ATOM   1249 C  C   . GLU B 1 65 ? -6.083  10.763  -13.158 1.00 23.89 ? 65   GLU B C   1 
ATOM   1250 O  O   . GLU B 1 65 ? -7.014  10.312  -12.483 1.00 24.21 ? 65   GLU B O   1 
ATOM   1251 C  CB  . GLU B 1 65 ? -6.988  12.068  -15.149 1.00 28.23 ? 65   GLU B CB  1 
ATOM   1252 C  CG  . GLU B 1 65 ? -6.414  13.464  -15.098 1.00 33.62 ? 65   GLU B CG  1 
ATOM   1253 C  CD  . GLU B 1 65 ? -7.511  14.447  -15.523 1.00 26.58 ? 65   GLU B CD  1 
ATOM   1254 O  OE1 . GLU B 1 65 ? -8.146  15.016  -14.626 1.00 38.51 ? 65   GLU B OE1 1 
ATOM   1255 O  OE2 . GLU B 1 65 ? -7.713  14.588  -16.746 1.00 37.66 ? 65   GLU B OE2 1 
ATOM   1256 N  N   . ILE B 1 66 ? -4.947  11.124  -12.571 1.00 22.36 ? 66   ILE B N   1 
ATOM   1257 C  CA  . ILE B 1 66 ? -4.782  10.979  -11.128 1.00 25.99 ? 66   ILE B CA  1 
ATOM   1258 C  C   . ILE B 1 66 ? -4.413  12.328  -10.522 1.00 23.44 ? 66   ILE B C   1 
ATOM   1259 O  O   . ILE B 1 66 ? -3.334  12.829  -10.849 1.00 29.01 ? 66   ILE B O   1 
ATOM   1260 C  CB  . ILE B 1 66 ? -3.699  9.941   -10.814 1.00 27.78 ? 66   ILE B CB  1 
ATOM   1261 C  CG1 . ILE B 1 66 ? -3.990  8.551   -11.400 1.00 29.57 ? 66   ILE B CG1 1 
ATOM   1262 C  CG2 . ILE B 1 66 ? -3.424  9.828   -9.325  1.00 28.50 ? 66   ILE B CG2 1 
ATOM   1263 C  CD1 . ILE B 1 66 ? -2.708  7.824   -11.757 1.00 35.10 ? 66   ILE B CD1 1 
ATOM   1264 N  N   . CYS B 1 67 ? -5.287  12.888  -9.700  1.00 23.40 ? 67   CYS B N   1 
ATOM   1265 C  CA  . CYS B 1 67 ? -5.139  14.248  -9.198  1.00 31.42 ? 67   CYS B CA  1 
ATOM   1266 C  C   . CYS B 1 67 ? -4.865  15.188  -10.373 1.00 29.03 ? 67   CYS B C   1 
ATOM   1267 O  O   . CYS B 1 67 ? -3.984  16.046  -10.327 1.00 32.33 ? 67   CYS B O   1 
ATOM   1268 C  CB  . CYS B 1 67 ? -4.014  14.407  -8.177  1.00 40.15 ? 67   CYS B CB  1 
ATOM   1269 S  SG  . CYS B 1 67 ? -4.005  13.271  -6.777  1.00 42.65 ? 67   CYS B SG  1 
ATOM   1270 N  N   . GLY B 1 68 ? -5.597  15.038  -11.469 1.00 26.66 ? 68   GLY B N   1 
ATOM   1271 C  CA  . GLY B 1 68 ? -5.381  15.904  -12.614 1.00 32.70 ? 68   GLY B CA  1 
ATOM   1272 C  C   . GLY B 1 68 ? -4.213  15.534  -13.492 1.00 26.57 ? 68   GLY B C   1 
ATOM   1273 O  O   . GLY B 1 68 ? -4.030  16.098  -14.573 1.00 32.60 ? 68   GLY B O   1 
ATOM   1274 N  N   . HIS B 1 69 ? -3.379  14.587  -13.078 1.00 24.16 ? 69   HIS B N   1 
ATOM   1275 C  CA  . HIS B 1 69 ? -2.226  14.205  -13.894 1.00 22.87 ? 69   HIS B CA  1 
ATOM   1276 C  C   . HIS B 1 69 ? -2.610  13.119  -14.891 1.00 27.79 ? 69   HIS B C   1 
ATOM   1277 O  O   . HIS B 1 69 ? -3.059  12.044  -14.485 1.00 29.80 ? 69   HIS B O   1 
ATOM   1278 C  CB  . HIS B 1 69 ? -1.101  13.661  -13.033 1.00 30.61 ? 69   HIS B CB  1 
ATOM   1279 C  CG  . HIS B 1 69 ? -0.012  14.563  -12.589 1.00 36.01 ? 69   HIS B CG  1 
ATOM   1280 N  ND1 . HIS B 1 69 ? -0.224  15.679  -11.812 1.00 47.73 ? 69   HIS B ND1 1 
ATOM   1281 C  CD2 . HIS B 1 69 ? 1.327   14.496  -12.809 1.00 46.47 ? 69   HIS B CD2 1 
ATOM   1282 C  CE1 . HIS B 1 69 ? 0.934   16.271  -11.578 1.00 52.63 ? 69   HIS B CE1 1 
ATOM   1283 N  NE2 . HIS B 1 69 ? 1.888   15.574  -12.171 1.00 52.28 ? 69   HIS B NE2 1 
ATOM   1284 N  N   . LYS B 1 70 ? -2.435  13.363  -16.181 1.00 25.77 ? 70   LYS B N   1 
ATOM   1285 C  CA  . LYS B 1 70 ? -2.843  12.366  -17.167 1.00 29.24 ? 70   LYS B CA  1 
ATOM   1286 C  C   . LYS B 1 70 ? -1.913  11.165  -17.231 1.00 25.43 ? 70   LYS B C   1 
ATOM   1287 O  O   . LYS B 1 70 ? -0.692  11.288  -17.159 1.00 30.11 ? 70   LYS B O   1 
ATOM   1288 C  CB  . LYS B 1 70 ? -2.915  13.042  -18.545 1.00 42.17 ? 70   LYS B CB  1 
ATOM   1289 C  CG  . LYS B 1 70 ? -3.767  14.303  -18.537 1.00 43.80 ? 70   LYS B CG  1 
ATOM   1290 C  CD  . LYS B 1 70 ? -4.207  14.653  -19.952 1.00 41.05 ? 70   LYS B CD  1 
ATOM   1291 C  CE  . LYS B 1 70 ? -5.647  15.147  -19.935 1.00 41.63 ? 70   LYS B CE  1 
ATOM   1292 N  NZ  . LYS B 1 70 ? -5.735  16.502  -19.312 1.00 41.11 ? 70   LYS B NZ  1 
ATOM   1293 N  N   . ALA B 1 71 ? -2.501  9.987   -17.376 1.00 22.76 ? 71   ALA B N   1 
ATOM   1294 C  CA  . ALA B 1 71 ? -1.781  8.740   -17.562 1.00 18.70 ? 71   ALA B CA  1 
ATOM   1295 C  C   . ALA B 1 71 ? -2.588  7.817   -18.478 1.00 19.03 ? 71   ALA B C   1 
ATOM   1296 O  O   . ALA B 1 71 ? -3.785  7.991   -18.676 1.00 21.85 ? 71   ALA B O   1 
ATOM   1297 C  CB  . ALA B 1 71 ? -1.493  8.018   -16.255 1.00 22.66 ? 71   ALA B CB  1 
ATOM   1298 N  N   . ILE B 1 72 ? -1.930  6.840   -19.037 1.00 21.51 ? 72   ILE B N   1 
ATOM   1299 C  CA  . ILE B 1 72 ? -2.330  5.770   -19.900 1.00 22.17 ? 72   ILE B CA  1 
ATOM   1300 C  C   . ILE B 1 72 ? -1.557  4.501   -19.562 1.00 20.39 ? 72   ILE B C   1 
ATOM   1301 O  O   . ILE B 1 72 ? -0.359  4.400   -19.809 1.00 23.44 ? 72   ILE B O   1 
ATOM   1302 C  CB  . ILE B 1 72 ? -2.087  6.111   -21.379 1.00 18.07 ? 72   ILE B CB  1 
ATOM   1303 C  CG1 . ILE B 1 72 ? -2.522  7.512   -21.801 1.00 22.67 ? 72   ILE B CG1 1 
ATOM   1304 C  CG2 . ILE B 1 72 ? -2.773  5.040   -22.211 1.00 18.55 ? 72   ILE B CG2 1 
ATOM   1305 C  CD1 . ILE B 1 72 ? -2.415  7.746   -23.299 1.00 23.42 ? 72   ILE B CD1 1 
ATOM   1306 N  N   . GLY B 1 73 ? -2.251  3.530   -18.979 1.00 20.13 ? 73   GLY B N   1 
ATOM   1307 C  CA  . GLY B 1 73 ? -1.536  2.354   -18.507 1.00 19.86 ? 73   GLY B CA  1 
ATOM   1308 C  C   . GLY B 1 73 ? -2.512  1.233   -18.201 1.00 21.07 ? 73   GLY B C   1 
ATOM   1309 O  O   . GLY B 1 73 ? -3.677  1.321   -18.566 1.00 18.42 ? 73   GLY B O   1 
ATOM   1310 N  N   . THR B 1 74 ? -1.979  0.217   -17.538 1.00 18.64 ? 74   THR B N   1 
ATOM   1311 C  CA  . THR B 1 74 ? -2.758  -0.975  -17.237 1.00 23.89 ? 74   THR B CA  1 
ATOM   1312 C  C   . THR B 1 74 ? -3.638  -0.737  -16.021 1.00 23.28 ? 74   THR B C   1 
ATOM   1313 O  O   . THR B 1 74 ? -3.172  -0.196  -15.013 1.00 20.00 ? 74   THR B O   1 
ATOM   1314 C  CB  . THR B 1 74 ? -1.796  -2.155  -17.019 1.00 25.48 ? 74   THR B CB  1 
ATOM   1315 O  OG1 . THR B 1 74 ? -1.187  -2.444  -18.285 1.00 24.57 ? 74   THR B OG1 1 
ATOM   1316 C  CG2 . THR B 1 74 ? -2.510  -3.410  -16.562 1.00 23.41 ? 74   THR B CG2 1 
ATOM   1317 N  N   . VAL B 1 75 ? -4.895  -1.130  -16.144 1.00 20.97 ? 75   VAL B N   1 
ATOM   1318 C  CA  . VAL B 1 75 ? -5.832  -1.062  -15.027 1.00 20.60 ? 75   VAL B CA  1 
ATOM   1319 C  C   . VAL B 1 75 ? -6.446  -2.434  -14.796 1.00 22.32 ? 75   VAL B C   1 
ATOM   1320 O  O   . VAL B 1 75 ? -6.925  -3.050  -15.742 1.00 20.26 ? 75   VAL B O   1 
ATOM   1321 C  CB  . VAL B 1 75 ? -6.932  -0.012  -15.261 1.00 22.61 ? 75   VAL B CB  1 
ATOM   1322 C  CG1 . VAL B 1 75 ? -7.944  -0.044  -14.129 1.00 28.56 ? 75   VAL B CG1 1 
ATOM   1323 C  CG2 . VAL B 1 75 ? -6.311  1.376   -15.396 1.00 20.18 ? 75   VAL B CG2 1 
ATOM   1324 N  N   . LEU B 1 76 ? -6.417  -2.899  -13.552 1.00 20.01 ? 76   LEU B N   1 
ATOM   1325 C  CA  . LEU B 1 76 ? -7.062  -4.162  -13.214 1.00 20.95 ? 76   LEU B CA  1 
ATOM   1326 C  C   . LEU B 1 76 ? -8.426  -3.878  -12.591 1.00 26.25 ? 76   LEU B C   1 
ATOM   1327 O  O   . LEU B 1 76 ? -8.599  -2.835  -11.962 1.00 24.43 ? 76   LEU B O   1 
ATOM   1328 C  CB  . LEU B 1 76 ? -6.212  -4.979  -12.250 1.00 20.61 ? 76   LEU B CB  1 
ATOM   1329 C  CG  . LEU B 1 76 ? -4.731  -5.119  -12.620 1.00 21.29 ? 76   LEU B CG  1 
ATOM   1330 C  CD1 . LEU B 1 76 ? -3.986  -5.862  -11.520 1.00 25.58 ? 76   LEU B CD1 1 
ATOM   1331 C  CD2 . LEU B 1 76 ? -4.577  -5.814  -13.963 1.00 17.45 ? 76   LEU B CD2 1 
ATOM   1332 N  N   . VAL B 1 77 ? -9.365  -4.792  -12.769 1.00 23.53 ? 77   VAL B N   1 
ATOM   1333 C  CA  . VAL B 1 77 ? -10.708 -4.606  -12.232 1.00 19.95 ? 77   VAL B CA  1 
ATOM   1334 C  C   . VAL B 1 77 ? -11.110 -5.847  -11.445 1.00 29.57 ? 77   VAL B C   1 
ATOM   1335 O  O   . VAL B 1 77 ? -10.955 -6.974  -11.918 1.00 30.07 ? 77   VAL B O   1 
ATOM   1336 C  CB  . VAL B 1 77 ? -11.750 -4.338  -13.331 1.00 21.49 ? 77   VAL B CB  1 
ATOM   1337 C  CG1 . VAL B 1 77 ? -13.120 -4.045  -12.727 1.00 26.40 ? 77   VAL B CG1 1 
ATOM   1338 C  CG2 . VAL B 1 77 ? -11.290 -3.190  -14.211 1.00 21.18 ? 77   VAL B CG2 1 
ATOM   1339 N  N   . GLY B 1 78 ? -11.613 -5.610  -10.237 1.00 27.86 ? 78   GLY B N   1 
ATOM   1340 C  CA  . GLY B 1 78 ? -12.041 -6.699  -9.396  1.00 18.10 ? 78   GLY B CA  1 
ATOM   1341 C  C   . GLY B 1 78 ? -12.476 -6.271  -8.008  1.00 23.16 ? 78   GLY B C   1 
ATOM   1342 O  O   . GLY B 1 78 ? -12.480 -5.097  -7.663  1.00 25.27 ? 78   GLY B O   1 
ATOM   1343 N  N   . PRO B 1 79 ? -12.831 -7.261  -7.196  1.00 25.80 ? 79   PRO B N   1 
ATOM   1344 C  CA  . PRO B 1 79 ? -13.416 -7.043  -5.875  1.00 24.09 ? 79   PRO B CA  1 
ATOM   1345 C  C   . PRO B 1 79 ? -12.391 -6.582  -4.847  1.00 25.36 ? 79   PRO B C   1 
ATOM   1346 O  O   . PRO B 1 79 ? -11.924 -7.329  -4.000  1.00 30.11 ? 79   PRO B O   1 
ATOM   1347 C  CB  . PRO B 1 79 ? -13.929 -8.432  -5.491  1.00 28.50 ? 79   PRO B CB  1 
ATOM   1348 C  CG  . PRO B 1 79 ? -12.991 -9.359  -6.190  1.00 35.27 ? 79   PRO B CG  1 
ATOM   1349 C  CD  . PRO B 1 79 ? -12.669 -8.696  -7.508  1.00 27.53 ? 79   PRO B CD  1 
ATOM   1350 N  N   . THR B 1 80 ? -12.057 -5.307  -4.957  1.00 27.81 ? 80   THR B N   1 
ATOM   1351 C  CA  . THR B 1 80 ? -11.098 -4.652  -4.081  1.00 30.84 ? 80   THR B CA  1 
ATOM   1352 C  C   . THR B 1 80 ? -11.816 -3.768  -3.063  1.00 29.57 ? 80   THR B C   1 
ATOM   1353 O  O   . THR B 1 80 ? -12.842 -3.167  -3.410  1.00 29.56 ? 80   THR B O   1 
ATOM   1354 C  CB  . THR B 1 80 ? -10.086 -3.802  -4.873  1.00 28.88 ? 80   THR B CB  1 
ATOM   1355 O  OG1 . THR B 1 80 ? -9.294  -3.067  -3.935  1.00 21.77 ? 80   THR B OG1 1 
ATOM   1356 C  CG2 . THR B 1 80 ? -10.788 -2.776  -5.756  1.00 29.92 ? 80   THR B CG2 1 
ATOM   1357 N  N   . PRO B 1 81 ? -11.335 -3.681  -1.824  1.00 29.51 ? 81   PRO B N   1 
ATOM   1358 C  CA  . PRO B 1 81 ? -12.046 -2.900  -0.802  1.00 28.14 ? 81   PRO B CA  1 
ATOM   1359 C  C   . PRO B 1 81 ? -12.200 -1.428  -1.164  1.00 30.88 ? 81   PRO B C   1 
ATOM   1360 O  O   . PRO B 1 81 ? -13.130 -0.741  -0.741  1.00 25.56 ? 81   PRO B O   1 
ATOM   1361 C  CB  . PRO B 1 81 ? -11.144 -3.021  0.427   1.00 29.57 ? 81   PRO B CB  1 
ATOM   1362 C  CG  . PRO B 1 81 ? -10.344 -4.253  0.200   1.00 30.50 ? 81   PRO B CG  1 
ATOM   1363 C  CD  . PRO B 1 81 ? -10.125 -4.321  -1.280  1.00 33.49 ? 81   PRO B CD  1 
ATOM   1364 N  N   . VAL B 1 82 ? -11.254 -0.938  -1.956  1.00 25.28 ? 82   VAL B N   1 
ATOM   1365 C  CA  . VAL B 1 82 ? -11.211 0.445   -2.396  1.00 21.03 ? 82   VAL B CA  1 
ATOM   1366 C  C   . VAL B 1 82 ? -10.447 0.511   -3.720  1.00 17.77 ? 82   VAL B C   1 
ATOM   1367 O  O   . VAL B 1 82 ? -9.628  -0.365  -3.988  1.00 24.83 ? 82   VAL B O   1 
ATOM   1368 C  CB  . VAL B 1 82 ? -10.523 1.375   -1.390  1.00 21.27 ? 82   VAL B CB  1 
ATOM   1369 C  CG1 . VAL B 1 82 ? -9.041  1.035   -1.298  1.00 26.89 ? 82   VAL B CG1 1 
ATOM   1370 C  CG2 . VAL B 1 82 ? -10.687 2.837   -1.776  1.00 44.12 ? 82   VAL B CG2 1 
ATOM   1371 N  N   . ASN B 1 83 ? -10.702 1.526   -4.519  1.00 18.56 ? 83   ASN B N   1 
ATOM   1372 C  CA  . ASN B 1 83 ? -9.891  1.754   -5.708  1.00 19.33 ? 83   ASN B CA  1 
ATOM   1373 C  C   . ASN B 1 83 ? -8.453  2.016   -5.274  1.00 20.45 ? 83   ASN B C   1 
ATOM   1374 O  O   . ASN B 1 83 ? -8.224  2.912   -4.451  1.00 21.23 ? 83   ASN B O   1 
ATOM   1375 C  CB  . ASN B 1 83 ? -10.375 2.954   -6.517  1.00 19.94 ? 83   ASN B CB  1 
ATOM   1376 C  CG  . ASN B 1 83 ? -11.765 2.790   -7.090  1.00 19.57 ? 83   ASN B CG  1 
ATOM   1377 O  OD1 . ASN B 1 83 ? -12.089 1.732   -7.619  1.00 23.30 ? 83   ASN B OD1 1 
ATOM   1378 N  ND2 . ASN B 1 83 ? -12.569 3.843   -6.962  1.00 20.03 ? 83   ASN B ND2 1 
ATOM   1379 N  N   . ILE B 1 84 ? -7.540  1.248   -5.857  1.00 19.72 ? 84   ILE B N   1 
ATOM   1380 C  CA  . ILE B 1 84 ? -6.130  1.405   -5.519  1.00 16.33 ? 84   ILE B CA  1 
ATOM   1381 C  C   . ILE B 1 84 ? -5.235  1.753   -6.700  1.00 23.97 ? 84   ILE B C   1 
ATOM   1382 O  O   . ILE B 1 84 ? -5.217  1.054   -7.708  1.00 19.46 ? 84   ILE B O   1 
ATOM   1383 C  CB  . ILE B 1 84 ? -5.606  0.094   -4.891  1.00 20.96 ? 84   ILE B CB  1 
ATOM   1384 C  CG1 . ILE B 1 84 ? -6.228  -0.161  -3.519  1.00 25.45 ? 84   ILE B CG1 1 
ATOM   1385 C  CG2 . ILE B 1 84 ? -4.092  0.101   -4.870  1.00 22.19 ? 84   ILE B CG2 1 
ATOM   1386 C  CD1 . ILE B 1 84 ? -6.141  -1.587  -3.044  1.00 30.18 ? 84   ILE B CD1 1 
ATOM   1387 N  N   . ILE B 1 85 ? -4.487  2.841   -6.536  1.00 19.53 ? 85   ILE B N   1 
ATOM   1388 C  CA  . ILE B 1 85 ? -3.478  3.269   -7.492  1.00 20.66 ? 85   ILE B CA  1 
ATOM   1389 C  C   . ILE B 1 85 ? -2.132  2.714   -7.023  1.00 26.16 ? 85   ILE B C   1 
ATOM   1390 O  O   . ILE B 1 85 ? -1.688  3.050   -5.925  1.00 24.52 ? 85   ILE B O   1 
ATOM   1391 C  CB  . ILE B 1 85 ? -3.368  4.790   -7.656  1.00 19.27 ? 85   ILE B CB  1 
ATOM   1392 C  CG1 . ILE B 1 85 ? -4.706  5.513   -7.843  1.00 20.94 ? 85   ILE B CG1 1 
ATOM   1393 C  CG2 . ILE B 1 85 ? -2.436  5.143   -8.808  1.00 21.02 ? 85   ILE B CG2 1 
ATOM   1394 C  CD1 . ILE B 1 85 ? -5.547  4.984   -8.975  1.00 18.24 ? 85   ILE B CD1 1 
ATOM   1395 N  N   . GLY B 1 86 ? -1.548  1.864   -7.855  1.00 22.58 ? 86   GLY B N   1 
ATOM   1396 C  CA  . GLY B 1 86 ? -0.316  1.178   -7.516  1.00 22.18 ? 86   GLY B CA  1 
ATOM   1397 C  C   . GLY B 1 86 ? 0.876   1.730   -8.279  1.00 22.96 ? 86   GLY B C   1 
ATOM   1398 O  O   . GLY B 1 86 ? 0.774   2.731   -8.987  1.00 18.47 ? 86   GLY B O   1 
ATOM   1399 N  N   . ARG B 1 87 ? 2.014   1.059   -8.131  1.00 18.92 ? 87   ARG B N   1 
ATOM   1400 C  CA  . ARG B 1 87 ? 3.262   1.644   -8.610  1.00 22.87 ? 87   ARG B CA  1 
ATOM   1401 C  C   . ARG B 1 87 ? 3.282   1.816   -10.119 1.00 25.63 ? 87   ARG B C   1 
ATOM   1402 O  O   . ARG B 1 87 ? 4.008   2.683   -10.630 1.00 25.93 ? 87   ARG B O   1 
ATOM   1403 C  CB  . ARG B 1 87 ? 4.446   0.800   -8.129  1.00 17.95 ? 87   ARG B CB  1 
ATOM   1404 C  CG  . ARG B 1 87 ? 4.628   0.835   -6.619  1.00 16.70 ? 87   ARG B CG  1 
ATOM   1405 C  CD  . ARG B 1 87 ? 5.966   0.238   -6.190  1.00 25.09 ? 87   ARG B CD  1 
ATOM   1406 N  NE  . ARG B 1 87 ? 6.014   -1.189  -6.524  1.00 28.16 ? 87   ARG B NE  1 
ATOM   1407 C  CZ  . ARG B 1 87 ? 6.571   -1.763  -7.574  1.00 25.12 ? 87   ARG B CZ  1 
ATOM   1408 N  NH1 . ARG B 1 87 ? 7.200   -1.059  -8.504  1.00 22.16 ? 87   ARG B NH1 1 
ATOM   1409 N  NH2 . ARG B 1 87 ? 6.511   -3.086  -7.727  1.00 21.57 ? 87   ARG B NH2 1 
ATOM   1410 N  N   . ASN B 1 88 ? 2.510   1.031   -10.861 1.00 26.39 ? 88   ASN B N   1 
ATOM   1411 C  CA  . ASN B 1 88 ? 2.585   1.185   -12.321 1.00 21.83 ? 88   ASN B CA  1 
ATOM   1412 C  C   . ASN B 1 88 ? 2.174   2.595   -12.735 1.00 24.00 ? 88   ASN B C   1 
ATOM   1413 O  O   . ASN B 1 88 ? 2.804   3.133   -13.650 1.00 28.40 ? 88   ASN B O   1 
ATOM   1414 C  CB  . ASN B 1 88 ? 1.750   0.149   -13.060 1.00 25.95 ? 88   ASN B CB  1 
ATOM   1415 C  CG  . ASN B 1 88 ? 0.254   0.302   -12.936 1.00 18.31 ? 88   ASN B CG  1 
ATOM   1416 O  OD1 . ASN B 1 88 ? -0.305  0.334   -11.837 1.00 20.77 ? 88   ASN B OD1 1 
ATOM   1417 N  ND2 . ASN B 1 88 ? -0.401  0.402   -14.087 1.00 20.41 ? 88   ASN B ND2 1 
ATOM   1418 N  N   . LEU B 1 89 ? 1.174   3.174   -12.080 1.00 16.97 ? 89   LEU B N   1 
ATOM   1419 C  CA  . LEU B 1 89 ? 0.740   4.528   -12.430 1.00 15.00 ? 89   LEU B CA  1 
ATOM   1420 C  C   . LEU B 1 89 ? 1.451   5.542   -11.550 1.00 21.51 ? 89   LEU B C   1 
ATOM   1421 O  O   . LEU B 1 89 ? 1.721   6.657   -12.003 1.00 25.07 ? 89   LEU B O   1 
ATOM   1422 C  CB  . LEU B 1 89 ? -0.789  4.653   -12.385 1.00 19.73 ? 89   LEU B CB  1 
ATOM   1423 C  CG  . LEU B 1 89 ? -1.529  3.703   -13.343 1.00 22.36 ? 89   LEU B CG  1 
ATOM   1424 C  CD1 . LEU B 1 89 ? -3.040  3.841   -13.212 1.00 31.63 ? 89   LEU B CD1 1 
ATOM   1425 C  CD2 . LEU B 1 89 ? -1.112  3.918   -14.793 1.00 20.37 ? 89   LEU B CD2 1 
ATOM   1426 N  N   . LEU B 1 90 ? 1.794   5.186   -10.319 1.00 21.07 ? 90   LEU B N   1 
ATOM   1427 C  CA  . LEU B 1 90 ? 2.515   6.152   -9.484  1.00 19.41 ? 90   LEU B CA  1 
ATOM   1428 C  C   . LEU B 1 90 ? 3.820   6.550   -10.160 1.00 22.82 ? 90   LEU B C   1 
ATOM   1429 O  O   . LEU B 1 90 ? 4.152   7.734   -10.181 1.00 25.37 ? 90   LEU B O   1 
ATOM   1430 C  CB  . LEU B 1 90 ? 2.759   5.584   -8.086  1.00 22.22 ? 90   LEU B CB  1 
ATOM   1431 C  CG  . LEU B 1 90 ? 1.492   5.315   -7.277  1.00 20.27 ? 90   LEU B CG  1 
ATOM   1432 C  CD1 . LEU B 1 90 ? 1.840   4.744   -5.909  1.00 25.27 ? 90   LEU B CD1 1 
ATOM   1433 C  CD2 . LEU B 1 90 ? 0.640   6.565   -7.097  1.00 22.91 ? 90   LEU B CD2 1 
ATOM   1434 N  N   . THR B 1 91 ? 4.522   5.574   -10.722 1.00 22.22 ? 91   THR B N   1 
ATOM   1435 C  CA  . THR B 1 91 ? 5.766   5.858   -11.434 1.00 28.67 ? 91   THR B CA  1 
ATOM   1436 C  C   . THR B 1 91 ? 5.505   6.782   -12.616 1.00 30.62 ? 91   THR B C   1 
ATOM   1437 O  O   . THR B 1 91 ? 6.238   7.723   -12.909 1.00 24.53 ? 91   THR B O   1 
ATOM   1438 C  CB  . THR B 1 91 ? 6.435   4.573   -11.954 1.00 26.66 ? 91   THR B CB  1 
ATOM   1439 O  OG1 . THR B 1 91 ? 5.485   3.816   -12.721 1.00 30.65 ? 91   THR B OG1 1 
ATOM   1440 C  CG2 . THR B 1 91 ? 6.842   3.681   -10.801 1.00 22.65 ? 91   THR B CG2 1 
ATOM   1441 N  N   . GLN B 1 92 ? 4.418   6.508   -13.328 1.00 25.52 ? 92   GLN B N   1 
ATOM   1442 C  CA  . GLN B 1 92 ? 4.096   7.274   -14.516 1.00 26.48 ? 92   GLN B CA  1 
ATOM   1443 C  C   . GLN B 1 92 ? 3.924   8.765   -14.260 1.00 34.09 ? 92   GLN B C   1 
ATOM   1444 O  O   . GLN B 1 92 ? 4.315   9.564   -15.105 1.00 32.62 ? 92   GLN B O   1 
ATOM   1445 C  CB  . GLN B 1 92 ? 2.795   6.746   -15.126 1.00 26.57 ? 92   GLN B CB  1 
ATOM   1446 C  CG  . GLN B 1 92 ? 3.031   5.887   -16.349 1.00 32.75 ? 92   GLN B CG  1 
ATOM   1447 C  CD  . GLN B 1 92 ? 1.915   5.904   -17.371 1.00 24.47 ? 92   GLN B CD  1 
ATOM   1448 O  OE1 . GLN B 1 92 ? 1.479   4.845   -17.807 1.00 30.17 ? 92   GLN B OE1 1 
ATOM   1449 N  NE2 . GLN B 1 92 ? 1.494   7.097   -17.742 1.00 20.52 ? 92   GLN B NE2 1 
ATOM   1450 N  N   . ILE B 1 93 ? 3.334   9.113   -13.124 1.00 28.19 ? 93   ILE B N   1 
ATOM   1451 C  CA  . ILE B 1 93 ? 3.054   10.501  -12.785 1.00 24.50 ? 93   ILE B CA  1 
ATOM   1452 C  C   . ILE B 1 93 ? 4.190   11.156  -12.006 1.00 25.32 ? 93   ILE B C   1 
ATOM   1453 O  O   . ILE B 1 93 ? 4.009   12.298  -11.583 1.00 28.76 ? 93   ILE B O   1 
ATOM   1454 C  CB  . ILE B 1 93 ? 1.759   10.606  -11.956 1.00 22.70 ? 93   ILE B CB  1 
ATOM   1455 C  CG1 . ILE B 1 93 ? 1.815   9.843   -10.634 1.00 23.32 ? 93   ILE B CG1 1 
ATOM   1456 C  CG2 . ILE B 1 93 ? 0.585   10.170  -12.821 1.00 18.97 ? 93   ILE B CG2 1 
ATOM   1457 C  CD1 . ILE B 1 93 ? 0.856   10.334  -9.576  1.00 35.33 ? 93   ILE B CD1 1 
ATOM   1458 N  N   . GLY B 1 94 ? 5.279   10.430  -11.834 1.00 23.58 ? 94   GLY B N   1 
ATOM   1459 C  CA  . GLY B 1 94 ? 6.513   10.851  -11.213 1.00 26.65 ? 94   GLY B CA  1 
ATOM   1460 C  C   . GLY B 1 94 ? 6.506   10.842  -9.703  1.00 32.66 ? 94   GLY B C   1 
ATOM   1461 O  O   . GLY B 1 94 ? 7.152   11.686  -9.074  1.00 26.20 ? 94   GLY B O   1 
ATOM   1462 N  N   . CYS B 1 95 ? 5.800   9.897   -9.086  1.00 28.21 ? 95   CYS B N   1 
ATOM   1463 C  CA  . CYS B 1 95 ? 5.676   9.854   -7.632  1.00 26.59 ? 95   CYS B CA  1 
ATOM   1464 C  C   . CYS B 1 95 ? 6.858   9.172   -6.966  1.00 26.73 ? 95   CYS B C   1 
ATOM   1465 O  O   . CYS B 1 95 ? 7.313   8.132   -7.446  1.00 27.21 ? 95   CYS B O   1 
ATOM   1466 C  CB  . CYS B 1 95 ? 4.361   9.142   -7.279  1.00 32.51 ? 95   CYS B CB  1 
ATOM   1467 S  SG  . CYS B 1 95 ? 3.727   9.503   -5.637  1.00 37.40 ? 95   CYS B SG  1 
ATOM   1468 N  N   . THR B 1 96 ? 7.354   9.746   -5.875  1.00 26.36 ? 96   THR B N   1 
ATOM   1469 C  CA  . THR B 1 96 ? 8.401   9.147   -5.060  1.00 25.46 ? 96   THR B CA  1 
ATOM   1470 C  C   . THR B 1 96 ? 8.001   9.185   -3.586  1.00 23.81 ? 96   THR B C   1 
ATOM   1471 O  O   . THR B 1 96 ? 7.121   9.968   -3.233  1.00 24.62 ? 96   THR B O   1 
ATOM   1472 C  CB  . THR B 1 96 ? 9.760   9.854   -5.180  1.00 27.19 ? 96   THR B CB  1 
ATOM   1473 O  OG1 . THR B 1 96 ? 9.635   11.231  -4.781  1.00 25.96 ? 96   THR B OG1 1 
ATOM   1474 C  CG2 . THR B 1 96 ? 10.234  9.893   -6.621  1.00 38.46 ? 96   THR B CG2 1 
ATOM   1475 N  N   . LEU B 1 97 ? 8.666   8.373   -2.777  1.00 25.25 ? 97   LEU B N   1 
ATOM   1476 C  CA  . LEU B 1 97 ? 8.574   8.503   -1.322  1.00 25.09 ? 97   LEU B CA  1 
ATOM   1477 C  C   . LEU B 1 97 ? 9.770   9.313   -0.830  1.00 21.55 ? 97   LEU B C   1 
ATOM   1478 O  O   . LEU B 1 97 ? 10.878  9.126   -1.333  1.00 27.22 ? 97   LEU B O   1 
ATOM   1479 C  CB  . LEU B 1 97 ? 8.545   7.154   -0.615  1.00 23.75 ? 97   LEU B CB  1 
ATOM   1480 C  CG  . LEU B 1 97 ? 7.252   6.344   -0.742  1.00 18.97 ? 97   LEU B CG  1 
ATOM   1481 C  CD1 . LEU B 1 97 ? 7.485   4.916   -0.299  1.00 22.54 ? 97   LEU B CD1 1 
ATOM   1482 C  CD2 . LEU B 1 97 ? 6.143   7.007   0.063   1.00 18.64 ? 97   LEU B CD2 1 
ATOM   1483 N  N   . ASN B 1 98 ? 9.555   10.214  0.111   1.00 24.64 ? 98   ASN B N   1 
ATOM   1484 C  CA  . ASN B 1 98 ? 10.546  11.118  0.659   1.00 22.75 ? 98   ASN B CA  1 
ATOM   1485 C  C   . ASN B 1 98 ? 10.534  11.229  2.178   1.00 18.67 ? 98   ASN B C   1 
ATOM   1486 O  O   . ASN B 1 98 ? 9.464   11.396  2.767   1.00 24.34 ? 98   ASN B O   1 
ATOM   1487 C  CB  . ASN B 1 98 ? 10.309  12.532  0.082   1.00 25.99 ? 98   ASN B CB  1 
ATOM   1488 C  CG  . ASN B 1 98 ? 10.459  12.465  -1.433  1.00 33.68 ? 98   ASN B CG  1 
ATOM   1489 O  OD1 . ASN B 1 98 ? 9.525   12.174  -2.170  1.00 28.03 ? 98   ASN B OD1 1 
ATOM   1490 N  ND2 . ASN B 1 98 ? 11.685  12.683  -1.861  1.00 27.56 ? 98   ASN B ND2 1 
ATOM   1491 N  N   . PHE B 1 99 ? 11.702  11.144  2.800   1.00 24.13 ? 99   PHE B N   1 
ATOM   1492 C  CA  . PHE B 1 99 ? 11.861  11.469  4.210   1.00 29.63 ? 99   PHE B CA  1 
ATOM   1493 C  C   . PHE B 1 99 ? 13.287  11.915  4.535   1.00 34.66 ? 99   PHE B C   1 
ATOM   1494 O  O   . PHE B 1 99 ? 14.100  12.065  3.601   1.00 36.59 ? 99   PHE B O   1 
ATOM   1495 C  CB  . PHE B 1 99 ? 11.461  10.316  5.120   1.00 30.14 ? 99   PHE B CB  1 
ATOM   1496 C  CG  . PHE B 1 99 ? 12.153  8.990   4.899   1.00 36.51 ? 99   PHE B CG  1 
ATOM   1497 C  CD1 . PHE B 1 99 ? 11.767  8.153   3.867   1.00 38.23 ? 99   PHE B CD1 1 
ATOM   1498 C  CD2 . PHE B 1 99 ? 13.180  8.587   5.735   1.00 32.39 ? 99   PHE B CD2 1 
ATOM   1499 C  CE1 . PHE B 1 99 ? 12.392  6.936   3.672   1.00 41.38 ? 99   PHE B CE1 1 
ATOM   1500 C  CE2 . PHE B 1 99 ? 13.810  7.377   5.544   1.00 32.94 ? 99   PHE B CE2 1 
ATOM   1501 C  CZ  . PHE B 1 99 ? 13.417  6.545   4.510   1.00 39.75 ? 99   PHE B CZ  1 
ATOM   1502 O  OXT . PHE B 1 99 ? 13.556  12.123  5.737   1.00 30.39 ? 99   PHE B OXT 1 
HETATM 1503 N  N1  . LJG C 2 .  ? -1.532  -2.708  0.652   1.00 36.03 ? 2501 LJG B N1  1 
HETATM 1504 C  C5  . LJG C 2 .  ? -2.746  -1.883  0.910   1.00 36.71 ? 2501 LJG B C5  1 
HETATM 1505 C  C6  . LJG C 2 .  ? -3.341  -2.054  2.319   1.00 32.68 ? 2501 LJG B C6  1 
HETATM 1506 C  C8  . LJG C 2 .  ? -5.795  -2.862  2.073   1.00 35.85 ? 2501 LJG B C8  1 
HETATM 1507 C  C10 . LJG C 2 .  ? -6.384  -0.408  1.716   1.00 42.00 ? 2501 LJG B C10 1 
HETATM 1508 C  C13 . LJG C 2 .  ? -3.644  -4.092  4.810   1.00 22.71 ? 2501 LJG B C13 1 
HETATM 1509 C  C15 . LJG C 2 .  ? -4.457  -3.542  7.007   1.00 21.83 ? 2501 LJG B C15 1 
HETATM 1510 C  C17 . LJG C 2 .  ? -2.064  -3.640  6.570   1.00 26.76 ? 2501 LJG B C17 1 
HETATM 1511 C  C22 . LJG C 2 .  ? -0.832  -6.778  -0.627  1.00 46.74 ? 2501 LJG B C22 1 
HETATM 1512 C  C24 . LJG C 2 .  ? -0.213  -8.292  1.333   1.00 48.60 ? 2501 LJG B C24 1 
HETATM 1513 C  C28 . LJG C 2 .  ? -2.306  -6.486  -4.140  1.00 27.90 ? 2501 LJG B C28 1 
HETATM 1514 C  C2  . LJG C 2 .  ? -1.348  -2.939  -0.808  1.00 41.19 ? 2501 LJG B C2  1 
HETATM 1515 C  C3  . LJG C 2 .  ? -0.748  -4.299  -1.185  1.00 41.03 ? 2501 LJG B C3  1 
HETATM 1516 N  N4  . LJG C 2 .  ? -1.493  -5.542  -1.121  1.00 42.49 ? 2501 LJG B N4  1 
HETATM 1517 S  S26 . LJG C 2 .  ? -3.064  -5.547  -1.625  1.00 32.95 ? 2501 LJG B S26 1 
HETATM 1518 O  O35 . LJG C 2 .  ? -3.542  -6.882  -1.294  1.00 34.16 ? 2501 LJG B O35 1 
HETATM 1519 O  O34 . LJG C 2 .  ? -3.855  -4.428  -1.191  1.00 29.49 ? 2501 LJG B O34 1 
HETATM 1520 C  C27 . LJG C 2 .  ? -2.844  -5.436  -3.387  1.00 29.13 ? 2501 LJG B C27 1 
HETATM 1521 C  C32 . LJG C 2 .  ? -3.254  -4.256  -4.016  1.00 26.48 ? 2501 LJG B C32 1 
HETATM 1522 C  C31 . LJG C 2 .  ? -3.091  -4.115  -5.396  1.00 24.16 ? 2501 LJG B C31 1 
HETATM 1523 C  C30 . LJG C 2 .  ? -2.530  -5.150  -6.147  1.00 26.70 ? 2501 LJG B C30 1 
HETATM 1524 N  N33 . LJG C 2 .  ? -2.352  -4.979  -7.538  1.00 30.77 ? 2501 LJG B N33 1 
HETATM 1525 C  C29 . LJG C 2 .  ? -2.178  -6.352  -5.524  1.00 31.43 ? 2501 LJG B C29 1 
HETATM 1526 C  C23 . LJG C 2 .  ? -0.241  -6.827  0.819   1.00 37.44 ? 2501 LJG B C23 1 
HETATM 1527 C  C25 . LJG C 2 .  ? 1.203   -6.243  0.826   1.00 52.80 ? 2501 LJG B C25 1 
HETATM 1528 N  N7  . LJG C 2 .  ? -4.397  -3.050  2.449   1.00 33.05 ? 2501 LJG B N7  1 
HETATM 1529 S  S12 . LJG C 2 .  ? -3.990  -4.525  3.111   1.00 27.57 ? 2501 LJG B S12 1 
HETATM 1530 O  O21 . LJG C 2 .  ? -5.190  -5.321  3.100   1.00 34.46 ? 2501 LJG B O21 1 
HETATM 1531 O  O20 . LJG C 2 .  ? -2.762  -4.935  2.524   1.00 24.83 ? 2501 LJG B O20 1 
HETATM 1532 C  C18 . LJG C 2 .  ? -2.319  -4.021  5.249   1.00 22.53 ? 2501 LJG B C18 1 
HETATM 1533 C  C16 . LJG C 2 .  ? -3.134  -3.400  7.436   1.00 25.97 ? 2501 LJG B C16 1 
HETATM 1534 N  N19 . LJG C 2 .  ? -2.872  -3.037  8.776   1.00 28.51 ? 2501 LJG B N19 1 
HETATM 1535 C  C14 . LJG C 2 .  ? -4.717  -3.869  5.670   1.00 19.27 ? 2501 LJG B C14 1 
HETATM 1536 C  C9  . LJG C 2 .  ? -6.100  -1.766  1.007   1.00 39.41 ? 2501 LJG B C9  1 
HETATM 1537 C  C11 . LJG C 2 .  ? -7.324  -2.166  0.144   1.00 44.92 ? 2501 LJG B C11 1 
HETATM 1538 CL CL  . CL  D 3 .  ? -10.536 -15.503 -16.055 1.00 28.87 ? 2601 CL  B CL  1 
HETATM 1539 CL CL  . CL  E 3 .  ? 1.077   0.427   -16.824 1.00 32.19 ? 2602 CL  B CL  1 
HETATM 1540 O  O   . HOH F 4 .  ? 12.792  -10.221 6.507   1.00 21.07 ? 3001 HOH A O   1 
HETATM 1541 O  O   . HOH F 4 .  ? 0.394   3.875   16.466  1.00 20.03 ? 3002 HOH A O   1 
HETATM 1542 O  O   . HOH F 4 .  ? 3.427   11.829  6.692   1.00 21.22 ? 3005 HOH A O   1 
HETATM 1543 O  O   . HOH F 4 .  ? -10.691 -6.322  14.042  1.00 24.60 ? 3006 HOH A O   1 
HETATM 1544 O  O   . HOH F 4 .  ? 7.444   8.164   17.218  1.00 19.99 ? 3007 HOH A O   1 
HETATM 1545 O  O   . HOH F 4 .  ? 3.909   -15.325 9.690   1.00 22.45 ? 3010 HOH A O   1 
HETATM 1546 O  O   . HOH F 4 .  ? -8.153  8.462   7.013   1.00 28.07 ? 3014 HOH A O   1 
HETATM 1547 O  O   . HOH F 4 .  ? 4.970   13.056  8.512   1.00 24.19 ? 3016 HOH A O   1 
HETATM 1548 O  O   . HOH F 4 .  ? -5.770  -15.734 10.041  1.00 23.21 ? 3017 HOH A O   1 
HETATM 1549 O  O   . HOH F 4 .  ? -5.121  -0.111  5.643   1.00 28.70 ? 3019 HOH A O   1 
HETATM 1550 O  O   . HOH F 4 .  ? 0.193   8.367   12.407  1.00 17.97 ? 3021 HOH A O   1 
HETATM 1551 O  O   . HOH F 4 .  ? 10.433  -4.851  -7.270  1.00 25.16 ? 3023 HOH A O   1 
HETATM 1552 O  O   . HOH F 4 .  ? -3.763  4.130   4.079   1.00 27.17 ? 3025 HOH A O   1 
HETATM 1553 O  O   . HOH F 4 .  ? -8.332  -3.868  7.707   1.00 27.32 ? 3032 HOH A O   1 
HETATM 1554 O  O   . HOH F 4 .  ? 2.899   -4.652  23.851  1.00 30.45 ? 3034 HOH A O   1 
HETATM 1555 O  O   . HOH F 4 .  ? -3.001  -3.799  22.147  1.00 40.58 ? 3037 HOH A O   1 
HETATM 1556 O  O   . HOH F 4 .  ? 8.565   -9.601  3.970   1.00 35.71 ? 3038 HOH A O   1 
HETATM 1557 O  O   . HOH F 4 .  ? 9.150   14.161  3.605   1.00 38.98 ? 3040 HOH A O   1 
HETATM 1558 O  O   . HOH F 4 .  ? -2.670  5.145   10.702  1.00 34.32 ? 3043 HOH A O   1 
HETATM 1559 O  O   . HOH F 4 .  ? 10.609  -13.722 17.227  1.00 39.09 ? 3045 HOH A O   1 
HETATM 1560 O  O   . HOH F 4 .  ? -10.035 -7.509  20.456  1.00 31.44 ? 3048 HOH A O   1 
HETATM 1561 O  O   . HOH F 4 .  ? 9.521   -2.018  22.145  1.00 37.51 ? 3049 HOH A O   1 
HETATM 1562 O  O   . HOH F 4 .  ? -4.777  -1.598  10.696  1.00 32.31 ? 3051 HOH A O   1 
HETATM 1563 O  O   . HOH F 4 .  ? 11.392  1.279   -4.531  1.00 26.35 ? 3052 HOH A O   1 
HETATM 1564 O  O   . HOH F 4 .  ? 4.805   -1.553  24.939  1.00 33.70 ? 3056 HOH A O   1 
HETATM 1565 O  O   . HOH F 4 .  ? -1.831  -9.378  26.392  1.00 36.71 ? 3057 HOH A O   1 
HETATM 1566 O  O   . HOH F 4 .  ? 16.935  0.402   4.296   1.00 44.23 ? 3062 HOH A O   1 
HETATM 1567 O  O   . HOH F 4 .  ? 6.841   17.876  -3.261  1.00 41.75 ? 3063 HOH A O   1 
HETATM 1568 O  O   . HOH F 4 .  ? 4.646   14.853  -11.285 1.00 40.77 ? 3068 HOH A O   1 
HETATM 1569 O  O   . HOH F 4 .  ? 0.492   -3.149  23.846  1.00 33.67 ? 3070 HOH A O   1 
HETATM 1570 O  O   . HOH F 4 .  ? 3.638   -14.621 7.052   1.00 31.21 ? 3073 HOH A O   1 
HETATM 1571 O  O   . HOH F 4 .  ? 16.463  8.263   14.818  1.00 44.14 ? 3076 HOH A O   1 
HETATM 1572 O  O   . HOH F 4 .  ? 15.527  4.759   -4.854  1.00 51.89 ? 3077 HOH A O   1 
HETATM 1573 O  O   . HOH F 4 .  ? 11.612  -3.212  19.554  1.00 36.52 ? 3078 HOH A O   1 
HETATM 1574 O  O   . HOH F 4 .  ? 6.483   -9.217  27.722  1.00 44.11 ? 3081 HOH A O   1 
HETATM 1575 O  O   . HOH F 4 .  ? 15.556  0.616   -6.404  1.00 34.62 ? 3082 HOH A O   1 
HETATM 1576 O  O   . HOH F 4 .  ? -3.456  -4.335  24.615  1.00 35.67 ? 3086 HOH A O   1 
HETATM 1577 O  O   . HOH F 4 .  ? 4.434   -10.052 24.729  1.00 38.27 ? 3087 HOH A O   1 
HETATM 1578 O  O   . HOH F 4 .  ? 2.592   -2.463  24.476  1.00 26.71 ? 3088 HOH A O   1 
HETATM 1579 O  O   . HOH F 4 .  ? 15.633  -3.180  18.458  1.00 38.18 ? 3092 HOH A O   1 
HETATM 1580 O  O   . HOH F 4 .  ? -10.382 -8.638  22.675  1.00 36.30 ? 3094 HOH A O   1 
HETATM 1581 O  O   . HOH F 4 .  ? 10.412  -4.490  21.213  1.00 38.47 ? 3102 HOH A O   1 
HETATM 1582 O  O   . HOH F 4 .  ? 2.235   -3.438  27.093  1.00 37.25 ? 3103 HOH A O   1 
HETATM 1583 O  O   . HOH F 4 .  ? 19.317  -9.715  12.713  1.00 40.14 ? 3108 HOH A O   1 
HETATM 1584 O  O   . HOH F 4 .  ? -7.818  -1.934  6.200   1.00 43.25 ? 3109 HOH A O   1 
HETATM 1585 O  O   . HOH F 4 .  ? 12.963  -3.202  -4.077  1.00 38.41 ? 3110 HOH A O   1 
HETATM 1586 O  O   . HOH F 4 .  ? 17.252  0.324   10.435  1.00 39.37 ? 3113 HOH A O   1 
HETATM 1587 O  O   . HOH F 4 .  ? 11.404  14.988  2.564   1.00 40.25 ? 3114 HOH A O   1 
HETATM 1588 O  O   . HOH F 4 .  ? -6.534  -14.355 19.940  1.00 40.61 ? 3115 HOH A O   1 
HETATM 1589 O  O   . HOH F 4 .  ? 14.641  -0.867  17.167  1.00 38.03 ? 3119 HOH A O   1 
HETATM 1590 O  O   . HOH F 4 .  ? -9.666  -13.434 22.346  1.00 48.12 ? 3122 HOH A O   1 
HETATM 1591 O  O   . HOH G 4 .  ? -15.546 6.429   -5.940  1.00 22.92 ? 3003 HOH B O   1 
HETATM 1592 O  O   . HOH G 4 .  ? -10.781 6.306   -19.396 1.00 23.16 ? 3004 HOH B O   1 
HETATM 1593 O  O   . HOH G 4 .  ? -2.377  -2.302  -13.092 1.00 19.84 ? 3008 HOH B O   1 
HETATM 1594 O  O   . HOH G 4 .  ? -13.932 1.559   -10.062 1.00 25.17 ? 3009 HOH B O   1 
HETATM 1595 O  O   . HOH G 4 .  ? -2.386  13.556  6.006   1.00 22.17 ? 3011 HOH B O   1 
HETATM 1596 O  O   . HOH G 4 .  ? -1.000  -0.669  -20.453 1.00 24.13 ? 3012 HOH B O   1 
HETATM 1597 O  O   . HOH G 4 .  ? 4.999   -2.140  -3.974  1.00 21.18 ? 3013 HOH B O   1 
HETATM 1598 O  O   . HOH G 4 .  ? -15.480 3.839   -7.622  1.00 28.60 ? 3015 HOH B O   1 
HETATM 1599 O  O   . HOH G 4 .  ? -14.889 -4.193  -4.651  1.00 34.92 ? 3018 HOH B O   1 
HETATM 1600 O  O   . HOH G 4 .  ? -2.726  11.394  3.047   1.00 29.38 ? 3020 HOH B O   1 
HETATM 1601 O  O   . HOH G 4 .  ? -18.883 1.732   -15.311 1.00 23.82 ? 3022 HOH B O   1 
HETATM 1602 O  O   . HOH G 4 .  ? -7.113  -13.328 -25.276 1.00 30.67 ? 3024 HOH B O   1 
HETATM 1603 O  O   . HOH G 4 .  ? -7.284  14.749  -5.463  1.00 27.45 ? 3026 HOH B O   1 
HETATM 1604 O  O   . HOH G 4 .  ? 4.232   -4.666  -3.613  1.00 33.90 ? 3027 HOH B O   1 
HETATM 1605 O  O   . HOH G 4 .  ? -9.237  4.466   -22.194 1.00 24.09 ? 3028 HOH B O   1 
HETATM 1606 O  O   . HOH G 4 .  ? -10.842 4.347   2.082   1.00 31.71 ? 3029 HOH B O   1 
HETATM 1607 O  O   . HOH G 4 .  ? -0.992  -13.146 -1.221  1.00 36.25 ? 3030 HOH B O   1 
HETATM 1608 O  O   . HOH G 4 .  ? -13.837 14.034  -19.347 1.00 32.94 ? 3031 HOH B O   1 
HETATM 1609 O  O   . HOH G 4 .  ? -17.803 13.075  -18.246 1.00 23.04 ? 3033 HOH B O   1 
HETATM 1610 O  O   . HOH G 4 .  ? 0.467   -9.825  -7.012  1.00 25.77 ? 3035 HOH B O   1 
HETATM 1611 O  O   . HOH G 4 .  ? -15.053 -1.550  -26.343 1.00 36.30 ? 3036 HOH B O   1 
HETATM 1612 O  O   . HOH G 4 .  ? -7.550  -10.791 -24.449 1.00 31.63 ? 3039 HOH B O   1 
HETATM 1613 O  O   . HOH G 4 .  ? -1.423  15.831  2.527   1.00 32.37 ? 3041 HOH B O   1 
HETATM 1614 O  O   . HOH G 4 .  ? -1.413  -14.049 -13.383 1.00 23.60 ? 3042 HOH B O   1 
HETATM 1615 O  O   . HOH G 4 .  ? -8.228  13.640  -11.516 1.00 37.42 ? 3044 HOH B O   1 
HETATM 1616 O  O   . HOH G 4 .  ? -15.750 -7.989  -22.107 1.00 28.14 ? 3046 HOH B O   1 
HETATM 1617 O  O   . HOH G 4 .  ? -4.432  13.100  1.908   1.00 31.19 ? 3047 HOH B O   1 
HETATM 1618 O  O   . HOH G 4 .  ? 1.554   -5.660  -5.036  1.00 35.15 ? 3050 HOH B O   1 
HETATM 1619 O  O   . HOH G 4 .  ? 3.030   2.574   -16.818 1.00 36.94 ? 3053 HOH B O   1 
HETATM 1620 O  O   . HOH G 4 .  ? -4.313  -15.888 -14.620 1.00 38.20 ? 3054 HOH B O   1 
HETATM 1621 O  O   . HOH G 4 .  ? -11.805 9.909   -18.783 1.00 27.62 ? 3055 HOH B O   1 
HETATM 1622 O  O   . HOH G 4 .  ? -16.277 1.332   -21.449 1.00 39.75 ? 3058 HOH B O   1 
HETATM 1623 O  O   . HOH G 4 .  ? -14.888 1.308   -1.656  1.00 37.60 ? 3059 HOH B O   1 
HETATM 1624 O  O   . HOH G 4 .  ? -5.375  -6.803  -21.459 1.00 34.16 ? 3060 HOH B O   1 
HETATM 1625 O  O   . HOH G 4 .  ? -8.161  10.634  3.662   1.00 34.08 ? 3061 HOH B O   1 
HETATM 1626 O  O   . HOH G 4 .  ? -14.507 -4.171  -22.696 1.00 26.87 ? 3064 HOH B O   1 
HETATM 1627 O  O   . HOH G 4 .  ? -16.122 -4.517  -7.463  1.00 31.05 ? 3065 HOH B O   1 
HETATM 1628 O  O   . HOH G 4 .  ? -1.324  15.783  -17.246 1.00 28.71 ? 3066 HOH B O   1 
HETATM 1629 O  O   . HOH G 4 .  ? -9.665  9.916   -17.760 1.00 32.22 ? 3067 HOH B O   1 
HETATM 1630 O  O   . HOH G 4 .  ? -8.394  -4.245  -26.838 1.00 35.05 ? 3069 HOH B O   1 
HETATM 1631 O  O   . HOH G 4 .  ? 4.410   -2.308  -11.244 1.00 32.06 ? 3071 HOH B O   1 
HETATM 1632 O  O   . HOH G 4 .  ? 8.994   6.696   -8.929  1.00 28.97 ? 3072 HOH B O   1 
HETATM 1633 O  O   . HOH G 4 .  ? -9.166  -3.071  -22.583 1.00 41.82 ? 3074 HOH B O   1 
HETATM 1634 O  O   . HOH G 4 .  ? -8.397  2.860   -24.261 1.00 32.85 ? 3075 HOH B O   1 
HETATM 1635 O  O   . HOH G 4 .  ? -15.235 11.277  -6.088  1.00 40.85 ? 3079 HOH B O   1 
HETATM 1636 O  O   . HOH G 4 .  ? -4.567  -17.916 -2.199  1.00 47.61 ? 3080 HOH B O   1 
HETATM 1637 O  O   . HOH G 4 .  ? 8.001   14.150  -10.424 1.00 37.74 ? 3083 HOH B O   1 
HETATM 1638 O  O   . HOH G 4 .  ? -18.709 9.214   -18.428 1.00 39.75 ? 3084 HOH B O   1 
HETATM 1639 O  O   . HOH G 4 .  ? -16.519 -7.083  -7.795  1.00 39.11 ? 3085 HOH B O   1 
HETATM 1640 O  O   . HOH G 4 .  ? 8.820   12.660  -6.998  1.00 30.07 ? 3089 HOH B O   1 
HETATM 1641 O  O   . HOH G 4 .  ? -11.616 4.256   -20.493 1.00 30.17 ? 3090 HOH B O   1 
HETATM 1642 O  O   . HOH G 4 .  ? -7.471  11.267  -19.282 1.00 42.03 ? 3091 HOH B O   1 
HETATM 1643 O  O   . HOH G 4 .  ? -5.105  10.277  -19.938 1.00 32.46 ? 3093 HOH B O   1 
HETATM 1644 O  O   . HOH G 4 .  ? -0.401  -6.786  -8.247  1.00 33.79 ? 3095 HOH B O   1 
HETATM 1645 O  O   . HOH G 4 .  ? -5.939  16.769  -16.366 1.00 40.53 ? 3096 HOH B O   1 
HETATM 1646 O  O   . HOH G 4 .  ? -15.094 -5.644  -20.850 1.00 34.60 ? 3097 HOH B O   1 
HETATM 1647 O  O   . HOH G 4 .  ? -12.881 -9.300  -11.864 1.00 40.21 ? 3098 HOH B O   1 
HETATM 1648 O  O   . HOH G 4 .  ? -6.371  -4.699  -22.748 1.00 29.76 ? 3099 HOH B O   1 
HETATM 1649 O  O   . HOH G 4 .  ? -11.341 8.551   -21.733 1.00 40.15 ? 3100 HOH B O   1 
HETATM 1650 O  O   . HOH G 4 .  ? 3.587   11.792  -16.776 1.00 42.85 ? 3101 HOH B O   1 
HETATM 1651 O  O   . HOH G 4 .  ? -9.310  15.908  -18.407 1.00 30.87 ? 3104 HOH B O   1 
HETATM 1652 O  O   . HOH G 4 .  ? -9.875  16.764  -15.210 1.00 51.30 ? 3105 HOH B O   1 
HETATM 1653 O  O   . HOH G 4 .  ? 9.003   15.096  -6.269  1.00 33.70 ? 3106 HOH B O   1 
HETATM 1654 O  O   . HOH G 4 .  ? 1.693   -12.237 -1.869  1.00 41.11 ? 3107 HOH B O   1 
HETATM 1655 O  O   . HOH G 4 .  ? -18.616 -3.881  -17.854 1.00 40.07 ? 3111 HOH B O   1 
HETATM 1656 O  O   . HOH G 4 .  ? -3.739  11.358  -22.129 1.00 31.31 ? 3112 HOH B O   1 
HETATM 1657 O  O   . HOH G 4 .  ? -14.794 -1.101  1.515   1.00 39.84 ? 3116 HOH B O   1 
HETATM 1658 O  O   . HOH G 4 .  ? -10.344 -7.418  -30.536 1.00 42.19 ? 3117 HOH B O   1 
HETATM 1659 O  O   . HOH G 4 .  ? -17.827 4.666   -13.855 1.00 52.24 ? 3118 HOH B O   1 
HETATM 1660 O  O   . HOH G 4 .  ? 1.049   -8.365  -4.348  1.00 48.32 ? 3120 HOH B O   1 
HETATM 1661 O  O   . HOH G 4 .  ? -0.700  -15.416 0.363   1.00 39.98 ? 3121 HOH B O   1 
HETATM 1662 O  O   . HOH G 4 .  ? -0.897  -7.329  -21.702 1.00 46.00 ? 3123 HOH B O   1 
HETATM 1663 O  O   . HOH G 4 .  ? -11.504 6.136   4.019   1.00 43.62 ? 3124 HOH B O   1 
HETATM 1664 O  O   . HOH G 4 .  ? -6.475  -4.830  0.202   1.00 40.27 ? 3125 HOH B O   1 
# 
loop_
_pdbx_poly_seq_scheme.asym_id 
_pdbx_poly_seq_scheme.entity_id 
_pdbx_poly_seq_scheme.seq_id 
_pdbx_poly_seq_scheme.mon_id 
_pdbx_poly_seq_scheme.ndb_seq_num 
_pdbx_poly_seq_scheme.pdb_seq_num 
_pdbx_poly_seq_scheme.auth_seq_num 
_pdbx_poly_seq_scheme.pdb_mon_id 
_pdbx_poly_seq_scheme.auth_mon_id 
_pdbx_poly_seq_scheme.pdb_strand_id 
_pdbx_poly_seq_scheme.pdb_ins_code 
_pdbx_poly_seq_scheme.hetero 
A 1 1  PRO 1  1  1  PRO PRO A . n 
A 1 2  GLN 2  2  2  GLN GLN A . n 
A 1 3  ILE 3  3  3  ILE ILE A . n 
A 1 4  THR 4  4  4  THR THR A . n 
A 1 5  LEU 5  5  5  LEU LEU A . n 
A 1 6  TRP 6  6  6  TRP TRP A . n 
A 1 7  GLN 7  7  7  GLN GLN A . n 
A 1 8  ARG 8  8  8  ARG ARG A . n 
A 1 9  PRO 9  9  9  PRO PRO A . n 
A 1 10 LEU 10 10 10 LEU LEU A . n 
A 1 11 VAL 11 11 11 VAL VAL A . n 
A 1 12 THR 12 12 12 THR THR A . n 
A 1 13 ILE 13 13 13 ILE ILE A . n 
A 1 14 LYS 14 14 14 LYS ALA A . n 
A 1 15 ILE 15 15 15 ILE ILE A . n 
A 1 16 GLY 16 16 16 GLY GLY A . n 
A 1 17 GLY 17 17 17 GLY GLY A . n 
A 1 18 GLN 18 18 18 GLN GLN A . n 
A 1 19 LEU 19 19 19 LEU LEU A . n 
A 1 20 LYS 20 20 20 LYS LYS A . n 
A 1 21 GLU 21 21 21 GLU GLU A . n 
A 1 22 ALA 22 22 22 ALA ALA A . n 
A 1 23 LEU 23 23 23 LEU LEU A . n 
A 1 24 LEU 24 24 24 LEU LEU A . n 
A 1 25 ASP 25 25 25 ASP ASP A . n 
A 1 26 THR 26 26 26 THR THR A . n 
A 1 27 GLY 27 27 27 GLY GLY A . n 
A 1 28 ALA 28 28 28 ALA ALA A . n 
A 1 29 ASP 29 29 29 ASP ASP A . n 
A 1 30 ASP 30 30 30 ASP ASP A . n 
A 1 31 THR 31 31 31 THR THR A . n 
A 1 32 VAL 32 32 32 VAL VAL A . n 
A 1 33 LEU 33 33 33 LEU LEU A . n 
A 1 34 GLU 34 34 34 GLU GLU A . n 
A 1 35 GLU 35 35 35 GLU GLU A . n 
A 1 36 MET 36 36 36 MET MET A . n 
A 1 37 SER 37 37 37 SER SER A . n 
A 1 38 LEU 38 38 38 LEU LEU A . n 
A 1 39 PRO 39 39 39 PRO PRO A . n 
A 1 40 GLY 40 40 40 GLY GLY A . n 
A 1 41 ARG 41 41 41 ARG ALA A . n 
A 1 42 TRP 42 42 42 TRP TRP A . n 
A 1 43 LYS 43 43 43 LYS LYS A . n 
A 1 44 PRO 44 44 44 PRO PRO A . n 
A 1 45 LYS 45 45 45 LYS LYS A . n 
A 1 46 MET 46 46 46 MET MET A . n 
A 1 47 ILE 47 47 47 ILE ILE A . n 
A 1 48 GLY 48 48 48 GLY GLY A . n 
A 1 49 GLY 49 49 49 GLY GLY A . n 
A 1 50 ILE 50 50 50 ILE ILE A . n 
A 1 51 GLY 51 51 51 GLY GLY A . n 
A 1 52 GLY 52 52 52 GLY GLY A . n 
A 1 53 PHE 53 53 53 PHE PHE A . n 
A 1 54 ILE 54 54 54 ILE ILE A . n 
A 1 55 LYS 55 55 55 LYS LYS A . n 
A 1 56 VAL 56 56 56 VAL VAL A . n 
A 1 57 ARG 57 57 57 ARG ARG A . n 
A 1 58 GLN 58 58 58 GLN GLN A . n 
A 1 59 TYR 59 59 59 TYR TYR A . n 
A 1 60 ASP 60 60 60 ASP ASP A . n 
A 1 61 GLN 61 61 61 GLN GLN A . n 
A 1 62 ILE 62 62 62 ILE ILE A . n 
A 1 63 LEU 63 63 63 LEU LEU A . n 
A 1 64 ILE 64 64 64 ILE ILE A . n 
A 1 65 GLU 65 65 65 GLU GLU A . n 
A 1 66 ILE 66 66 66 ILE ILE A . n 
A 1 67 CYS 67 67 67 CYS CYS A . n 
A 1 68 GLY 68 68 68 GLY GLY A . n 
A 1 69 HIS 69 69 69 HIS HIS A . n 
A 1 70 LYS 70 70 70 LYS LYS A . n 
A 1 71 ALA 71 71 71 ALA ALA A . n 
A 1 72 ILE 72 72 72 ILE ILE A . n 
A 1 73 GLY 73 73 73 GLY GLY A . n 
A 1 74 THR 74 74 74 THR THR A . n 
A 1 75 VAL 75 75 75 VAL VAL A . n 
A 1 76 LEU 76 76 76 LEU LEU A . n 
A 1 77 VAL 77 77 77 VAL VAL A . n 
A 1 78 GLY 78 78 78 GLY GLY A . n 
A 1 79 PRO 79 79 79 PRO PRO A . n 
A 1 80 THR 80 80 80 THR THR A . n 
A 1 81 PRO 81 81 81 PRO PRO A . n 
A 1 82 VAL 82 82 82 VAL VAL A . n 
A 1 83 ASN 83 83 83 ASN ASN A . n 
A 1 84 ILE 84 84 84 ILE ILE A . n 
A 1 85 ILE 85 85 85 ILE ILE A . n 
A 1 86 GLY 86 86 86 GLY GLY A . n 
A 1 87 ARG 87 87 87 ARG ARG A . n 
A 1 88 ASN 88 88 88 ASN ASN A . n 
A 1 89 LEU 89 89 89 LEU LEU A . n 
A 1 90 LEU 90 90 90 LEU LEU A . n 
A 1 91 THR 91 91 91 THR THR A . n 
A 1 92 GLN 92 92 92 GLN GLN A . n 
A 1 93 ILE 93 93 93 ILE ILE A . n 
A 1 94 GLY 94 94 94 GLY GLY A . n 
A 1 95 CYS 95 95 95 CYS CYS A . n 
A 1 96 THR 96 96 96 THR THR A . n 
A 1 97 LEU 97 97 97 LEU LEU A . n 
A 1 98 ASN 98 98 98 ASN ASN A . n 
A 1 99 PHE 99 99 99 PHE PHE A . n 
B 1 1  PRO 1  1  1  PRO PRO B . n 
B 1 2  GLN 2  2  2  GLN GLN B . n 
B 1 3  ILE 3  3  3  ILE ILE B . n 
B 1 4  THR 4  4  4  THR THR B . n 
B 1 5  LEU 5  5  5  LEU LEU B . n 
B 1 6  TRP 6  6  6  TRP TRP B . n 
B 1 7  GLN 7  7  7  GLN GLN B . n 
B 1 8  ARG 8  8  8  ARG ARG B . n 
B 1 9  PRO 9  9  9  PRO PRO B . n 
B 1 10 LEU 10 10 10 LEU LEU B . n 
B 1 11 VAL 11 11 11 VAL VAL B . n 
B 1 12 THR 12 12 12 THR THR B . n 
B 1 13 ILE 13 13 13 ILE ILE B . n 
B 1 14 LYS 14 14 14 LYS LYS B . n 
B 1 15 ILE 15 15 15 ILE ILE B . n 
B 1 16 GLY 16 16 16 GLY GLY B . n 
B 1 17 GLY 17 17 17 GLY GLY B . n 
B 1 18 GLN 18 18 18 GLN GLN B . n 
B 1 19 LEU 19 19 19 LEU LEU B . n 
B 1 20 LYS 20 20 20 LYS LYS B . n 
B 1 21 GLU 21 21 21 GLU GLU B . n 
B 1 22 ALA 22 22 22 ALA ALA B . n 
B 1 23 LEU 23 23 23 LEU LEU B . n 
B 1 24 LEU 24 24 24 LEU LEU B . n 
B 1 25 ASP 25 25 25 ASP ASP B . n 
B 1 26 THR 26 26 26 THR THR B . n 
B 1 27 GLY 27 27 27 GLY GLY B . n 
B 1 28 ALA 28 28 28 ALA ALA B . n 
B 1 29 ASP 29 29 29 ASP ASP B . n 
B 1 30 ASP 30 30 30 ASP ASP B . n 
B 1 31 THR 31 31 31 THR THR B . n 
B 1 32 VAL 32 32 32 VAL VAL B . n 
B 1 33 LEU 33 33 33 LEU LEU B . n 
B 1 34 GLU 34 34 34 GLU GLU B . n 
B 1 35 GLU 35 35 35 GLU GLU B . n 
B 1 36 MET 36 36 36 MET MET B . n 
B 1 37 SER 37 37 37 SER SER B . n 
B 1 38 LEU 38 38 38 LEU LEU B . n 
B 1 39 PRO 39 39 39 PRO PRO B . n 
B 1 40 GLY 40 40 40 GLY GLY B . n 
B 1 41 ARG 41 41 41 ARG ARG B . n 
B 1 42 TRP 42 42 42 TRP TRP B . n 
B 1 43 LYS 43 43 43 LYS LYS B . n 
B 1 44 PRO 44 44 44 PRO PRO B . n 
B 1 45 LYS 45 45 45 LYS LYS B . n 
B 1 46 MET 46 46 46 MET MET B . n 
B 1 47 ILE 47 47 47 ILE ILE B . n 
B 1 48 GLY 48 48 48 GLY GLY B . n 
B 1 49 GLY 49 49 49 GLY GLY B . n 
B 1 50 ILE 50 50 50 ILE ILE B . n 
B 1 51 GLY 51 51 51 GLY GLY B . n 
B 1 52 GLY 52 52 52 GLY GLY B . n 
B 1 53 PHE 53 53 53 PHE PHE B . n 
B 1 54 ILE 54 54 54 ILE ILE B . n 
B 1 55 LYS 55 55 55 LYS ALA B . n 
B 1 56 VAL 56 56 56 VAL VAL B . n 
B 1 57 ARG 57 57 57 ARG ARG B . n 
B 1 58 GLN 58 58 58 GLN GLN B . n 
B 1 59 TYR 59 59 59 TYR TYR B . n 
B 1 60 ASP 60 60 60 ASP ASP B . n 
B 1 61 GLN 61 61 61 GLN GLN B . n 
B 1 62 ILE 62 62 62 ILE ILE B . n 
B 1 63 LEU 63 63 63 LEU LEU B . n 
B 1 64 ILE 64 64 64 ILE ILE B . n 
B 1 65 GLU 65 65 65 GLU GLU B . n 
B 1 66 ILE 66 66 66 ILE ILE B . n 
B 1 67 CYS 67 67 67 CYS CYS B . n 
B 1 68 GLY 68 68 68 GLY GLY B . n 
B 1 69 HIS 69 69 69 HIS HIS B . n 
B 1 70 LYS 70 70 70 LYS LYS B . n 
B 1 71 ALA 71 71 71 ALA ALA B . n 
B 1 72 ILE 72 72 72 ILE ILE B . n 
B 1 73 GLY 73 73 73 GLY GLY B . n 
B 1 74 THR 74 74 74 THR THR B . n 
B 1 75 VAL 75 75 75 VAL VAL B . n 
B 1 76 LEU 76 76 76 LEU LEU B . n 
B 1 77 VAL 77 77 77 VAL VAL B . n 
B 1 78 GLY 78 78 78 GLY GLY B . n 
B 1 79 PRO 79 79 79 PRO PRO B . n 
B 1 80 THR 80 80 80 THR THR B . n 
B 1 81 PRO 81 81 81 PRO PRO B . n 
B 1 82 VAL 82 82 82 VAL VAL B . n 
B 1 83 ASN 83 83 83 ASN ASN B . n 
B 1 84 ILE 84 84 84 ILE ILE B . n 
B 1 85 ILE 85 85 85 ILE ILE B . n 
B 1 86 GLY 86 86 86 GLY GLY B . n 
B 1 87 ARG 87 87 87 ARG ARG B . n 
B 1 88 ASN 88 88 88 ASN ASN B . n 
B 1 89 LEU 89 89 89 LEU LEU B . n 
B 1 90 LEU 90 90 90 LEU LEU B . n 
B 1 91 THR 91 91 91 THR THR B . n 
B 1 92 GLN 92 92 92 GLN GLN B . n 
B 1 93 ILE 93 93 93 ILE ILE B . n 
B 1 94 GLY 94 94 94 GLY GLY B . n 
B 1 95 CYS 95 95 95 CYS CYS B . n 
B 1 96 THR 96 96 96 THR THR B . n 
B 1 97 LEU 97 97 97 LEU LEU B . n 
B 1 98 ASN 98 98 98 ASN ASN B . n 
B 1 99 PHE 99 99 99 PHE PHE B . n 
# 
loop_
_pdbx_nonpoly_scheme.asym_id 
_pdbx_nonpoly_scheme.entity_id 
_pdbx_nonpoly_scheme.mon_id 
_pdbx_nonpoly_scheme.ndb_seq_num 
_pdbx_nonpoly_scheme.pdb_seq_num 
_pdbx_nonpoly_scheme.auth_seq_num 
_pdbx_nonpoly_scheme.pdb_mon_id 
_pdbx_nonpoly_scheme.auth_mon_id 
_pdbx_nonpoly_scheme.pdb_strand_id 
_pdbx_nonpoly_scheme.pdb_ins_code 
C 2 LJG 1  2501 2501 LJG LIG B . 
D 3 CL  1  2601 2601 CL  CL  B . 
E 3 CL  1  2602 2602 CL  CL  B . 
F 4 HOH 1  3001 3001 HOH HOH A . 
F 4 HOH 2  3002 3002 HOH HOH A . 
F 4 HOH 3  3005 3005 HOH HOH A . 
F 4 HOH 4  3006 3006 HOH HOH A . 
F 4 HOH 5  3007 3007 HOH HOH A . 
F 4 HOH 6  3010 3010 HOH HOH A . 
F 4 HOH 7  3014 3014 HOH HOH A . 
F 4 HOH 8  3016 3016 HOH HOH A . 
F 4 HOH 9  3017 3017 HOH HOH A . 
F 4 HOH 10 3019 3019 HOH HOH A . 
F 4 HOH 11 3021 3021 HOH HOH A . 
F 4 HOH 12 3023 3023 HOH HOH A . 
F 4 HOH 13 3025 3025 HOH HOH A . 
F 4 HOH 14 3032 3032 HOH HOH A . 
F 4 HOH 15 3034 3034 HOH HOH A . 
F 4 HOH 16 3037 3037 HOH HOH A . 
F 4 HOH 17 3038 3038 HOH HOH A . 
F 4 HOH 18 3040 3040 HOH HOH A . 
F 4 HOH 19 3043 3043 HOH HOH A . 
F 4 HOH 20 3045 3045 HOH HOH A . 
F 4 HOH 21 3048 3048 HOH HOH A . 
F 4 HOH 22 3049 3049 HOH HOH A . 
F 4 HOH 23 3051 3051 HOH HOH A . 
F 4 HOH 24 3052 3052 HOH HOH A . 
F 4 HOH 25 3056 3056 HOH HOH A . 
F 4 HOH 26 3057 3057 HOH HOH A . 
F 4 HOH 27 3062 3062 HOH HOH A . 
F 4 HOH 28 3063 3063 HOH HOH A . 
F 4 HOH 29 3068 3068 HOH HOH A . 
F 4 HOH 30 3070 3070 HOH HOH A . 
F 4 HOH 31 3073 3073 HOH HOH A . 
F 4 HOH 32 3076 3076 HOH HOH A . 
F 4 HOH 33 3077 3077 HOH HOH A . 
F 4 HOH 34 3078 3078 HOH HOH A . 
F 4 HOH 35 3081 3081 HOH HOH A . 
F 4 HOH 36 3082 3082 HOH HOH A . 
F 4 HOH 37 3086 3086 HOH HOH A . 
F 4 HOH 38 3087 3087 HOH HOH A . 
F 4 HOH 39 3088 3088 HOH HOH A . 
F 4 HOH 40 3092 3092 HOH HOH A . 
F 4 HOH 41 3094 3094 HOH HOH A . 
F 4 HOH 42 3102 3102 HOH HOH A . 
F 4 HOH 43 3103 3103 HOH HOH A . 
F 4 HOH 44 3108 3108 HOH HOH A . 
F 4 HOH 45 3109 3109 HOH HOH A . 
F 4 HOH 46 3110 3110 HOH HOH A . 
F 4 HOH 47 3113 3113 HOH HOH A . 
F 4 HOH 48 3114 3114 HOH HOH A . 
F 4 HOH 49 3115 3115 HOH HOH A . 
F 4 HOH 50 3119 3119 HOH HOH A . 
F 4 HOH 51 3122 3122 HOH HOH A . 
G 4 HOH 1  3003 3003 HOH HOH B . 
G 4 HOH 2  3004 3004 HOH HOH B . 
G 4 HOH 3  3008 3008 HOH HOH B . 
G 4 HOH 4  3009 3009 HOH HOH B . 
G 4 HOH 5  3011 3011 HOH HOH B . 
G 4 HOH 6  3012 3012 HOH HOH B . 
G 4 HOH 7  3013 3013 HOH HOH B . 
G 4 HOH 8  3015 3015 HOH HOH B . 
G 4 HOH 9  3018 3018 HOH HOH B . 
G 4 HOH 10 3020 3020 HOH HOH B . 
G 4 HOH 11 3022 3022 HOH HOH B . 
G 4 HOH 12 3024 3024 HOH HOH B . 
G 4 HOH 13 3026 3026 HOH HOH B . 
G 4 HOH 14 3027 3027 HOH HOH B . 
G 4 HOH 15 3028 3028 HOH HOH B . 
G 4 HOH 16 3029 3029 HOH HOH B . 
G 4 HOH 17 3030 3030 HOH HOH B . 
G 4 HOH 18 3031 3031 HOH HOH B . 
G 4 HOH 19 3033 3033 HOH HOH B . 
G 4 HOH 20 3035 3035 HOH HOH B . 
G 4 HOH 21 3036 3036 HOH HOH B . 
G 4 HOH 22 3039 3039 HOH HOH B . 
G 4 HOH 23 3041 3041 HOH HOH B . 
G 4 HOH 24 3042 3042 HOH HOH B . 
G 4 HOH 25 3044 3044 HOH HOH B . 
G 4 HOH 26 3046 3046 HOH HOH B . 
G 4 HOH 27 3047 3047 HOH HOH B . 
G 4 HOH 28 3050 3050 HOH HOH B . 
G 4 HOH 29 3053 3053 HOH HOH B . 
G 4 HOH 30 3054 3054 HOH HOH B . 
G 4 HOH 31 3055 3055 HOH HOH B . 
G 4 HOH 32 3058 3058 HOH HOH B . 
G 4 HOH 33 3059 3059 HOH HOH B . 
G 4 HOH 34 3060 3060 HOH HOH B . 
G 4 HOH 35 3061 3061 HOH HOH B . 
G 4 HOH 36 3064 3064 HOH HOH B . 
G 4 HOH 37 3065 3065 HOH HOH B . 
G 4 HOH 38 3066 3066 HOH HOH B . 
G 4 HOH 39 3067 3067 HOH HOH B . 
G 4 HOH 40 3069 3069 HOH HOH B . 
G 4 HOH 41 3071 3071 HOH HOH B . 
G 4 HOH 42 3072 3072 HOH HOH B . 
G 4 HOH 43 3074 3074 HOH HOH B . 
G 4 HOH 44 3075 3075 HOH HOH B . 
G 4 HOH 45 3079 3079 HOH HOH B . 
G 4 HOH 46 3080 3080 HOH HOH B . 
G 4 HOH 47 3083 3083 HOH HOH B . 
G 4 HOH 48 3084 3084 HOH HOH B . 
G 4 HOH 49 3085 3085 HOH HOH B . 
G 4 HOH 50 3089 3089 HOH HOH B . 
G 4 HOH 51 3090 3090 HOH HOH B . 
G 4 HOH 52 3091 3091 HOH HOH B . 
G 4 HOH 53 3093 3093 HOH HOH B . 
G 4 HOH 54 3095 3095 HOH HOH B . 
G 4 HOH 55 3096 3096 HOH HOH B . 
G 4 HOH 56 3097 3097 HOH HOH B . 
G 4 HOH 57 3098 3098 HOH HOH B . 
G 4 HOH 58 3099 3099 HOH HOH B . 
G 4 HOH 59 3100 3100 HOH HOH B . 
G 4 HOH 60 3101 3101 HOH HOH B . 
G 4 HOH 61 3104 3104 HOH HOH B . 
G 4 HOH 62 3105 3105 HOH HOH B . 
G 4 HOH 63 3106 3106 HOH HOH B . 
G 4 HOH 64 3107 3107 HOH HOH B . 
G 4 HOH 65 3111 3111 HOH HOH B . 
G 4 HOH 66 3112 3112 HOH HOH B . 
G 4 HOH 67 3116 3116 HOH HOH B . 
G 4 HOH 68 3117 3117 HOH HOH B . 
G 4 HOH 69 3118 3118 HOH HOH B . 
G 4 HOH 70 3120 3120 HOH HOH B . 
G 4 HOH 71 3121 3121 HOH HOH B . 
G 4 HOH 72 3123 3123 HOH HOH B . 
G 4 HOH 73 3124 3124 HOH HOH B . 
G 4 HOH 74 3125 3125 HOH HOH B . 
# 
_pdbx_struct_assembly.id                   1 
_pdbx_struct_assembly.details              author_and_software_defined_assembly 
_pdbx_struct_assembly.method_details       PISA 
_pdbx_struct_assembly.oligomeric_details   dimeric 
_pdbx_struct_assembly.oligomeric_count     2 
# 
_pdbx_struct_assembly_gen.assembly_id       1 
_pdbx_struct_assembly_gen.oper_expression   1 
_pdbx_struct_assembly_gen.asym_id_list      A,B,C,D,E,F,G 
# 
loop_
_pdbx_struct_assembly_prop.biol_id 
_pdbx_struct_assembly_prop.type 
_pdbx_struct_assembly_prop.value 
_pdbx_struct_assembly_prop.details 
1 'ABSA (A^2)' 4150  ? 
1 MORE         -38.8 ? 
1 'SSA (A^2)'  9370  ? 
# 
_pdbx_struct_oper_list.id                   1 
_pdbx_struct_oper_list.type                 'identity operation' 
_pdbx_struct_oper_list.name                 1_555 
_pdbx_struct_oper_list.symmetry_operation   x,y,z 
_pdbx_struct_oper_list.matrix[1][1]         1.0000000000 
_pdbx_struct_oper_list.matrix[1][2]         0.0000000000 
_pdbx_struct_oper_list.matrix[1][3]         0.0000000000 
_pdbx_struct_oper_list.vector[1]            0.0000000000 
_pdbx_struct_oper_list.matrix[2][1]         0.0000000000 
_pdbx_struct_oper_list.matrix[2][2]         1.0000000000 
_pdbx_struct_oper_list.matrix[2][3]         0.0000000000 
_pdbx_struct_oper_list.vector[2]            0.0000000000 
_pdbx_struct_oper_list.matrix[3][1]         0.0000000000 
_pdbx_struct_oper_list.matrix[3][2]         0.0000000000 
_pdbx_struct_oper_list.matrix[3][3]         1.0000000000 
_pdbx_struct_oper_list.vector[3]            0.0000000000 
# 
loop_
_pdbx_audit_revision_history.ordinal 
_pdbx_audit_revision_history.data_content_type 
_pdbx_audit_revision_history.major_revision 
_pdbx_audit_revision_history.minor_revision 
_pdbx_audit_revision_history.revision_date 
1 'Structure model' 1 0 2008-09-02 
2 'Structure model' 1 1 2011-07-13 
3 'Structure model' 1 2 2023-11-01 
# 
_pdbx_audit_revision_details.ordinal             1 
_pdbx_audit_revision_details.revision_ordinal    1 
_pdbx_audit_revision_details.data_content_type   'Structure model' 
_pdbx_audit_revision_details.provider            repository 
_pdbx_audit_revision_details.type                'Initial release' 
_pdbx_audit_revision_details.description         ? 
_pdbx_audit_revision_details.details             ? 
# 
loop_
_pdbx_audit_revision_group.ordinal 
_pdbx_audit_revision_group.revision_ordinal 
_pdbx_audit_revision_group.data_content_type 
_pdbx_audit_revision_group.group 
1 2 'Structure model' 'Version format compliance' 
2 3 'Structure model' 'Data collection'           
3 3 'Structure model' 'Database references'       
4 3 'Structure model' 'Derived calculations'      
5 3 'Structure model' 'Refinement description'    
# 
loop_
_pdbx_audit_revision_category.ordinal 
_pdbx_audit_revision_category.revision_ordinal 
_pdbx_audit_revision_category.data_content_type 
_pdbx_audit_revision_category.category 
1 3 'Structure model' chem_comp_atom                
2 3 'Structure model' chem_comp_bond                
3 3 'Structure model' database_2                    
4 3 'Structure model' pdbx_initial_refinement_model 
5 3 'Structure model' struct_site                   
# 
loop_
_pdbx_audit_revision_item.ordinal 
_pdbx_audit_revision_item.revision_ordinal 
_pdbx_audit_revision_item.data_content_type 
_pdbx_audit_revision_item.item 
1 3 'Structure model' '_database_2.pdbx_DOI'                
2 3 'Structure model' '_database_2.pdbx_database_accession' 
3 3 'Structure model' '_struct_site.pdbx_auth_asym_id'      
4 3 'Structure model' '_struct_site.pdbx_auth_comp_id'      
5 3 'Structure model' '_struct_site.pdbx_auth_seq_id'       
# 
loop_
_software.name 
_software.classification 
_software.version 
_software.citation_id 
_software.pdbx_ordinal 
SHELX        'model building'  . ? 1 
SHELXL-97    refinement        . ? 2 
CrystalClear 'data collection' . ? 3 
HKL-2000     'data reduction'  . ? 4 
HKL-2000     'data scaling'    . ? 5 
PHASER       phasing           . ? 6 
# 
loop_
_pdbx_validate_torsion.id 
_pdbx_validate_torsion.PDB_model_num 
_pdbx_validate_torsion.auth_comp_id 
_pdbx_validate_torsion.auth_asym_id 
_pdbx_validate_torsion.auth_seq_id 
_pdbx_validate_torsion.PDB_ins_code 
_pdbx_validate_torsion.label_alt_id 
_pdbx_validate_torsion.phi 
_pdbx_validate_torsion.psi 
1 1 PRO A 79 ? ? -76.67 49.81  
2 1 GLU B 35 ? ? -37.95 124.41 
# 
loop_
_pdbx_unobs_or_zero_occ_atoms.id 
_pdbx_unobs_or_zero_occ_atoms.PDB_model_num 
_pdbx_unobs_or_zero_occ_atoms.polymer_flag 
_pdbx_unobs_or_zero_occ_atoms.occupancy_flag 
_pdbx_unobs_or_zero_occ_atoms.auth_asym_id 
_pdbx_unobs_or_zero_occ_atoms.auth_comp_id 
_pdbx_unobs_or_zero_occ_atoms.auth_seq_id 
_pdbx_unobs_or_zero_occ_atoms.PDB_ins_code 
_pdbx_unobs_or_zero_occ_atoms.auth_atom_id 
_pdbx_unobs_or_zero_occ_atoms.label_alt_id 
_pdbx_unobs_or_zero_occ_atoms.label_asym_id 
_pdbx_unobs_or_zero_occ_atoms.label_comp_id 
_pdbx_unobs_or_zero_occ_atoms.label_seq_id 
_pdbx_unobs_or_zero_occ_atoms.label_atom_id 
1  1 Y 1 A LYS 14 ? CG  ? A LYS 14 CG  
2  1 Y 1 A LYS 14 ? CD  ? A LYS 14 CD  
3  1 Y 1 A LYS 14 ? CE  ? A LYS 14 CE  
4  1 Y 1 A LYS 14 ? NZ  ? A LYS 14 NZ  
5  1 Y 1 A ARG 41 ? CG  ? A ARG 41 CG  
6  1 Y 1 A ARG 41 ? CD  ? A ARG 41 CD  
7  1 Y 1 A ARG 41 ? NE  ? A ARG 41 NE  
8  1 Y 1 A ARG 41 ? CZ  ? A ARG 41 CZ  
9  1 Y 1 A ARG 41 ? NH1 ? A ARG 41 NH1 
10 1 Y 1 A ARG 41 ? NH2 ? A ARG 41 NH2 
11 1 Y 1 B LYS 55 ? CG  ? B LYS 55 CG  
12 1 Y 1 B LYS 55 ? CD  ? B LYS 55 CD  
13 1 Y 1 B LYS 55 ? CE  ? B LYS 55 CE  
14 1 Y 1 B LYS 55 ? NZ  ? B LYS 55 NZ  
# 
loop_
_chem_comp_atom.comp_id 
_chem_comp_atom.atom_id 
_chem_comp_atom.type_symbol 
_chem_comp_atom.pdbx_aromatic_flag 
_chem_comp_atom.pdbx_stereo_config 
_chem_comp_atom.pdbx_ordinal 
ALA N    N  N N 1   
ALA CA   C  N S 2   
ALA C    C  N N 3   
ALA O    O  N N 4   
ALA CB   C  N N 5   
ALA OXT  O  N N 6   
ALA H    H  N N 7   
ALA H2   H  N N 8   
ALA HA   H  N N 9   
ALA HB1  H  N N 10  
ALA HB2  H  N N 11  
ALA HB3  H  N N 12  
ALA HXT  H  N N 13  
ARG N    N  N N 14  
ARG CA   C  N S 15  
ARG C    C  N N 16  
ARG O    O  N N 17  
ARG CB   C  N N 18  
ARG CG   C  N N 19  
ARG CD   C  N N 20  
ARG NE   N  N N 21  
ARG CZ   C  N N 22  
ARG NH1  N  N N 23  
ARG NH2  N  N N 24  
ARG OXT  O  N N 25  
ARG H    H  N N 26  
ARG H2   H  N N 27  
ARG HA   H  N N 28  
ARG HB2  H  N N 29  
ARG HB3  H  N N 30  
ARG HG2  H  N N 31  
ARG HG3  H  N N 32  
ARG HD2  H  N N 33  
ARG HD3  H  N N 34  
ARG HE   H  N N 35  
ARG HH11 H  N N 36  
ARG HH12 H  N N 37  
ARG HH21 H  N N 38  
ARG HH22 H  N N 39  
ARG HXT  H  N N 40  
ASN N    N  N N 41  
ASN CA   C  N S 42  
ASN C    C  N N 43  
ASN O    O  N N 44  
ASN CB   C  N N 45  
ASN CG   C  N N 46  
ASN OD1  O  N N 47  
ASN ND2  N  N N 48  
ASN OXT  O  N N 49  
ASN H    H  N N 50  
ASN H2   H  N N 51  
ASN HA   H  N N 52  
ASN HB2  H  N N 53  
ASN HB3  H  N N 54  
ASN HD21 H  N N 55  
ASN HD22 H  N N 56  
ASN HXT  H  N N 57  
ASP N    N  N N 58  
ASP CA   C  N S 59  
ASP C    C  N N 60  
ASP O    O  N N 61  
ASP CB   C  N N 62  
ASP CG   C  N N 63  
ASP OD1  O  N N 64  
ASP OD2  O  N N 65  
ASP OXT  O  N N 66  
ASP H    H  N N 67  
ASP H2   H  N N 68  
ASP HA   H  N N 69  
ASP HB2  H  N N 70  
ASP HB3  H  N N 71  
ASP HD2  H  N N 72  
ASP HXT  H  N N 73  
CL  CL   CL N N 74  
CYS N    N  N N 75  
CYS CA   C  N R 76  
CYS C    C  N N 77  
CYS O    O  N N 78  
CYS CB   C  N N 79  
CYS SG   S  N N 80  
CYS OXT  O  N N 81  
CYS H    H  N N 82  
CYS H2   H  N N 83  
CYS HA   H  N N 84  
CYS HB2  H  N N 85  
CYS HB3  H  N N 86  
CYS HG   H  N N 87  
CYS HXT  H  N N 88  
GLN N    N  N N 89  
GLN CA   C  N S 90  
GLN C    C  N N 91  
GLN O    O  N N 92  
GLN CB   C  N N 93  
GLN CG   C  N N 94  
GLN CD   C  N N 95  
GLN OE1  O  N N 96  
GLN NE2  N  N N 97  
GLN OXT  O  N N 98  
GLN H    H  N N 99  
GLN H2   H  N N 100 
GLN HA   H  N N 101 
GLN HB2  H  N N 102 
GLN HB3  H  N N 103 
GLN HG2  H  N N 104 
GLN HG3  H  N N 105 
GLN HE21 H  N N 106 
GLN HE22 H  N N 107 
GLN HXT  H  N N 108 
GLU N    N  N N 109 
GLU CA   C  N S 110 
GLU C    C  N N 111 
GLU O    O  N N 112 
GLU CB   C  N N 113 
GLU CG   C  N N 114 
GLU CD   C  N N 115 
GLU OE1  O  N N 116 
GLU OE2  O  N N 117 
GLU OXT  O  N N 118 
GLU H    H  N N 119 
GLU H2   H  N N 120 
GLU HA   H  N N 121 
GLU HB2  H  N N 122 
GLU HB3  H  N N 123 
GLU HG2  H  N N 124 
GLU HG3  H  N N 125 
GLU HE2  H  N N 126 
GLU HXT  H  N N 127 
GLY N    N  N N 128 
GLY CA   C  N N 129 
GLY C    C  N N 130 
GLY O    O  N N 131 
GLY OXT  O  N N 132 
GLY H    H  N N 133 
GLY H2   H  N N 134 
GLY HA2  H  N N 135 
GLY HA3  H  N N 136 
GLY HXT  H  N N 137 
HIS N    N  N N 138 
HIS CA   C  N S 139 
HIS C    C  N N 140 
HIS O    O  N N 141 
HIS CB   C  N N 142 
HIS CG   C  Y N 143 
HIS ND1  N  Y N 144 
HIS CD2  C  Y N 145 
HIS CE1  C  Y N 146 
HIS NE2  N  Y N 147 
HIS OXT  O  N N 148 
HIS H    H  N N 149 
HIS H2   H  N N 150 
HIS HA   H  N N 151 
HIS HB2  H  N N 152 
HIS HB3  H  N N 153 
HIS HD1  H  N N 154 
HIS HD2  H  N N 155 
HIS HE1  H  N N 156 
HIS HE2  H  N N 157 
HIS HXT  H  N N 158 
HOH O    O  N N 159 
HOH H1   H  N N 160 
HOH H2   H  N N 161 
ILE N    N  N N 162 
ILE CA   C  N S 163 
ILE C    C  N N 164 
ILE O    O  N N 165 
ILE CB   C  N S 166 
ILE CG1  C  N N 167 
ILE CG2  C  N N 168 
ILE CD1  C  N N 169 
ILE OXT  O  N N 170 
ILE H    H  N N 171 
ILE H2   H  N N 172 
ILE HA   H  N N 173 
ILE HB   H  N N 174 
ILE HG12 H  N N 175 
ILE HG13 H  N N 176 
ILE HG21 H  N N 177 
ILE HG22 H  N N 178 
ILE HG23 H  N N 179 
ILE HD11 H  N N 180 
ILE HD12 H  N N 181 
ILE HD13 H  N N 182 
ILE HXT  H  N N 183 
LEU N    N  N N 184 
LEU CA   C  N S 185 
LEU C    C  N N 186 
LEU O    O  N N 187 
LEU CB   C  N N 188 
LEU CG   C  N N 189 
LEU CD1  C  N N 190 
LEU CD2  C  N N 191 
LEU OXT  O  N N 192 
LEU H    H  N N 193 
LEU H2   H  N N 194 
LEU HA   H  N N 195 
LEU HB2  H  N N 196 
LEU HB3  H  N N 197 
LEU HG   H  N N 198 
LEU HD11 H  N N 199 
LEU HD12 H  N N 200 
LEU HD13 H  N N 201 
LEU HD21 H  N N 202 
LEU HD22 H  N N 203 
LEU HD23 H  N N 204 
LEU HXT  H  N N 205 
LJG N1   N  N N 206 
LJG C5   C  N N 207 
LJG C6   C  N N 208 
LJG C8   C  N N 209 
LJG C10  C  N N 210 
LJG C13  C  Y N 211 
LJG C15  C  Y N 212 
LJG C17  C  Y N 213 
LJG C22  C  N N 214 
LJG C24  C  N N 215 
LJG C28  C  Y N 216 
LJG C2   C  N N 217 
LJG C3   C  N N 218 
LJG N4   N  N N 219 
LJG S26  S  N N 220 
LJG O35  O  N N 221 
LJG O34  O  N N 222 
LJG C27  C  Y N 223 
LJG C32  C  Y N 224 
LJG C31  C  Y N 225 
LJG C30  C  Y N 226 
LJG N33  N  N N 227 
LJG C29  C  Y N 228 
LJG C23  C  N N 229 
LJG C25  C  N N 230 
LJG N7   N  N N 231 
LJG S12  S  N N 232 
LJG O21  O  N N 233 
LJG O20  O  N N 234 
LJG C18  C  Y N 235 
LJG C16  C  Y N 236 
LJG N19  N  N N 237 
LJG C14  C  Y N 238 
LJG C9   C  N N 239 
LJG C11  C  N N 240 
LJG HN1  H  N N 241 
LJG H5   H  N N 242 
LJG H5A  H  N N 243 
LJG H6   H  N N 244 
LJG H6A  H  N N 245 
LJG H8   H  N N 246 
LJG H8A  H  N N 247 
LJG H10  H  N N 248 
LJG H10A H  N N 249 
LJG H10B H  N N 250 
LJG H15  H  N N 251 
LJG H17  H  N N 252 
LJG H22  H  N N 253 
LJG H22A H  N N 254 
LJG H24  H  N N 255 
LJG H24A H  N N 256 
LJG H24B H  N N 257 
LJG H28  H  N N 258 
LJG H2   H  N N 259 
LJG H2A  H  N N 260 
LJG H3   H  N N 261 
LJG H3A  H  N N 262 
LJG H32  H  N N 263 
LJG H31  H  N N 264 
LJG HN33 H  N N 265 
LJG HN3A H  N N 266 
LJG H29  H  N N 267 
LJG H23  H  N N 268 
LJG H25  H  N N 269 
LJG H25A H  N N 270 
LJG H25B H  N N 271 
LJG H18  H  N N 272 
LJG HN19 H  N N 273 
LJG HN1A H  N N 274 
LJG H14  H  N N 275 
LJG H9   H  N N 276 
LJG H11  H  N N 277 
LJG H11A H  N N 278 
LJG H11B H  N N 279 
LYS N    N  N N 280 
LYS CA   C  N S 281 
LYS C    C  N N 282 
LYS O    O  N N 283 
LYS CB   C  N N 284 
LYS CG   C  N N 285 
LYS CD   C  N N 286 
LYS CE   C  N N 287 
LYS NZ   N  N N 288 
LYS OXT  O  N N 289 
LYS H    H  N N 290 
LYS H2   H  N N 291 
LYS HA   H  N N 292 
LYS HB2  H  N N 293 
LYS HB3  H  N N 294 
LYS HG2  H  N N 295 
LYS HG3  H  N N 296 
LYS HD2  H  N N 297 
LYS HD3  H  N N 298 
LYS HE2  H  N N 299 
LYS HE3  H  N N 300 
LYS HZ1  H  N N 301 
LYS HZ2  H  N N 302 
LYS HZ3  H  N N 303 
LYS HXT  H  N N 304 
MET N    N  N N 305 
MET CA   C  N S 306 
MET C    C  N N 307 
MET O    O  N N 308 
MET CB   C  N N 309 
MET CG   C  N N 310 
MET SD   S  N N 311 
MET CE   C  N N 312 
MET OXT  O  N N 313 
MET H    H  N N 314 
MET H2   H  N N 315 
MET HA   H  N N 316 
MET HB2  H  N N 317 
MET HB3  H  N N 318 
MET HG2  H  N N 319 
MET HG3  H  N N 320 
MET HE1  H  N N 321 
MET HE2  H  N N 322 
MET HE3  H  N N 323 
MET HXT  H  N N 324 
PHE N    N  N N 325 
PHE CA   C  N S 326 
PHE C    C  N N 327 
PHE O    O  N N 328 
PHE CB   C  N N 329 
PHE CG   C  Y N 330 
PHE CD1  C  Y N 331 
PHE CD2  C  Y N 332 
PHE CE1  C  Y N 333 
PHE CE2  C  Y N 334 
PHE CZ   C  Y N 335 
PHE OXT  O  N N 336 
PHE H    H  N N 337 
PHE H2   H  N N 338 
PHE HA   H  N N 339 
PHE HB2  H  N N 340 
PHE HB3  H  N N 341 
PHE HD1  H  N N 342 
PHE HD2  H  N N 343 
PHE HE1  H  N N 344 
PHE HE2  H  N N 345 
PHE HZ   H  N N 346 
PHE HXT  H  N N 347 
PRO N    N  N N 348 
PRO CA   C  N S 349 
PRO C    C  N N 350 
PRO O    O  N N 351 
PRO CB   C  N N 352 
PRO CG   C  N N 353 
PRO CD   C  N N 354 
PRO OXT  O  N N 355 
PRO H    H  N N 356 
PRO HA   H  N N 357 
PRO HB2  H  N N 358 
PRO HB3  H  N N 359 
PRO HG2  H  N N 360 
PRO HG3  H  N N 361 
PRO HD2  H  N N 362 
PRO HD3  H  N N 363 
PRO HXT  H  N N 364 
SER N    N  N N 365 
SER CA   C  N S 366 
SER C    C  N N 367 
SER O    O  N N 368 
SER CB   C  N N 369 
SER OG   O  N N 370 
SER OXT  O  N N 371 
SER H    H  N N 372 
SER H2   H  N N 373 
SER HA   H  N N 374 
SER HB2  H  N N 375 
SER HB3  H  N N 376 
SER HG   H  N N 377 
SER HXT  H  N N 378 
THR N    N  N N 379 
THR CA   C  N S 380 
THR C    C  N N 381 
THR O    O  N N 382 
THR CB   C  N R 383 
THR OG1  O  N N 384 
THR CG2  C  N N 385 
THR OXT  O  N N 386 
THR H    H  N N 387 
THR H2   H  N N 388 
THR HA   H  N N 389 
THR HB   H  N N 390 
THR HG1  H  N N 391 
THR HG21 H  N N 392 
THR HG22 H  N N 393 
THR HG23 H  N N 394 
THR HXT  H  N N 395 
TRP N    N  N N 396 
TRP CA   C  N S 397 
TRP C    C  N N 398 
TRP O    O  N N 399 
TRP CB   C  N N 400 
TRP CG   C  Y N 401 
TRP CD1  C  Y N 402 
TRP CD2  C  Y N 403 
TRP NE1  N  Y N 404 
TRP CE2  C  Y N 405 
TRP CE3  C  Y N 406 
TRP CZ2  C  Y N 407 
TRP CZ3  C  Y N 408 
TRP CH2  C  Y N 409 
TRP OXT  O  N N 410 
TRP H    H  N N 411 
TRP H2   H  N N 412 
TRP HA   H  N N 413 
TRP HB2  H  N N 414 
TRP HB3  H  N N 415 
TRP HD1  H  N N 416 
TRP HE1  H  N N 417 
TRP HE3  H  N N 418 
TRP HZ2  H  N N 419 
TRP HZ3  H  N N 420 
TRP HH2  H  N N 421 
TRP HXT  H  N N 422 
TYR N    N  N N 423 
TYR CA   C  N S 424 
TYR C    C  N N 425 
TYR O    O  N N 426 
TYR CB   C  N N 427 
TYR CG   C  Y N 428 
TYR CD1  C  Y N 429 
TYR CD2  C  Y N 430 
TYR CE1  C  Y N 431 
TYR CE2  C  Y N 432 
TYR CZ   C  Y N 433 
TYR OH   O  N N 434 
TYR OXT  O  N N 435 
TYR H    H  N N 436 
TYR H2   H  N N 437 
TYR HA   H  N N 438 
TYR HB2  H  N N 439 
TYR HB3  H  N N 440 
TYR HD1  H  N N 441 
TYR HD2  H  N N 442 
TYR HE1  H  N N 443 
TYR HE2  H  N N 444 
TYR HH   H  N N 445 
TYR HXT  H  N N 446 
VAL N    N  N N 447 
VAL CA   C  N S 448 
VAL C    C  N N 449 
VAL O    O  N N 450 
VAL CB   C  N N 451 
VAL CG1  C  N N 452 
VAL CG2  C  N N 453 
VAL OXT  O  N N 454 
VAL H    H  N N 455 
VAL H2   H  N N 456 
VAL HA   H  N N 457 
VAL HB   H  N N 458 
VAL HG11 H  N N 459 
VAL HG12 H  N N 460 
VAL HG13 H  N N 461 
VAL HG21 H  N N 462 
VAL HG22 H  N N 463 
VAL HG23 H  N N 464 
VAL HXT  H  N N 465 
# 
loop_
_chem_comp_bond.comp_id 
_chem_comp_bond.atom_id_1 
_chem_comp_bond.atom_id_2 
_chem_comp_bond.value_order 
_chem_comp_bond.pdbx_aromatic_flag 
_chem_comp_bond.pdbx_stereo_config 
_chem_comp_bond.pdbx_ordinal 
ALA N   CA   sing N N 1   
ALA N   H    sing N N 2   
ALA N   H2   sing N N 3   
ALA CA  C    sing N N 4   
ALA CA  CB   sing N N 5   
ALA CA  HA   sing N N 6   
ALA C   O    doub N N 7   
ALA C   OXT  sing N N 8   
ALA CB  HB1  sing N N 9   
ALA CB  HB2  sing N N 10  
ALA CB  HB3  sing N N 11  
ALA OXT HXT  sing N N 12  
ARG N   CA   sing N N 13  
ARG N   H    sing N N 14  
ARG N   H2   sing N N 15  
ARG CA  C    sing N N 16  
ARG CA  CB   sing N N 17  
ARG CA  HA   sing N N 18  
ARG C   O    doub N N 19  
ARG C   OXT  sing N N 20  
ARG CB  CG   sing N N 21  
ARG CB  HB2  sing N N 22  
ARG CB  HB3  sing N N 23  
ARG CG  CD   sing N N 24  
ARG CG  HG2  sing N N 25  
ARG CG  HG3  sing N N 26  
ARG CD  NE   sing N N 27  
ARG CD  HD2  sing N N 28  
ARG CD  HD3  sing N N 29  
ARG NE  CZ   sing N N 30  
ARG NE  HE   sing N N 31  
ARG CZ  NH1  sing N N 32  
ARG CZ  NH2  doub N N 33  
ARG NH1 HH11 sing N N 34  
ARG NH1 HH12 sing N N 35  
ARG NH2 HH21 sing N N 36  
ARG NH2 HH22 sing N N 37  
ARG OXT HXT  sing N N 38  
ASN N   CA   sing N N 39  
ASN N   H    sing N N 40  
ASN N   H2   sing N N 41  
ASN CA  C    sing N N 42  
ASN CA  CB   sing N N 43  
ASN CA  HA   sing N N 44  
ASN C   O    doub N N 45  
ASN C   OXT  sing N N 46  
ASN CB  CG   sing N N 47  
ASN CB  HB2  sing N N 48  
ASN CB  HB3  sing N N 49  
ASN CG  OD1  doub N N 50  
ASN CG  ND2  sing N N 51  
ASN ND2 HD21 sing N N 52  
ASN ND2 HD22 sing N N 53  
ASN OXT HXT  sing N N 54  
ASP N   CA   sing N N 55  
ASP N   H    sing N N 56  
ASP N   H2   sing N N 57  
ASP CA  C    sing N N 58  
ASP CA  CB   sing N N 59  
ASP CA  HA   sing N N 60  
ASP C   O    doub N N 61  
ASP C   OXT  sing N N 62  
ASP CB  CG   sing N N 63  
ASP CB  HB2  sing N N 64  
ASP CB  HB3  sing N N 65  
ASP CG  OD1  doub N N 66  
ASP CG  OD2  sing N N 67  
ASP OD2 HD2  sing N N 68  
ASP OXT HXT  sing N N 69  
CYS N   CA   sing N N 70  
CYS N   H    sing N N 71  
CYS N   H2   sing N N 72  
CYS CA  C    sing N N 73  
CYS CA  CB   sing N N 74  
CYS CA  HA   sing N N 75  
CYS C   O    doub N N 76  
CYS C   OXT  sing N N 77  
CYS CB  SG   sing N N 78  
CYS CB  HB2  sing N N 79  
CYS CB  HB3  sing N N 80  
CYS SG  HG   sing N N 81  
CYS OXT HXT  sing N N 82  
GLN N   CA   sing N N 83  
GLN N   H    sing N N 84  
GLN N   H2   sing N N 85  
GLN CA  C    sing N N 86  
GLN CA  CB   sing N N 87  
GLN CA  HA   sing N N 88  
GLN C   O    doub N N 89  
GLN C   OXT  sing N N 90  
GLN CB  CG   sing N N 91  
GLN CB  HB2  sing N N 92  
GLN CB  HB3  sing N N 93  
GLN CG  CD   sing N N 94  
GLN CG  HG2  sing N N 95  
GLN CG  HG3  sing N N 96  
GLN CD  OE1  doub N N 97  
GLN CD  NE2  sing N N 98  
GLN NE2 HE21 sing N N 99  
GLN NE2 HE22 sing N N 100 
GLN OXT HXT  sing N N 101 
GLU N   CA   sing N N 102 
GLU N   H    sing N N 103 
GLU N   H2   sing N N 104 
GLU CA  C    sing N N 105 
GLU CA  CB   sing N N 106 
GLU CA  HA   sing N N 107 
GLU C   O    doub N N 108 
GLU C   OXT  sing N N 109 
GLU CB  CG   sing N N 110 
GLU CB  HB2  sing N N 111 
GLU CB  HB3  sing N N 112 
GLU CG  CD   sing N N 113 
GLU CG  HG2  sing N N 114 
GLU CG  HG3  sing N N 115 
GLU CD  OE1  doub N N 116 
GLU CD  OE2  sing N N 117 
GLU OE2 HE2  sing N N 118 
GLU OXT HXT  sing N N 119 
GLY N   CA   sing N N 120 
GLY N   H    sing N N 121 
GLY N   H2   sing N N 122 
GLY CA  C    sing N N 123 
GLY CA  HA2  sing N N 124 
GLY CA  HA3  sing N N 125 
GLY C   O    doub N N 126 
GLY C   OXT  sing N N 127 
GLY OXT HXT  sing N N 128 
HIS N   CA   sing N N 129 
HIS N   H    sing N N 130 
HIS N   H2   sing N N 131 
HIS CA  C    sing N N 132 
HIS CA  CB   sing N N 133 
HIS CA  HA   sing N N 134 
HIS C   O    doub N N 135 
HIS C   OXT  sing N N 136 
HIS CB  CG   sing N N 137 
HIS CB  HB2  sing N N 138 
HIS CB  HB3  sing N N 139 
HIS CG  ND1  sing Y N 140 
HIS CG  CD2  doub Y N 141 
HIS ND1 CE1  doub Y N 142 
HIS ND1 HD1  sing N N 143 
HIS CD2 NE2  sing Y N 144 
HIS CD2 HD2  sing N N 145 
HIS CE1 NE2  sing Y N 146 
HIS CE1 HE1  sing N N 147 
HIS NE2 HE2  sing N N 148 
HIS OXT HXT  sing N N 149 
HOH O   H1   sing N N 150 
HOH O   H2   sing N N 151 
ILE N   CA   sing N N 152 
ILE N   H    sing N N 153 
ILE N   H2   sing N N 154 
ILE CA  C    sing N N 155 
ILE CA  CB   sing N N 156 
ILE CA  HA   sing N N 157 
ILE C   O    doub N N 158 
ILE C   OXT  sing N N 159 
ILE CB  CG1  sing N N 160 
ILE CB  CG2  sing N N 161 
ILE CB  HB   sing N N 162 
ILE CG1 CD1  sing N N 163 
ILE CG1 HG12 sing N N 164 
ILE CG1 HG13 sing N N 165 
ILE CG2 HG21 sing N N 166 
ILE CG2 HG22 sing N N 167 
ILE CG2 HG23 sing N N 168 
ILE CD1 HD11 sing N N 169 
ILE CD1 HD12 sing N N 170 
ILE CD1 HD13 sing N N 171 
ILE OXT HXT  sing N N 172 
LEU N   CA   sing N N 173 
LEU N   H    sing N N 174 
LEU N   H2   sing N N 175 
LEU CA  C    sing N N 176 
LEU CA  CB   sing N N 177 
LEU CA  HA   sing N N 178 
LEU C   O    doub N N 179 
LEU C   OXT  sing N N 180 
LEU CB  CG   sing N N 181 
LEU CB  HB2  sing N N 182 
LEU CB  HB3  sing N N 183 
LEU CG  CD1  sing N N 184 
LEU CG  CD2  sing N N 185 
LEU CG  HG   sing N N 186 
LEU CD1 HD11 sing N N 187 
LEU CD1 HD12 sing N N 188 
LEU CD1 HD13 sing N N 189 
LEU CD2 HD21 sing N N 190 
LEU CD2 HD22 sing N N 191 
LEU CD2 HD23 sing N N 192 
LEU OXT HXT  sing N N 193 
LJG N1  C5   sing N N 194 
LJG N1  C2   sing N N 195 
LJG C5  C6   sing N N 196 
LJG C6  N7   sing N N 197 
LJG C8  N7   sing N N 198 
LJG C8  C9   sing N N 199 
LJG C10 C9   sing N N 200 
LJG C13 S12  sing N N 201 
LJG C13 C18  doub Y N 202 
LJG C13 C14  sing Y N 203 
LJG C15 C16  sing Y N 204 
LJG C15 C14  doub Y N 205 
LJG C17 C18  sing Y N 206 
LJG C17 C16  doub Y N 207 
LJG C22 N4   sing N N 208 
LJG C22 C23  sing N N 209 
LJG C24 C23  sing N N 210 
LJG C28 C27  doub Y N 211 
LJG C28 C29  sing Y N 212 
LJG C2  C3   sing N N 213 
LJG C3  N4   sing N N 214 
LJG N4  S26  sing N N 215 
LJG S26 O35  doub N N 216 
LJG S26 O34  doub N N 217 
LJG S26 C27  sing N N 218 
LJG C27 C32  sing Y N 219 
LJG C32 C31  doub Y N 220 
LJG C31 C30  sing Y N 221 
LJG C30 N33  sing N N 222 
LJG C30 C29  doub Y N 223 
LJG C23 C25  sing N N 224 
LJG N7  S12  sing N N 225 
LJG S12 O21  doub N N 226 
LJG S12 O20  doub N N 227 
LJG C16 N19  sing N N 228 
LJG C9  C11  sing N N 229 
LJG N1  HN1  sing N N 230 
LJG C5  H5   sing N N 231 
LJG C5  H5A  sing N N 232 
LJG C6  H6   sing N N 233 
LJG C6  H6A  sing N N 234 
LJG C8  H8   sing N N 235 
LJG C8  H8A  sing N N 236 
LJG C10 H10  sing N N 237 
LJG C10 H10A sing N N 238 
LJG C10 H10B sing N N 239 
LJG C15 H15  sing N N 240 
LJG C17 H17  sing N N 241 
LJG C22 H22  sing N N 242 
LJG C22 H22A sing N N 243 
LJG C24 H24  sing N N 244 
LJG C24 H24A sing N N 245 
LJG C24 H24B sing N N 246 
LJG C28 H28  sing N N 247 
LJG C2  H2   sing N N 248 
LJG C2  H2A  sing N N 249 
LJG C3  H3   sing N N 250 
LJG C3  H3A  sing N N 251 
LJG C32 H32  sing N N 252 
LJG C31 H31  sing N N 253 
LJG N33 HN33 sing N N 254 
LJG N33 HN3A sing N N 255 
LJG C29 H29  sing N N 256 
LJG C23 H23  sing N N 257 
LJG C25 H25  sing N N 258 
LJG C25 H25A sing N N 259 
LJG C25 H25B sing N N 260 
LJG C18 H18  sing N N 261 
LJG N19 HN19 sing N N 262 
LJG N19 HN1A sing N N 263 
LJG C14 H14  sing N N 264 
LJG C9  H9   sing N N 265 
LJG C11 H11  sing N N 266 
LJG C11 H11A sing N N 267 
LJG C11 H11B sing N N 268 
LYS N   CA   sing N N 269 
LYS N   H    sing N N 270 
LYS N   H2   sing N N 271 
LYS CA  C    sing N N 272 
LYS CA  CB   sing N N 273 
LYS CA  HA   sing N N 274 
LYS C   O    doub N N 275 
LYS C   OXT  sing N N 276 
LYS CB  CG   sing N N 277 
LYS CB  HB2  sing N N 278 
LYS CB  HB3  sing N N 279 
LYS CG  CD   sing N N 280 
LYS CG  HG2  sing N N 281 
LYS CG  HG3  sing N N 282 
LYS CD  CE   sing N N 283 
LYS CD  HD2  sing N N 284 
LYS CD  HD3  sing N N 285 
LYS CE  NZ   sing N N 286 
LYS CE  HE2  sing N N 287 
LYS CE  HE3  sing N N 288 
LYS NZ  HZ1  sing N N 289 
LYS NZ  HZ2  sing N N 290 
LYS NZ  HZ3  sing N N 291 
LYS OXT HXT  sing N N 292 
MET N   CA   sing N N 293 
MET N   H    sing N N 294 
MET N   H2   sing N N 295 
MET CA  C    sing N N 296 
MET CA  CB   sing N N 297 
MET CA  HA   sing N N 298 
MET C   O    doub N N 299 
MET C   OXT  sing N N 300 
MET CB  CG   sing N N 301 
MET CB  HB2  sing N N 302 
MET CB  HB3  sing N N 303 
MET CG  SD   sing N N 304 
MET CG  HG2  sing N N 305 
MET CG  HG3  sing N N 306 
MET SD  CE   sing N N 307 
MET CE  HE1  sing N N 308 
MET CE  HE2  sing N N 309 
MET CE  HE3  sing N N 310 
MET OXT HXT  sing N N 311 
PHE N   CA   sing N N 312 
PHE N   H    sing N N 313 
PHE N   H2   sing N N 314 
PHE CA  C    sing N N 315 
PHE CA  CB   sing N N 316 
PHE CA  HA   sing N N 317 
PHE C   O    doub N N 318 
PHE C   OXT  sing N N 319 
PHE CB  CG   sing N N 320 
PHE CB  HB2  sing N N 321 
PHE CB  HB3  sing N N 322 
PHE CG  CD1  doub Y N 323 
PHE CG  CD2  sing Y N 324 
PHE CD1 CE1  sing Y N 325 
PHE CD1 HD1  sing N N 326 
PHE CD2 CE2  doub Y N 327 
PHE CD2 HD2  sing N N 328 
PHE CE1 CZ   doub Y N 329 
PHE CE1 HE1  sing N N 330 
PHE CE2 CZ   sing Y N 331 
PHE CE2 HE2  sing N N 332 
PHE CZ  HZ   sing N N 333 
PHE OXT HXT  sing N N 334 
PRO N   CA   sing N N 335 
PRO N   CD   sing N N 336 
PRO N   H    sing N N 337 
PRO CA  C    sing N N 338 
PRO CA  CB   sing N N 339 
PRO CA  HA   sing N N 340 
PRO C   O    doub N N 341 
PRO C   OXT  sing N N 342 
PRO CB  CG   sing N N 343 
PRO CB  HB2  sing N N 344 
PRO CB  HB3  sing N N 345 
PRO CG  CD   sing N N 346 
PRO CG  HG2  sing N N 347 
PRO CG  HG3  sing N N 348 
PRO CD  HD2  sing N N 349 
PRO CD  HD3  sing N N 350 
PRO OXT HXT  sing N N 351 
SER N   CA   sing N N 352 
SER N   H    sing N N 353 
SER N   H2   sing N N 354 
SER CA  C    sing N N 355 
SER CA  CB   sing N N 356 
SER CA  HA   sing N N 357 
SER C   O    doub N N 358 
SER C   OXT  sing N N 359 
SER CB  OG   sing N N 360 
SER CB  HB2  sing N N 361 
SER CB  HB3  sing N N 362 
SER OG  HG   sing N N 363 
SER OXT HXT  sing N N 364 
THR N   CA   sing N N 365 
THR N   H    sing N N 366 
THR N   H2   sing N N 367 
THR CA  C    sing N N 368 
THR CA  CB   sing N N 369 
THR CA  HA   sing N N 370 
THR C   O    doub N N 371 
THR C   OXT  sing N N 372 
THR CB  OG1  sing N N 373 
THR CB  CG2  sing N N 374 
THR CB  HB   sing N N 375 
THR OG1 HG1  sing N N 376 
THR CG2 HG21 sing N N 377 
THR CG2 HG22 sing N N 378 
THR CG2 HG23 sing N N 379 
THR OXT HXT  sing N N 380 
TRP N   CA   sing N N 381 
TRP N   H    sing N N 382 
TRP N   H2   sing N N 383 
TRP CA  C    sing N N 384 
TRP CA  CB   sing N N 385 
TRP CA  HA   sing N N 386 
TRP C   O    doub N N 387 
TRP C   OXT  sing N N 388 
TRP CB  CG   sing N N 389 
TRP CB  HB2  sing N N 390 
TRP CB  HB3  sing N N 391 
TRP CG  CD1  doub Y N 392 
TRP CG  CD2  sing Y N 393 
TRP CD1 NE1  sing Y N 394 
TRP CD1 HD1  sing N N 395 
TRP CD2 CE2  doub Y N 396 
TRP CD2 CE3  sing Y N 397 
TRP NE1 CE2  sing Y N 398 
TRP NE1 HE1  sing N N 399 
TRP CE2 CZ2  sing Y N 400 
TRP CE3 CZ3  doub Y N 401 
TRP CE3 HE3  sing N N 402 
TRP CZ2 CH2  doub Y N 403 
TRP CZ2 HZ2  sing N N 404 
TRP CZ3 CH2  sing Y N 405 
TRP CZ3 HZ3  sing N N 406 
TRP CH2 HH2  sing N N 407 
TRP OXT HXT  sing N N 408 
TYR N   CA   sing N N 409 
TYR N   H    sing N N 410 
TYR N   H2   sing N N 411 
TYR CA  C    sing N N 412 
TYR CA  CB   sing N N 413 
TYR CA  HA   sing N N 414 
TYR C   O    doub N N 415 
TYR C   OXT  sing N N 416 
TYR CB  CG   sing N N 417 
TYR CB  HB2  sing N N 418 
TYR CB  HB3  sing N N 419 
TYR CG  CD1  doub Y N 420 
TYR CG  CD2  sing Y N 421 
TYR CD1 CE1  sing Y N 422 
TYR CD1 HD1  sing N N 423 
TYR CD2 CE2  doub Y N 424 
TYR CD2 HD2  sing N N 425 
TYR CE1 CZ   doub Y N 426 
TYR CE1 HE1  sing N N 427 
TYR CE2 CZ   sing Y N 428 
TYR CE2 HE2  sing N N 429 
TYR CZ  OH   sing N N 430 
TYR OH  HH   sing N N 431 
TYR OXT HXT  sing N N 432 
VAL N   CA   sing N N 433 
VAL N   H    sing N N 434 
VAL N   H2   sing N N 435 
VAL CA  C    sing N N 436 
VAL CA  CB   sing N N 437 
VAL CA  HA   sing N N 438 
VAL C   O    doub N N 439 
VAL C   OXT  sing N N 440 
VAL CB  CG1  sing N N 441 
VAL CB  CG2  sing N N 442 
VAL CB  HB   sing N N 443 
VAL CG1 HG11 sing N N 444 
VAL CG1 HG12 sing N N 445 
VAL CG1 HG13 sing N N 446 
VAL CG2 HG21 sing N N 447 
VAL CG2 HG22 sing N N 448 
VAL CG2 HG23 sing N N 449 
VAL OXT HXT  sing N N 450 
# 
loop_
_pdbx_entity_nonpoly.entity_id 
_pdbx_entity_nonpoly.name 
_pdbx_entity_nonpoly.comp_id 
2 "N,N'-(iminodiethane-2,1-diyl)bis[4-amino-N-(2-methylpropyl)benzenesulfonamide]" LJG 
3 'CHLORIDE ION'                                                                   CL  
4 water                                                                            HOH 
# 
_pdbx_initial_refinement_model.id               1 
_pdbx_initial_refinement_model.entity_id_list   ? 
_pdbx_initial_refinement_model.type             'experimental model' 
_pdbx_initial_refinement_model.source_name      PDB 
_pdbx_initial_refinement_model.accession_code   2PQZ 
_pdbx_initial_refinement_model.details          'PDB ENTRY 2PQZ' 
# 
